data_2DB7
# 
_entry.id   2DB7 
# 
_audit_conform.dict_name       mmcif_pdbx.dic 
_audit_conform.dict_version    5.397 
_audit_conform.dict_location   http://mmcif.pdb.org/dictionaries/ascii/mmcif_pdbx.dic 
# 
loop_
_database_2.database_id 
_database_2.database_code 
_database_2.pdbx_database_accession 
_database_2.pdbx_DOI 
PDB   2DB7         pdb_00002db7 10.2210/pdb2db7/pdb 
RCSB  RCSB025208   ?            ?                   
WWPDB D_1000025208 ?            ?                   
# 
loop_
_pdbx_audit_revision_history.ordinal 
_pdbx_audit_revision_history.data_content_type 
_pdbx_audit_revision_history.major_revision 
_pdbx_audit_revision_history.minor_revision 
_pdbx_audit_revision_history.revision_date 
1 'Structure model' 1 0 2006-12-19 
2 'Structure model' 1 1 2008-04-30 
3 'Structure model' 1 2 2011-07-13 
4 'Structure model' 1 3 2024-10-23 
# 
_pdbx_audit_revision_details.ordinal             1 
_pdbx_audit_revision_details.revision_ordinal    1 
_pdbx_audit_revision_details.data_content_type   'Structure model' 
_pdbx_audit_revision_details.provider            repository 
_pdbx_audit_revision_details.type                'Initial release' 
_pdbx_audit_revision_details.description         ? 
_pdbx_audit_revision_details.details             ? 
# 
loop_
_pdbx_audit_revision_group.ordinal 
_pdbx_audit_revision_group.revision_ordinal 
_pdbx_audit_revision_group.data_content_type 
_pdbx_audit_revision_group.group 
1 2 'Structure model' 'Version format compliance' 
2 3 'Structure model' 'Version format compliance' 
3 4 'Structure model' 'Data collection'           
4 4 'Structure model' 'Database references'       
5 4 'Structure model' 'Derived calculations'      
6 4 'Structure model' 'Structure summary'         
# 
loop_
_pdbx_audit_revision_category.ordinal 
_pdbx_audit_revision_category.revision_ordinal 
_pdbx_audit_revision_category.data_content_type 
_pdbx_audit_revision_category.category 
1 4 'Structure model' chem_comp_atom            
2 4 'Structure model' chem_comp_bond            
3 4 'Structure model' database_2                
4 4 'Structure model' pdbx_entry_details        
5 4 'Structure model' pdbx_modification_feature 
6 4 'Structure model' struct_conn               
7 4 'Structure model' struct_ref_seq_dif        
# 
loop_
_pdbx_audit_revision_item.ordinal 
_pdbx_audit_revision_item.revision_ordinal 
_pdbx_audit_revision_item.data_content_type 
_pdbx_audit_revision_item.item 
1 4 'Structure model' '_database_2.pdbx_DOI'                
2 4 'Structure model' '_database_2.pdbx_database_accession' 
3 4 'Structure model' '_struct_conn.pdbx_leaving_atom_flag' 
4 4 'Structure model' '_struct_ref_seq_dif.details'         
# 
_pdbx_database_status.status_code                     REL 
_pdbx_database_status.entry_id                        2DB7 
_pdbx_database_status.recvd_initial_deposition_date   2005-12-15 
_pdbx_database_status.deposit_site                    PDBJ 
_pdbx_database_status.process_site                    PDBJ 
_pdbx_database_status.status_code_sf                  REL 
_pdbx_database_status.status_code_mr                  ? 
_pdbx_database_status.SG_entry                        Y 
_pdbx_database_status.pdb_format_compatible           Y 
_pdbx_database_status.status_code_cs                  ? 
_pdbx_database_status.status_code_nmr_data            ? 
_pdbx_database_status.methods_development_category    ? 
# 
_pdbx_database_related.db_name        TargetDB 
_pdbx_database_related.db_id          hsi002004800.1 
_pdbx_database_related.details        . 
_pdbx_database_related.content_type   unspecified 
# 
loop_
_audit_author.name 
_audit_author.pdbx_ordinal 
'Wang, H.'                                               1 
'Takemoto-Hori, C.'                                      2 
'Murayama, K.'                                           3 
'Terada, T.'                                             4 
'Shirouzu, M.'                                           5 
'Yokoyama, S.'                                           6 
'RIKEN Structural Genomics/Proteomics Initiative (RSGI)' 7 
# 
_citation.id                        primary 
_citation.title                     'Crystal structure of hypothetical protein MS0332' 
_citation.journal_abbrev            'To be Published' 
_citation.journal_volume            ? 
_citation.page_first                ? 
_citation.page_last                 ? 
_citation.year                      ? 
_citation.journal_id_ASTM           ? 
_citation.country                   ? 
_citation.journal_id_ISSN           ? 
_citation.journal_id_CSD            0353 
_citation.book_publisher            ? 
_citation.pdbx_database_id_PubMed   ? 
_citation.pdbx_database_id_DOI      ? 
# 
loop_
_citation_author.citation_id 
_citation_author.name 
_citation_author.ordinal 
_citation_author.identifier_ORCID 
primary 'Wang, H.'          1 ? 
primary 'Takemoto-Hori, C.' 2 ? 
primary 'Murayama, K.'      3 ? 
primary 'Terada, T.'        4 ? 
primary 'Shirouzu, M.'      5 ? 
primary 'Yokoyama, S.'      6 ? 
# 
loop_
_entity.id 
_entity.type 
_entity.src_method 
_entity.pdbx_description 
_entity.formula_weight 
_entity.pdbx_number_of_molecules 
_entity.pdbx_ec 
_entity.pdbx_mutation 
_entity.pdbx_fragment 
_entity.details 
1 polymer man 'Hairy/enhancer-of-split related with YRPW motif 1' 7019.605 2  ? ? 'Hairy protein' ? 
2 water   nat water                                               18.015   97 ? ? ?               ? 
# 
_entity_name_com.entity_id   1 
_entity_name_com.name        
;MS0332, Hairy and enhancer of split related-1, HESR-1, Cardiovascular helix-loop-helix factor 2, HES-related repressor protein 2 HERP2
;
# 
_entity_poly.entity_id                      1 
_entity_poly.type                           'polypeptide(L)' 
_entity_poly.nstd_linkage                   no 
_entity_poly.nstd_monomer                   yes 
_entity_poly.pdbx_seq_one_letter_code       'GSSGSSGGYFDAHALA(MSE)DYRSLGFRECLAEVARYLSIIEGLDASDPLRVRLVSHLNNYASQREA' 
_entity_poly.pdbx_seq_one_letter_code_can   GSSGSSGGYFDAHALAMDYRSLGFRECLAEVARYLSIIEGLDASDPLRVRLVSHLNNYASQREA 
_entity_poly.pdbx_strand_id                 A,B 
_entity_poly.pdbx_target_identifier         hsi002004800.1 
# 
_pdbx_entity_nonpoly.entity_id   2 
_pdbx_entity_nonpoly.name        water 
_pdbx_entity_nonpoly.comp_id     HOH 
# 
loop_
_entity_poly_seq.entity_id 
_entity_poly_seq.num 
_entity_poly_seq.mon_id 
_entity_poly_seq.hetero 
1 1  GLY n 
1 2  SER n 
1 3  SER n 
1 4  GLY n 
1 5  SER n 
1 6  SER n 
1 7  GLY n 
1 8  GLY n 
1 9  TYR n 
1 10 PHE n 
1 11 ASP n 
1 12 ALA n 
1 13 HIS n 
1 14 ALA n 
1 15 LEU n 
1 16 ALA n 
1 17 MSE n 
1 18 ASP n 
1 19 TYR n 
1 20 ARG n 
1 21 SER n 
1 22 LEU n 
1 23 GLY n 
1 24 PHE n 
1 25 ARG n 
1 26 GLU n 
1 27 CYS n 
1 28 LEU n 
1 29 ALA n 
1 30 GLU n 
1 31 VAL n 
1 32 ALA n 
1 33 ARG n 
1 34 TYR n 
1 35 LEU n 
1 36 SER n 
1 37 ILE n 
1 38 ILE n 
1 39 GLU n 
1 40 GLY n 
1 41 LEU n 
1 42 ASP n 
1 43 ALA n 
1 44 SER n 
1 45 ASP n 
1 46 PRO n 
1 47 LEU n 
1 48 ARG n 
1 49 VAL n 
1 50 ARG n 
1 51 LEU n 
1 52 VAL n 
1 53 SER n 
1 54 HIS n 
1 55 LEU n 
1 56 ASN n 
1 57 ASN n 
1 58 TYR n 
1 59 ALA n 
1 60 SER n 
1 61 GLN n 
1 62 ARG n 
1 63 GLU n 
1 64 ALA n 
# 
_entity_src_gen.entity_id                          1 
_entity_src_gen.pdbx_src_id                        1 
_entity_src_gen.pdbx_alt_source_flag               sample 
_entity_src_gen.pdbx_seq_type                      ? 
_entity_src_gen.pdbx_beg_seq_num                   ? 
_entity_src_gen.pdbx_end_seq_num                   ? 
_entity_src_gen.gene_src_common_name               human 
_entity_src_gen.gene_src_genus                     Homo 
_entity_src_gen.pdbx_gene_src_gene                 ? 
_entity_src_gen.gene_src_species                   ? 
_entity_src_gen.gene_src_strain                    ? 
_entity_src_gen.gene_src_tissue                    ? 
_entity_src_gen.gene_src_tissue_fraction           ? 
_entity_src_gen.gene_src_details                   ? 
_entity_src_gen.pdbx_gene_src_fragment             ? 
_entity_src_gen.pdbx_gene_src_scientific_name      'Homo sapiens' 
_entity_src_gen.pdbx_gene_src_ncbi_taxonomy_id     9606 
_entity_src_gen.pdbx_gene_src_variant              ? 
_entity_src_gen.pdbx_gene_src_cell_line            ? 
_entity_src_gen.pdbx_gene_src_atcc                 ? 
_entity_src_gen.pdbx_gene_src_organ                ? 
_entity_src_gen.pdbx_gene_src_organelle            ? 
_entity_src_gen.pdbx_gene_src_cell                 ? 
_entity_src_gen.pdbx_gene_src_cellular_location    ? 
_entity_src_gen.host_org_common_name               ? 
_entity_src_gen.pdbx_host_org_scientific_name      ? 
_entity_src_gen.pdbx_host_org_ncbi_taxonomy_id     ? 
_entity_src_gen.host_org_genus                     ? 
_entity_src_gen.pdbx_host_org_gene                 ? 
_entity_src_gen.pdbx_host_org_organ                ? 
_entity_src_gen.host_org_species                   ? 
_entity_src_gen.pdbx_host_org_tissue               ? 
_entity_src_gen.pdbx_host_org_tissue_fraction      ? 
_entity_src_gen.pdbx_host_org_strain               ? 
_entity_src_gen.pdbx_host_org_variant              ? 
_entity_src_gen.pdbx_host_org_cell_line            ? 
_entity_src_gen.pdbx_host_org_atcc                 ? 
_entity_src_gen.pdbx_host_org_culture_collection   ? 
_entity_src_gen.pdbx_host_org_cell                 ? 
_entity_src_gen.pdbx_host_org_organelle            ? 
_entity_src_gen.pdbx_host_org_cellular_location    ? 
_entity_src_gen.pdbx_host_org_vector_type          PLASMID 
_entity_src_gen.pdbx_host_org_vector               ? 
_entity_src_gen.host_org_details                   ? 
_entity_src_gen.expression_system_id               ? 
_entity_src_gen.plasmid_name                       PX041202-21 
_entity_src_gen.plasmid_details                    ? 
_entity_src_gen.pdbx_description                   'CELL-FREE PROTEIN SYNTHESIS' 
# 
loop_
_chem_comp.id 
_chem_comp.type 
_chem_comp.mon_nstd_flag 
_chem_comp.name 
_chem_comp.pdbx_synonyms 
_chem_comp.formula 
_chem_comp.formula_weight 
ALA 'L-peptide linking' y ALANINE          ? 'C3 H7 N O2'     89.093  
ARG 'L-peptide linking' y ARGININE         ? 'C6 H15 N4 O2 1' 175.209 
ASN 'L-peptide linking' y ASPARAGINE       ? 'C4 H8 N2 O3'    132.118 
ASP 'L-peptide linking' y 'ASPARTIC ACID'  ? 'C4 H7 N O4'     133.103 
CYS 'L-peptide linking' y CYSTEINE         ? 'C3 H7 N O2 S'   121.158 
GLN 'L-peptide linking' y GLUTAMINE        ? 'C5 H10 N2 O3'   146.144 
GLU 'L-peptide linking' y 'GLUTAMIC ACID'  ? 'C5 H9 N O4'     147.129 
GLY 'peptide linking'   y GLYCINE          ? 'C2 H5 N O2'     75.067  
HIS 'L-peptide linking' y HISTIDINE        ? 'C6 H10 N3 O2 1' 156.162 
HOH non-polymer         . WATER            ? 'H2 O'           18.015  
ILE 'L-peptide linking' y ISOLEUCINE       ? 'C6 H13 N O2'    131.173 
LEU 'L-peptide linking' y LEUCINE          ? 'C6 H13 N O2'    131.173 
MET 'L-peptide linking' y METHIONINE       ? 'C5 H11 N O2 S'  149.211 
MSE 'L-peptide linking' n SELENOMETHIONINE ? 'C5 H11 N O2 Se' 196.106 
PHE 'L-peptide linking' y PHENYLALANINE    ? 'C9 H11 N O2'    165.189 
PRO 'L-peptide linking' y PROLINE          ? 'C5 H9 N O2'     115.130 
SER 'L-peptide linking' y SERINE           ? 'C3 H7 N O3'     105.093 
TYR 'L-peptide linking' y TYROSINE         ? 'C9 H11 N O3'    181.189 
VAL 'L-peptide linking' y VALINE           ? 'C5 H11 N O2'    117.146 
# 
loop_
_pdbx_poly_seq_scheme.asym_id 
_pdbx_poly_seq_scheme.entity_id 
_pdbx_poly_seq_scheme.seq_id 
_pdbx_poly_seq_scheme.mon_id 
_pdbx_poly_seq_scheme.ndb_seq_num 
_pdbx_poly_seq_scheme.pdb_seq_num 
_pdbx_poly_seq_scheme.auth_seq_num 
_pdbx_poly_seq_scheme.pdb_mon_id 
_pdbx_poly_seq_scheme.auth_mon_id 
_pdbx_poly_seq_scheme.pdb_strand_id 
_pdbx_poly_seq_scheme.pdb_ins_code 
_pdbx_poly_seq_scheme.hetero 
A 1 1  GLY 1  -4 ?  ?   ?   A . n 
A 1 2  SER 2  -3 ?  ?   ?   A . n 
A 1 3  SER 3  -2 ?  ?   ?   A . n 
A 1 4  GLY 4  -1 ?  ?   ?   A . n 
A 1 5  SER 5  0  ?  ?   ?   A . n 
A 1 6  SER 6  1  1  SER SER A . n 
A 1 7  GLY 7  2  2  GLY GLY A . n 
A 1 8  GLY 8  3  3  GLY GLY A . n 
A 1 9  TYR 9  4  4  TYR TYR A . n 
A 1 10 PHE 10 5  5  PHE PHE A . n 
A 1 11 ASP 11 6  6  ASP ASP A . n 
A 1 12 ALA 12 7  7  ALA ALA A . n 
A 1 13 HIS 13 8  8  HIS HIS A . n 
A 1 14 ALA 14 9  9  ALA ALA A . n 
A 1 15 LEU 15 10 10 LEU LEU A . n 
A 1 16 ALA 16 11 11 ALA ALA A . n 
A 1 17 MSE 17 12 12 MSE MSE A . n 
A 1 18 ASP 18 13 13 ASP ASP A . n 
A 1 19 TYR 19 14 14 TYR TYR A . n 
A 1 20 ARG 20 15 15 ARG ARG A . n 
A 1 21 SER 21 16 16 SER SER A . n 
A 1 22 LEU 22 17 17 LEU LEU A . n 
A 1 23 GLY 23 18 18 GLY GLY A . n 
A 1 24 PHE 24 19 19 PHE PHE A . n 
A 1 25 ARG 25 20 20 ARG ARG A . n 
A 1 26 GLU 26 21 21 GLU GLU A . n 
A 1 27 CYS 27 22 22 CYS CYS A . n 
A 1 28 LEU 28 23 23 LEU LEU A . n 
A 1 29 ALA 29 24 24 ALA ALA A . n 
A 1 30 GLU 30 25 25 GLU GLU A . n 
A 1 31 VAL 31 26 26 VAL VAL A . n 
A 1 32 ALA 32 27 27 ALA ALA A . n 
A 1 33 ARG 33 28 28 ARG ARG A . n 
A 1 34 TYR 34 29 29 TYR TYR A . n 
A 1 35 LEU 35 30 30 LEU LEU A . n 
A 1 36 SER 36 31 31 SER SER A . n 
A 1 37 ILE 37 32 32 ILE ILE A . n 
A 1 38 ILE 38 33 33 ILE ILE A . n 
A 1 39 GLU 39 34 34 GLU GLU A . n 
A 1 40 GLY 40 35 35 GLY GLY A . n 
A 1 41 LEU 41 36 36 LEU LEU A . n 
A 1 42 ASP 42 37 37 ASP ASP A . n 
A 1 43 ALA 43 38 38 ALA ALA A . n 
A 1 44 SER 44 39 39 SER SER A . n 
A 1 45 ASP 45 40 40 ASP ASP A . n 
A 1 46 PRO 46 41 41 PRO PRO A . n 
A 1 47 LEU 47 42 42 LEU LEU A . n 
A 1 48 ARG 48 43 43 ARG ARG A . n 
A 1 49 VAL 49 44 44 VAL VAL A . n 
A 1 50 ARG 50 45 45 ARG ARG A . n 
A 1 51 LEU 51 46 46 LEU LEU A . n 
A 1 52 VAL 52 47 47 VAL VAL A . n 
A 1 53 SER 53 48 48 SER SER A . n 
A 1 54 HIS 54 49 49 HIS HIS A . n 
A 1 55 LEU 55 50 50 LEU LEU A . n 
A 1 56 ASN 56 51 51 ASN ASN A . n 
A 1 57 ASN 57 52 52 ASN ASN A . n 
A 1 58 TYR 58 53 53 TYR TYR A . n 
A 1 59 ALA 59 54 54 ALA ALA A . n 
A 1 60 SER 60 55 55 SER SER A . n 
A 1 61 GLN 61 56 56 GLN GLN A . n 
A 1 62 ARG 62 57 57 ARG ARG A . n 
A 1 63 GLU 63 58 ?  ?   ?   A . n 
A 1 64 ALA 64 59 ?  ?   ?   A . n 
B 1 1  GLY 1  -4 ?  ?   ?   B . n 
B 1 2  SER 2  -3 ?  ?   ?   B . n 
B 1 3  SER 3  -2 ?  ?   ?   B . n 
B 1 4  GLY 4  -1 ?  ?   ?   B . n 
B 1 5  SER 5  0  ?  ?   ?   B . n 
B 1 6  SER 6  1  1  SER SER B . n 
B 1 7  GLY 7  2  2  GLY GLY B . n 
B 1 8  GLY 8  3  3  GLY GLY B . n 
B 1 9  TYR 9  4  4  TYR TYR B . n 
B 1 10 PHE 10 5  5  PHE PHE B . n 
B 1 11 ASP 11 6  6  ASP ASP B . n 
B 1 12 ALA 12 7  7  ALA ALA B . n 
B 1 13 HIS 13 8  8  HIS HIS B . n 
B 1 14 ALA 14 9  9  ALA ALA B . n 
B 1 15 LEU 15 10 10 LEU LEU B . n 
B 1 16 ALA 16 11 11 ALA ALA B . n 
B 1 17 MSE 17 12 12 MSE MSE B . n 
B 1 18 ASP 18 13 13 ASP ASP B . n 
B 1 19 TYR 19 14 14 TYR TYR B . n 
B 1 20 ARG 20 15 15 ARG ARG B . n 
B 1 21 SER 21 16 16 SER SER B . n 
B 1 22 LEU 22 17 17 LEU LEU B . n 
B 1 23 GLY 23 18 18 GLY GLY B . n 
B 1 24 PHE 24 19 19 PHE PHE B . n 
B 1 25 ARG 25 20 20 ARG ARG B . n 
B 1 26 GLU 26 21 21 GLU GLU B . n 
B 1 27 CYS 27 22 22 CYS CYS B . n 
B 1 28 LEU 28 23 23 LEU LEU B . n 
B 1 29 ALA 29 24 24 ALA ALA B . n 
B 1 30 GLU 30 25 25 GLU GLU B . n 
B 1 31 VAL 31 26 26 VAL VAL B . n 
B 1 32 ALA 32 27 27 ALA ALA B . n 
B 1 33 ARG 33 28 28 ARG ARG B . n 
B 1 34 TYR 34 29 29 TYR TYR B . n 
B 1 35 LEU 35 30 30 LEU LEU B . n 
B 1 36 SER 36 31 31 SER SER B . n 
B 1 37 ILE 37 32 32 ILE ILE B . n 
B 1 38 ILE 38 33 33 ILE ILE B . n 
B 1 39 GLU 39 34 34 GLU GLU B . n 
B 1 40 GLY 40 35 35 GLY GLY B . n 
B 1 41 LEU 41 36 36 LEU LEU B . n 
B 1 42 ASP 42 37 37 ASP ASP B . n 
B 1 43 ALA 43 38 38 ALA ALA B . n 
B 1 44 SER 44 39 39 SER SER B . n 
B 1 45 ASP 45 40 40 ASP ASP B . n 
B 1 46 PRO 46 41 41 PRO PRO B . n 
B 1 47 LEU 47 42 42 LEU LEU B . n 
B 1 48 ARG 48 43 43 ARG ARG B . n 
B 1 49 VAL 49 44 44 VAL VAL B . n 
B 1 50 ARG 50 45 45 ARG ARG B . n 
B 1 51 LEU 51 46 46 LEU LEU B . n 
B 1 52 VAL 52 47 47 VAL VAL B . n 
B 1 53 SER 53 48 48 SER SER B . n 
B 1 54 HIS 54 49 49 HIS HIS B . n 
B 1 55 LEU 55 50 50 LEU LEU B . n 
B 1 56 ASN 56 51 51 ASN ASN B . n 
B 1 57 ASN 57 52 52 ASN ASN B . n 
B 1 58 TYR 58 53 53 TYR TYR B . n 
B 1 59 ALA 59 54 54 ALA ALA B . n 
B 1 60 SER 60 55 55 SER SER B . n 
B 1 61 GLN 61 56 56 GLN GLN B . n 
B 1 62 ARG 62 57 57 ARG ARG B . n 
B 1 63 GLU 63 58 ?  ?   ?   B . n 
B 1 64 ALA 64 59 ?  ?   ?   B . n 
# 
loop_
_pdbx_nonpoly_scheme.asym_id 
_pdbx_nonpoly_scheme.entity_id 
_pdbx_nonpoly_scheme.mon_id 
_pdbx_nonpoly_scheme.ndb_seq_num 
_pdbx_nonpoly_scheme.pdb_seq_num 
_pdbx_nonpoly_scheme.auth_seq_num 
_pdbx_nonpoly_scheme.pdb_mon_id 
_pdbx_nonpoly_scheme.auth_mon_id 
_pdbx_nonpoly_scheme.pdb_strand_id 
_pdbx_nonpoly_scheme.pdb_ins_code 
C 2 HOH 1  60  4   HOH HOH A . 
C 2 HOH 2  61  8   HOH HOH A . 
C 2 HOH 3  62  11  HOH HOH A . 
C 2 HOH 4  63  12  HOH HOH A . 
C 2 HOH 5  64  15  HOH HOH A . 
C 2 HOH 6  65  18  HOH HOH A . 
C 2 HOH 7  66  23  HOH HOH A . 
C 2 HOH 8  67  24  HOH HOH A . 
C 2 HOH 9  68  25  HOH HOH A . 
C 2 HOH 10 69  26  HOH HOH A . 
C 2 HOH 11 70  29  HOH HOH A . 
C 2 HOH 12 71  30  HOH HOH A . 
C 2 HOH 13 72  31  HOH HOH A . 
C 2 HOH 14 73  33  HOH HOH A . 
C 2 HOH 15 74  34  HOH HOH A . 
C 2 HOH 16 75  36  HOH HOH A . 
C 2 HOH 17 76  38  HOH HOH A . 
C 2 HOH 18 77  39  HOH HOH A . 
C 2 HOH 19 78  40  HOH HOH A . 
C 2 HOH 20 79  46  HOH HOH A . 
C 2 HOH 21 80  47  HOH HOH A . 
C 2 HOH 22 81  48  HOH HOH A . 
C 2 HOH 23 82  50  HOH HOH A . 
C 2 HOH 24 83  51  HOH HOH A . 
C 2 HOH 25 84  52  HOH HOH A . 
C 2 HOH 26 85  53  HOH HOH A . 
C 2 HOH 27 86  54  HOH HOH A . 
C 2 HOH 28 87  60  HOH HOH A . 
C 2 HOH 29 88  62  HOH HOH A . 
C 2 HOH 30 89  65  HOH HOH A . 
C 2 HOH 31 90  68  HOH HOH A . 
C 2 HOH 32 91  69  HOH HOH A . 
C 2 HOH 33 92  71  HOH HOH A . 
C 2 HOH 34 93  73  HOH HOH A . 
C 2 HOH 35 94  75  HOH HOH A . 
C 2 HOH 36 95  76  HOH HOH A . 
C 2 HOH 37 96  77  HOH HOH A . 
C 2 HOH 38 97  79  HOH HOH A . 
C 2 HOH 39 98  80  HOH HOH A . 
C 2 HOH 40 99  82  HOH HOH A . 
C 2 HOH 41 100 84  HOH HOH A . 
C 2 HOH 42 101 85  HOH HOH A . 
C 2 HOH 43 102 88  HOH HOH A . 
C 2 HOH 44 103 89  HOH HOH A . 
C 2 HOH 45 104 91  HOH HOH A . 
C 2 HOH 46 105 95  HOH HOH A . 
C 2 HOH 47 106 98  HOH HOH A . 
C 2 HOH 48 107 100 HOH HOH A . 
D 2 HOH 1  60  1   HOH HOH B . 
D 2 HOH 2  61  2   HOH HOH B . 
D 2 HOH 3  62  3   HOH HOH B . 
D 2 HOH 4  63  5   HOH HOH B . 
D 2 HOH 5  64  6   HOH HOH B . 
D 2 HOH 6  65  9   HOH HOH B . 
D 2 HOH 7  66  10  HOH HOH B . 
D 2 HOH 8  67  13  HOH HOH B . 
D 2 HOH 9  68  16  HOH HOH B . 
D 2 HOH 10 69  17  HOH HOH B . 
D 2 HOH 11 70  19  HOH HOH B . 
D 2 HOH 12 71  20  HOH HOH B . 
D 2 HOH 13 72  21  HOH HOH B . 
D 2 HOH 14 73  22  HOH HOH B . 
D 2 HOH 15 74  27  HOH HOH B . 
D 2 HOH 16 75  28  HOH HOH B . 
D 2 HOH 17 76  35  HOH HOH B . 
D 2 HOH 18 77  37  HOH HOH B . 
D 2 HOH 19 78  42  HOH HOH B . 
D 2 HOH 20 79  43  HOH HOH B . 
D 2 HOH 21 80  44  HOH HOH B . 
D 2 HOH 22 81  45  HOH HOH B . 
D 2 HOH 23 82  49  HOH HOH B . 
D 2 HOH 24 83  55  HOH HOH B . 
D 2 HOH 25 84  56  HOH HOH B . 
D 2 HOH 26 85  57  HOH HOH B . 
D 2 HOH 27 86  58  HOH HOH B . 
D 2 HOH 28 87  59  HOH HOH B . 
D 2 HOH 29 88  61  HOH HOH B . 
D 2 HOH 30 89  64  HOH HOH B . 
D 2 HOH 31 90  66  HOH HOH B . 
D 2 HOH 32 91  67  HOH HOH B . 
D 2 HOH 33 92  70  HOH HOH B . 
D 2 HOH 34 93  72  HOH HOH B . 
D 2 HOH 35 94  74  HOH HOH B . 
D 2 HOH 36 95  78  HOH HOH B . 
D 2 HOH 37 96  81  HOH HOH B . 
D 2 HOH 38 97  83  HOH HOH B . 
D 2 HOH 39 98  86  HOH HOH B . 
D 2 HOH 40 99  87  HOH HOH B . 
D 2 HOH 41 100 90  HOH HOH B . 
D 2 HOH 42 101 92  HOH HOH B . 
D 2 HOH 43 102 93  HOH HOH B . 
D 2 HOH 44 103 94  HOH HOH B . 
D 2 HOH 45 104 96  HOH HOH B . 
D 2 HOH 46 105 97  HOH HOH B . 
D 2 HOH 47 106 99  HOH HOH B . 
D 2 HOH 48 107 101 HOH HOH B . 
D 2 HOH 49 108 102 HOH HOH B . 
# 
loop_
_software.name 
_software.classification 
_software.version 
_software.citation_id 
_software.pdbx_ordinal 
CNS       refinement       1.1 ? 1 
HKL-2000  'data reduction' .   ? 2 
SCALEPACK 'data scaling'   .   ? 3 
MOLREP    phasing          .   ? 4 
# 
_cell.entry_id           2DB7 
_cell.length_a           28.322 
_cell.length_b           44.810 
_cell.length_c           92.088 
_cell.angle_alpha        90.00 
_cell.angle_beta         90.00 
_cell.angle_gamma        90.00 
_cell.Z_PDB              8 
_cell.pdbx_unique_axis   ? 
_cell.length_a_esd       ? 
_cell.length_b_esd       ? 
_cell.length_c_esd       ? 
_cell.angle_alpha_esd    ? 
_cell.angle_beta_esd     ? 
_cell.angle_gamma_esd    ? 
# 
_symmetry.entry_id                         2DB7 
_symmetry.space_group_name_H-M             'P 21 21 21' 
_symmetry.pdbx_full_space_group_name_H-M   ? 
_symmetry.cell_setting                     ? 
_symmetry.Int_Tables_number                19 
_symmetry.space_group_name_Hall            ? 
# 
_exptl.entry_id          2DB7 
_exptl.method            'X-RAY DIFFRACTION' 
_exptl.crystals_number   1 
# 
_exptl_crystal.id                    1 
_exptl_crystal.density_meas          ? 
_exptl_crystal.density_Matthews      2.09 
_exptl_crystal.density_percent_sol   41.07 
_exptl_crystal.description           ? 
_exptl_crystal.F_000                 ? 
_exptl_crystal.preparation           ? 
# 
_exptl_crystal_grow.crystal_id      1 
_exptl_crystal_grow.method          'VAPOR DIFFUSION, HANGING DROP' 
_exptl_crystal_grow.temp            293 
_exptl_crystal_grow.temp_details    ? 
_exptl_crystal_grow.pH              9.2 
_exptl_crystal_grow.pdbx_details    'PEG3350, Magnesium Chloride, pH 9.2, VAPOR DIFFUSION, HANGING DROP, temperature 293K' 
_exptl_crystal_grow.pdbx_pH_range   . 
# 
_diffrn.id                     1 
_diffrn.ambient_temp           100 
_diffrn.ambient_temp_details   ? 
_diffrn.crystal_id             1 
# 
_diffrn_detector.diffrn_id              1 
_diffrn_detector.detector               CCD 
_diffrn_detector.type                   'RIGAKU JUPITER 210' 
_diffrn_detector.pdbx_collection_date   2005-07-18 
_diffrn_detector.details                ? 
# 
_diffrn_radiation.diffrn_id                        1 
_diffrn_radiation.wavelength_id                    1 
_diffrn_radiation.pdbx_monochromatic_or_laue_m_l   M 
_diffrn_radiation.monochromator                    ? 
_diffrn_radiation.pdbx_diffrn_protocol             MAD 
_diffrn_radiation.pdbx_scattering_type             x-ray 
# 
loop_
_diffrn_radiation_wavelength.id 
_diffrn_radiation_wavelength.wavelength 
_diffrn_radiation_wavelength.wt 
1 0.9789 1.0 
2 0.9791 1.0 
3 0.9650 1.0 
# 
_diffrn_source.diffrn_id                   1 
_diffrn_source.source                      SYNCHROTRON 
_diffrn_source.type                        'SPRING-8 BEAMLINE BL26B1' 
_diffrn_source.pdbx_synchrotron_site       SPring-8 
_diffrn_source.pdbx_synchrotron_beamline   BL26B1 
_diffrn_source.pdbx_wavelength             ? 
_diffrn_source.pdbx_wavelength_list        '0.9789, 0.9791, 0.9650' 
# 
_reflns.entry_id                     2DB7 
_reflns.observed_criterion_sigma_I   -3 
_reflns.observed_criterion_sigma_F   ? 
_reflns.d_resolution_low             50 
_reflns.d_resolution_high            1.90 
_reflns.number_obs                   9565 
_reflns.number_all                   ? 
_reflns.percent_possible_obs         100 
_reflns.pdbx_Rmerge_I_obs            ? 
_reflns.pdbx_Rsym_value              0.082 
_reflns.pdbx_netI_over_sigmaI        19.1 
_reflns.B_iso_Wilson_estimate        11.7 
_reflns.pdbx_redundancy              6.4 
_reflns.R_free_details               ? 
_reflns.limit_h_max                  ? 
_reflns.limit_h_min                  ? 
_reflns.limit_k_max                  ? 
_reflns.limit_k_min                  ? 
_reflns.limit_l_max                  ? 
_reflns.limit_l_min                  ? 
_reflns.observed_criterion_F_max     ? 
_reflns.observed_criterion_F_min     ? 
_reflns.pdbx_chi_squared             ? 
_reflns.pdbx_scaling_rejects         ? 
_reflns.pdbx_diffrn_id               1 
_reflns.pdbx_ordinal                 1 
# 
_reflns_shell.d_res_high             1.90 
_reflns_shell.d_res_low              1.97 
_reflns_shell.percent_possible_all   100 
_reflns_shell.Rmerge_I_obs           ? 
_reflns_shell.pdbx_Rsym_value        0.151 
_reflns_shell.meanI_over_sigI_obs    10.1 
_reflns_shell.pdbx_redundancy        6.5 
_reflns_shell.percent_possible_obs   ? 
_reflns_shell.number_unique_all      931 
_reflns_shell.number_measured_all    ? 
_reflns_shell.number_measured_obs    ? 
_reflns_shell.number_unique_obs      ? 
_reflns_shell.pdbx_chi_squared       ? 
_reflns_shell.pdbx_diffrn_id         ? 
_reflns_shell.pdbx_ordinal           1 
# 
_refine.entry_id                                 2DB7 
_refine.ls_number_reflns_obs                     9446 
_refine.ls_number_reflns_all                     ? 
_refine.pdbx_ls_sigma_I                          ? 
_refine.pdbx_ls_sigma_F                          0.0 
_refine.pdbx_data_cutoff_high_absF               586480.60 
_refine.pdbx_data_cutoff_low_absF                0.000000 
_refine.pdbx_data_cutoff_high_rms_absF           ? 
_refine.ls_d_res_low                             27.07 
_refine.ls_d_res_high                            1.90 
_refine.ls_percent_reflns_obs                    96.8 
_refine.ls_R_factor_obs                          0.192 
_refine.ls_R_factor_all                          ? 
_refine.ls_R_factor_R_work                       0.192 
_refine.ls_R_factor_R_free                       0.22 
_refine.ls_R_factor_R_free_error                 0.010 
_refine.ls_R_factor_R_free_error_details         ? 
_refine.ls_percent_reflns_R_free                 5.3 
_refine.ls_number_reflns_R_free                  503 
_refine.ls_number_parameters                     ? 
_refine.ls_number_restraints                     ? 
_refine.occupancy_min                            ? 
_refine.occupancy_max                            ? 
_refine.correlation_coeff_Fo_to_Fc               ? 
_refine.correlation_coeff_Fo_to_Fc_free          ? 
_refine.B_iso_mean                               19.9 
_refine.aniso_B[1][1]                            -2.29 
_refine.aniso_B[2][2]                            4.38 
_refine.aniso_B[3][3]                            -2.09 
_refine.aniso_B[1][2]                            0.00 
_refine.aniso_B[1][3]                            0.00 
_refine.aniso_B[2][3]                            0.00 
_refine.solvent_model_details                    'FLAT MODEL' 
_refine.solvent_model_param_ksol                 0.389036 
_refine.solvent_model_param_bsol                 43.2791 
_refine.pdbx_solvent_vdw_probe_radii             ? 
_refine.pdbx_solvent_ion_probe_radii             ? 
_refine.pdbx_solvent_shrinkage_radii             ? 
_refine.pdbx_ls_cross_valid_method               THROUGHOUT 
_refine.details                                  ? 
_refine.pdbx_starting_model                      ? 
_refine.pdbx_method_to_determine_struct          MAD 
_refine.pdbx_isotropic_thermal_model             RESTRAINED 
_refine.pdbx_stereochemistry_target_values       ? 
_refine.pdbx_stereochem_target_val_spec_case     ? 
_refine.pdbx_R_Free_selection_details            RANDOM 
_refine.pdbx_overall_ESU_R                       ? 
_refine.pdbx_overall_ESU_R_Free                  ? 
_refine.overall_SU_ML                            ? 
_refine.overall_SU_B                             ? 
_refine.ls_redundancy_reflns_obs                 ? 
_refine.B_iso_min                                ? 
_refine.B_iso_max                                ? 
_refine.overall_SU_R_Cruickshank_DPI             ? 
_refine.overall_SU_R_free                        ? 
_refine.ls_wR_factor_R_free                      ? 
_refine.ls_wR_factor_R_work                      ? 
_refine.overall_FOM_free_R_set                   ? 
_refine.overall_FOM_work_R_set                   ? 
_refine.pdbx_refine_id                           'X-RAY DIFFRACTION' 
_refine.pdbx_diffrn_id                           1 
_refine.pdbx_TLS_residual_ADP_flag               ? 
_refine.pdbx_overall_phase_error                 ? 
_refine.pdbx_overall_SU_R_free_Cruickshank_DPI   ? 
_refine.pdbx_overall_SU_R_Blow_DPI               ? 
_refine.pdbx_overall_SU_R_free_Blow_DPI          ? 
# 
_refine_analyze.entry_id                        2DB7 
_refine_analyze.Luzzati_coordinate_error_obs    0.19 
_refine_analyze.Luzzati_sigma_a_obs             0.05 
_refine_analyze.Luzzati_d_res_low_obs           5.00 
_refine_analyze.Luzzati_coordinate_error_free   0.23 
_refine_analyze.Luzzati_sigma_a_free            0.13 
_refine_analyze.Luzzati_d_res_low_free          ? 
_refine_analyze.number_disordered_residues      ? 
_refine_analyze.occupancy_sum_hydrogen          ? 
_refine_analyze.occupancy_sum_non_hydrogen      ? 
_refine_analyze.pdbx_Luzzati_d_res_high_obs     ? 
_refine_analyze.pdbx_refine_id                  'X-RAY DIFFRACTION' 
# 
_refine_hist.pdbx_refine_id                   'X-RAY DIFFRACTION' 
_refine_hist.cycle_id                         LAST 
_refine_hist.pdbx_number_atoms_protein        898 
_refine_hist.pdbx_number_atoms_nucleic_acid   0 
_refine_hist.pdbx_number_atoms_ligand         0 
_refine_hist.number_atoms_solvent             97 
_refine_hist.number_atoms_total               995 
_refine_hist.d_res_high                       1.90 
_refine_hist.d_res_low                        27.07 
# 
loop_
_refine_ls_restr.type 
_refine_ls_restr.dev_ideal 
_refine_ls_restr.dev_ideal_target 
_refine_ls_restr.weight 
_refine_ls_restr.number 
_refine_ls_restr.pdbx_refine_id 
_refine_ls_restr.pdbx_restraint_function 
c_bond_d           0.004 ? ? ? 'X-RAY DIFFRACTION' ? 
c_angle_deg        0.9   ? ? ? 'X-RAY DIFFRACTION' ? 
c_dihedral_angle_d 16.6  ? ? ? 'X-RAY DIFFRACTION' ? 
c_improper_angle_d 0.59  ? ? ? 'X-RAY DIFFRACTION' ? 
# 
_refine_ls_shell.pdbx_total_number_of_bins_used   6 
_refine_ls_shell.d_res_high                       1.90 
_refine_ls_shell.d_res_low                        2.02 
_refine_ls_shell.number_reflns_R_work             1457 
_refine_ls_shell.R_factor_R_work                  0.2 
_refine_ls_shell.percent_reflns_obs               98.3 
_refine_ls_shell.R_factor_R_free                  0.23 
_refine_ls_shell.R_factor_R_free_error            0.024 
_refine_ls_shell.percent_reflns_R_free            5.8 
_refine_ls_shell.number_reflns_R_free             89 
_refine_ls_shell.number_reflns_all                ? 
_refine_ls_shell.R_factor_all                     ? 
_refine_ls_shell.number_reflns_obs                ? 
_refine_ls_shell.redundancy_reflns_obs            ? 
_refine_ls_shell.pdbx_refine_id                   'X-RAY DIFFRACTION' 
# 
loop_
_pdbx_xplor_file.serial_no 
_pdbx_xplor_file.param_file 
_pdbx_xplor_file.topol_file 
_pdbx_xplor_file.pdbx_refine_id 
1 protein_rep.param protein.top 'X-RAY DIFFRACTION' 
2 water_rep.param   ?           'X-RAY DIFFRACTION' 
# 
_struct.entry_id                  2DB7 
_struct.title                     'Crystal structure of hypothetical protein MS0332' 
_struct.pdbx_model_details        ? 
_struct.pdbx_CASP_flag            ? 
_struct.pdbx_model_type_details   ? 
# 
_struct_keywords.entry_id        2DB7 
_struct_keywords.pdbx_keywords   TRANSCRIPTION 
_struct_keywords.text            
;STRUCTURAL GENOMICS, UNKNOWN FUNCTION, DNA BINDING PROTEIN, NPPSFA, National Project on Protein Structural and Functional Analyses, RIKEN Structural Genomics/Proteomics Initiative, RSGI, TRANSCRIPTION
;
# 
loop_
_struct_asym.id 
_struct_asym.pdbx_blank_PDB_chainid_flag 
_struct_asym.pdbx_modified 
_struct_asym.entity_id 
_struct_asym.details 
A N N 1 ? 
B N N 1 ? 
C N N 2 ? 
D N N 2 ? 
# 
_struct_ref.id                         1 
_struct_ref.db_name                    UNP 
_struct_ref.db_code                    HEY1_HUMAN 
_struct_ref.pdbx_db_accession          Q9Y5J3 
_struct_ref.entity_id                  1 
_struct_ref.pdbx_seq_one_letter_code   GYFDAHALAMDYRSLGFRECLAEVARYLSIIEGLDASDPLRVRLVSHLNNYASQREA 
_struct_ref.pdbx_align_begin           111 
_struct_ref.pdbx_db_isoform            ? 
# 
loop_
_struct_ref_seq.align_id 
_struct_ref_seq.ref_id 
_struct_ref_seq.pdbx_PDB_id_code 
_struct_ref_seq.pdbx_strand_id 
_struct_ref_seq.seq_align_beg 
_struct_ref_seq.pdbx_seq_align_beg_ins_code 
_struct_ref_seq.seq_align_end 
_struct_ref_seq.pdbx_seq_align_end_ins_code 
_struct_ref_seq.pdbx_db_accession 
_struct_ref_seq.db_align_beg 
_struct_ref_seq.pdbx_db_align_beg_ins_code 
_struct_ref_seq.db_align_end 
_struct_ref_seq.pdbx_db_align_end_ins_code 
_struct_ref_seq.pdbx_auth_seq_align_beg 
_struct_ref_seq.pdbx_auth_seq_align_end 
1 1 2DB7 A 8 ? 64 ? Q9Y5J3 111 ? 167 ? 3 59 
2 1 2DB7 B 8 ? 64 ? Q9Y5J3 111 ? 167 ? 3 59 
# 
loop_
_struct_ref_seq_dif.align_id 
_struct_ref_seq_dif.pdbx_pdb_id_code 
_struct_ref_seq_dif.mon_id 
_struct_ref_seq_dif.pdbx_pdb_strand_id 
_struct_ref_seq_dif.seq_num 
_struct_ref_seq_dif.pdbx_pdb_ins_code 
_struct_ref_seq_dif.pdbx_seq_db_name 
_struct_ref_seq_dif.pdbx_seq_db_accession_code 
_struct_ref_seq_dif.db_mon_id 
_struct_ref_seq_dif.pdbx_seq_db_seq_num 
_struct_ref_seq_dif.details 
_struct_ref_seq_dif.pdbx_auth_seq_num 
_struct_ref_seq_dif.pdbx_ordinal 
1 2DB7 GLY A 1  ? UNP Q9Y5J3 ?   ?   'cloning artifact' -4 1  
1 2DB7 SER A 2  ? UNP Q9Y5J3 ?   ?   'cloning artifact' -3 2  
1 2DB7 SER A 3  ? UNP Q9Y5J3 ?   ?   'cloning artifact' -2 3  
1 2DB7 GLY A 4  ? UNP Q9Y5J3 ?   ?   'cloning artifact' -1 4  
1 2DB7 SER A 5  ? UNP Q9Y5J3 ?   ?   'cloning artifact' 0  5  
1 2DB7 SER A 6  ? UNP Q9Y5J3 ?   ?   'cloning artifact' 1  6  
1 2DB7 GLY A 7  ? UNP Q9Y5J3 ?   ?   'cloning artifact' 2  7  
1 2DB7 MSE A 17 ? UNP Q9Y5J3 MET 120 'modified residue' 12 8  
2 2DB7 GLY B 1  ? UNP Q9Y5J3 ?   ?   'cloning artifact' -4 9  
2 2DB7 SER B 2  ? UNP Q9Y5J3 ?   ?   'cloning artifact' -3 10 
2 2DB7 SER B 3  ? UNP Q9Y5J3 ?   ?   'cloning artifact' -2 11 
2 2DB7 GLY B 4  ? UNP Q9Y5J3 ?   ?   'cloning artifact' -1 12 
2 2DB7 SER B 5  ? UNP Q9Y5J3 ?   ?   'cloning artifact' 0  13 
2 2DB7 SER B 6  ? UNP Q9Y5J3 ?   ?   'cloning artifact' 1  14 
2 2DB7 GLY B 7  ? UNP Q9Y5J3 ?   ?   'cloning artifact' 2  15 
2 2DB7 MSE B 17 ? UNP Q9Y5J3 MET 120 'modified residue' 12 16 
# 
_pdbx_struct_assembly.id                   1 
_pdbx_struct_assembly.details              author_and_software_defined_assembly 
_pdbx_struct_assembly.method_details       PISA 
_pdbx_struct_assembly.oligomeric_details   dimeric 
_pdbx_struct_assembly.oligomeric_count     2 
# 
loop_
_pdbx_struct_assembly_prop.biol_id 
_pdbx_struct_assembly_prop.type 
_pdbx_struct_assembly_prop.value 
_pdbx_struct_assembly_prop.details 
1 'ABSA (A^2)' 2270 ? 
1 MORE         -22  ? 
1 'SSA (A^2)'  7140 ? 
# 
_pdbx_struct_assembly_gen.assembly_id       1 
_pdbx_struct_assembly_gen.oper_expression   1 
_pdbx_struct_assembly_gen.asym_id_list      A,B,C,D 
# 
_pdbx_struct_oper_list.id                   1 
_pdbx_struct_oper_list.type                 'identity operation' 
_pdbx_struct_oper_list.name                 1_555 
_pdbx_struct_oper_list.symmetry_operation   x,y,z 
_pdbx_struct_oper_list.matrix[1][1]         1.0000000000 
_pdbx_struct_oper_list.matrix[1][2]         0.0000000000 
_pdbx_struct_oper_list.matrix[1][3]         0.0000000000 
_pdbx_struct_oper_list.vector[1]            0.0000000000 
_pdbx_struct_oper_list.matrix[2][1]         0.0000000000 
_pdbx_struct_oper_list.matrix[2][2]         1.0000000000 
_pdbx_struct_oper_list.matrix[2][3]         0.0000000000 
_pdbx_struct_oper_list.vector[2]            0.0000000000 
_pdbx_struct_oper_list.matrix[3][1]         0.0000000000 
_pdbx_struct_oper_list.matrix[3][2]         0.0000000000 
_pdbx_struct_oper_list.matrix[3][3]         1.0000000000 
_pdbx_struct_oper_list.vector[3]            0.0000000000 
# 
loop_
_struct_conf.conf_type_id 
_struct_conf.id 
_struct_conf.pdbx_PDB_helix_id 
_struct_conf.beg_label_comp_id 
_struct_conf.beg_label_asym_id 
_struct_conf.beg_label_seq_id 
_struct_conf.pdbx_beg_PDB_ins_code 
_struct_conf.end_label_comp_id 
_struct_conf.end_label_asym_id 
_struct_conf.end_label_seq_id 
_struct_conf.pdbx_end_PDB_ins_code 
_struct_conf.beg_auth_comp_id 
_struct_conf.beg_auth_asym_id 
_struct_conf.beg_auth_seq_id 
_struct_conf.end_auth_comp_id 
_struct_conf.end_auth_asym_id 
_struct_conf.end_auth_seq_id 
_struct_conf.pdbx_PDB_helix_class 
_struct_conf.details 
_struct_conf.pdbx_PDB_helix_length 
HELX_P HELX_P1 1 ASP A 11 ? ASP A 18 ? ASP A 6  ASP A 13 1 ? 8  
HELX_P HELX_P2 2 ASP A 18 ? ILE A 38 ? ASP A 13 ILE A 33 1 ? 21 
HELX_P HELX_P3 3 ASP A 45 ? ARG A 62 ? ASP A 40 ARG A 57 1 ? 18 
HELX_P HELX_P4 4 ASP B 11 ? ILE B 38 ? ASP B 6  ILE B 33 1 ? 28 
HELX_P HELX_P5 5 ASP B 45 ? ARG B 62 ? ASP B 40 ARG B 57 1 ? 18 
# 
_struct_conf_type.id          HELX_P 
_struct_conf_type.criteria    ? 
_struct_conf_type.reference   ? 
# 
loop_
_struct_conn.id 
_struct_conn.conn_type_id 
_struct_conn.pdbx_leaving_atom_flag 
_struct_conn.pdbx_PDB_id 
_struct_conn.ptnr1_label_asym_id 
_struct_conn.ptnr1_label_comp_id 
_struct_conn.ptnr1_label_seq_id 
_struct_conn.ptnr1_label_atom_id 
_struct_conn.pdbx_ptnr1_label_alt_id 
_struct_conn.pdbx_ptnr1_PDB_ins_code 
_struct_conn.pdbx_ptnr1_standard_comp_id 
_struct_conn.ptnr1_symmetry 
_struct_conn.ptnr2_label_asym_id 
_struct_conn.ptnr2_label_comp_id 
_struct_conn.ptnr2_label_seq_id 
_struct_conn.ptnr2_label_atom_id 
_struct_conn.pdbx_ptnr2_label_alt_id 
_struct_conn.pdbx_ptnr2_PDB_ins_code 
_struct_conn.ptnr1_auth_asym_id 
_struct_conn.ptnr1_auth_comp_id 
_struct_conn.ptnr1_auth_seq_id 
_struct_conn.ptnr2_auth_asym_id 
_struct_conn.ptnr2_auth_comp_id 
_struct_conn.ptnr2_auth_seq_id 
_struct_conn.ptnr2_symmetry 
_struct_conn.pdbx_ptnr3_label_atom_id 
_struct_conn.pdbx_ptnr3_label_seq_id 
_struct_conn.pdbx_ptnr3_label_comp_id 
_struct_conn.pdbx_ptnr3_label_asym_id 
_struct_conn.pdbx_ptnr3_label_alt_id 
_struct_conn.pdbx_ptnr3_PDB_ins_code 
_struct_conn.details 
_struct_conn.pdbx_dist_value 
_struct_conn.pdbx_value_order 
_struct_conn.pdbx_role 
disulf1 disulf ?    ? A CYS 27 SG ? ? ? 1_555 B CYS 27 SG ? ? A CYS 22 B CYS 22 1_555 ? ? ? ? ? ? ? 2.034 ? ? 
covale1 covale both ? A ALA 16 C  ? ? ? 1_555 A MSE 17 N  ? ? A ALA 11 A MSE 12 1_555 ? ? ? ? ? ? ? 1.330 ? ? 
covale2 covale both ? A MSE 17 C  ? ? ? 1_555 A ASP 18 N  ? ? A MSE 12 A ASP 13 1_555 ? ? ? ? ? ? ? 1.331 ? ? 
covale3 covale both ? B ALA 16 C  ? ? ? 1_555 B MSE 17 N  ? ? B ALA 11 B MSE 12 1_555 ? ? ? ? ? ? ? 1.331 ? ? 
covale4 covale both ? B MSE 17 C  ? ? ? 1_555 B ASP 18 N  ? ? B MSE 12 B ASP 13 1_555 ? ? ? ? ? ? ? 1.330 ? ? 
# 
loop_
_struct_conn_type.id 
_struct_conn_type.criteria 
_struct_conn_type.reference 
disulf ? ? 
covale ? ? 
# 
loop_
_pdbx_modification_feature.ordinal 
_pdbx_modification_feature.label_comp_id 
_pdbx_modification_feature.label_asym_id 
_pdbx_modification_feature.label_seq_id 
_pdbx_modification_feature.label_alt_id 
_pdbx_modification_feature.modified_residue_label_comp_id 
_pdbx_modification_feature.modified_residue_label_asym_id 
_pdbx_modification_feature.modified_residue_label_seq_id 
_pdbx_modification_feature.modified_residue_label_alt_id 
_pdbx_modification_feature.auth_comp_id 
_pdbx_modification_feature.auth_asym_id 
_pdbx_modification_feature.auth_seq_id 
_pdbx_modification_feature.PDB_ins_code 
_pdbx_modification_feature.symmetry 
_pdbx_modification_feature.modified_residue_auth_comp_id 
_pdbx_modification_feature.modified_residue_auth_asym_id 
_pdbx_modification_feature.modified_residue_auth_seq_id 
_pdbx_modification_feature.modified_residue_PDB_ins_code 
_pdbx_modification_feature.modified_residue_symmetry 
_pdbx_modification_feature.comp_id_linking_atom 
_pdbx_modification_feature.modified_residue_id_linking_atom 
_pdbx_modification_feature.modified_residue_id 
_pdbx_modification_feature.ref_pcm_id 
_pdbx_modification_feature.ref_comp_id 
_pdbx_modification_feature.type 
_pdbx_modification_feature.category 
1 MSE A 17 ? .   . .  . MSE A 12 ? 1_555 .   . .  . .     .  .  MET 1 MSE Selenomethionine 'Named protein modification' 
2 MSE B 17 ? .   . .  . MSE B 12 ? 1_555 .   . .  . .     .  .  MET 1 MSE Selenomethionine 'Named protein modification' 
3 CYS A 27 ? CYS B 27 ? CYS A 22 ? 1_555 CYS B 22 ? 1_555 SG SG .   . .   None             'Disulfide bridge'           
# 
_pdbx_entry_details.entry_id                   2DB7 
_pdbx_entry_details.compound_details           ? 
_pdbx_entry_details.source_details             ? 
_pdbx_entry_details.nonpolymer_details         ? 
_pdbx_entry_details.sequence_details           ? 
_pdbx_entry_details.has_ligand_of_interest     ? 
_pdbx_entry_details.has_protein_modification   Y 
# 
_pdbx_SG_project.id                    1 
_pdbx_SG_project.project_name          'NPPSFA, National Project on Protein Structural and Functional Analyses' 
_pdbx_SG_project.full_name_of_center   'RIKEN Structural Genomics/Proteomics Initiative' 
_pdbx_SG_project.initial_of_center     RSGI 
# 
loop_
_pdbx_struct_mod_residue.id 
_pdbx_struct_mod_residue.label_asym_id 
_pdbx_struct_mod_residue.label_comp_id 
_pdbx_struct_mod_residue.label_seq_id 
_pdbx_struct_mod_residue.auth_asym_id 
_pdbx_struct_mod_residue.auth_comp_id 
_pdbx_struct_mod_residue.auth_seq_id 
_pdbx_struct_mod_residue.PDB_ins_code 
_pdbx_struct_mod_residue.parent_comp_id 
_pdbx_struct_mod_residue.details 
1 A MSE 17 A MSE 12 ? MET SELENOMETHIONINE 
2 B MSE 17 B MSE 12 ? MET SELENOMETHIONINE 
# 
loop_
_pdbx_unobs_or_zero_occ_residues.id 
_pdbx_unobs_or_zero_occ_residues.PDB_model_num 
_pdbx_unobs_or_zero_occ_residues.polymer_flag 
_pdbx_unobs_or_zero_occ_residues.occupancy_flag 
_pdbx_unobs_or_zero_occ_residues.auth_asym_id 
_pdbx_unobs_or_zero_occ_residues.auth_comp_id 
_pdbx_unobs_or_zero_occ_residues.auth_seq_id 
_pdbx_unobs_or_zero_occ_residues.PDB_ins_code 
_pdbx_unobs_or_zero_occ_residues.label_asym_id 
_pdbx_unobs_or_zero_occ_residues.label_comp_id 
_pdbx_unobs_or_zero_occ_residues.label_seq_id 
1  1 Y 1 A GLY -4 ? A GLY 1  
2  1 Y 1 A SER -3 ? A SER 2  
3  1 Y 1 A SER -2 ? A SER 3  
4  1 Y 1 A GLY -1 ? A GLY 4  
5  1 Y 1 A SER 0  ? A SER 5  
6  1 Y 1 A GLU 58 ? A GLU 63 
7  1 Y 1 A ALA 59 ? A ALA 64 
8  1 Y 1 B GLY -4 ? B GLY 1  
9  1 Y 1 B SER -3 ? B SER 2  
10 1 Y 1 B SER -2 ? B SER 3  
11 1 Y 1 B GLY -1 ? B GLY 4  
12 1 Y 1 B SER 0  ? B SER 5  
13 1 Y 1 B GLU 58 ? B GLU 63 
14 1 Y 1 B ALA 59 ? B ALA 64 
# 
loop_
_chem_comp_atom.comp_id 
_chem_comp_atom.atom_id 
_chem_comp_atom.type_symbol 
_chem_comp_atom.pdbx_aromatic_flag 
_chem_comp_atom.pdbx_stereo_config 
_chem_comp_atom.pdbx_ordinal 
ALA N    N  N N 1   
ALA CA   C  N S 2   
ALA C    C  N N 3   
ALA O    O  N N 4   
ALA CB   C  N N 5   
ALA OXT  O  N N 6   
ALA H    H  N N 7   
ALA H2   H  N N 8   
ALA HA   H  N N 9   
ALA HB1  H  N N 10  
ALA HB2  H  N N 11  
ALA HB3  H  N N 12  
ALA HXT  H  N N 13  
ARG N    N  N N 14  
ARG CA   C  N S 15  
ARG C    C  N N 16  
ARG O    O  N N 17  
ARG CB   C  N N 18  
ARG CG   C  N N 19  
ARG CD   C  N N 20  
ARG NE   N  N N 21  
ARG CZ   C  N N 22  
ARG NH1  N  N N 23  
ARG NH2  N  N N 24  
ARG OXT  O  N N 25  
ARG H    H  N N 26  
ARG H2   H  N N 27  
ARG HA   H  N N 28  
ARG HB2  H  N N 29  
ARG HB3  H  N N 30  
ARG HG2  H  N N 31  
ARG HG3  H  N N 32  
ARG HD2  H  N N 33  
ARG HD3  H  N N 34  
ARG HE   H  N N 35  
ARG HH11 H  N N 36  
ARG HH12 H  N N 37  
ARG HH21 H  N N 38  
ARG HH22 H  N N 39  
ARG HXT  H  N N 40  
ASN N    N  N N 41  
ASN CA   C  N S 42  
ASN C    C  N N 43  
ASN O    O  N N 44  
ASN CB   C  N N 45  
ASN CG   C  N N 46  
ASN OD1  O  N N 47  
ASN ND2  N  N N 48  
ASN OXT  O  N N 49  
ASN H    H  N N 50  
ASN H2   H  N N 51  
ASN HA   H  N N 52  
ASN HB2  H  N N 53  
ASN HB3  H  N N 54  
ASN HD21 H  N N 55  
ASN HD22 H  N N 56  
ASN HXT  H  N N 57  
ASP N    N  N N 58  
ASP CA   C  N S 59  
ASP C    C  N N 60  
ASP O    O  N N 61  
ASP CB   C  N N 62  
ASP CG   C  N N 63  
ASP OD1  O  N N 64  
ASP OD2  O  N N 65  
ASP OXT  O  N N 66  
ASP H    H  N N 67  
ASP H2   H  N N 68  
ASP HA   H  N N 69  
ASP HB2  H  N N 70  
ASP HB3  H  N N 71  
ASP HD2  H  N N 72  
ASP HXT  H  N N 73  
CYS N    N  N N 74  
CYS CA   C  N R 75  
CYS C    C  N N 76  
CYS O    O  N N 77  
CYS CB   C  N N 78  
CYS SG   S  N N 79  
CYS OXT  O  N N 80  
CYS H    H  N N 81  
CYS H2   H  N N 82  
CYS HA   H  N N 83  
CYS HB2  H  N N 84  
CYS HB3  H  N N 85  
CYS HG   H  N N 86  
CYS HXT  H  N N 87  
GLN N    N  N N 88  
GLN CA   C  N S 89  
GLN C    C  N N 90  
GLN O    O  N N 91  
GLN CB   C  N N 92  
GLN CG   C  N N 93  
GLN CD   C  N N 94  
GLN OE1  O  N N 95  
GLN NE2  N  N N 96  
GLN OXT  O  N N 97  
GLN H    H  N N 98  
GLN H2   H  N N 99  
GLN HA   H  N N 100 
GLN HB2  H  N N 101 
GLN HB3  H  N N 102 
GLN HG2  H  N N 103 
GLN HG3  H  N N 104 
GLN HE21 H  N N 105 
GLN HE22 H  N N 106 
GLN HXT  H  N N 107 
GLU N    N  N N 108 
GLU CA   C  N S 109 
GLU C    C  N N 110 
GLU O    O  N N 111 
GLU CB   C  N N 112 
GLU CG   C  N N 113 
GLU CD   C  N N 114 
GLU OE1  O  N N 115 
GLU OE2  O  N N 116 
GLU OXT  O  N N 117 
GLU H    H  N N 118 
GLU H2   H  N N 119 
GLU HA   H  N N 120 
GLU HB2  H  N N 121 
GLU HB3  H  N N 122 
GLU HG2  H  N N 123 
GLU HG3  H  N N 124 
GLU HE2  H  N N 125 
GLU HXT  H  N N 126 
GLY N    N  N N 127 
GLY CA   C  N N 128 
GLY C    C  N N 129 
GLY O    O  N N 130 
GLY OXT  O  N N 131 
GLY H    H  N N 132 
GLY H2   H  N N 133 
GLY HA2  H  N N 134 
GLY HA3  H  N N 135 
GLY HXT  H  N N 136 
HIS N    N  N N 137 
HIS CA   C  N S 138 
HIS C    C  N N 139 
HIS O    O  N N 140 
HIS CB   C  N N 141 
HIS CG   C  Y N 142 
HIS ND1  N  Y N 143 
HIS CD2  C  Y N 144 
HIS CE1  C  Y N 145 
HIS NE2  N  Y N 146 
HIS OXT  O  N N 147 
HIS H    H  N N 148 
HIS H2   H  N N 149 
HIS HA   H  N N 150 
HIS HB2  H  N N 151 
HIS HB3  H  N N 152 
HIS HD1  H  N N 153 
HIS HD2  H  N N 154 
HIS HE1  H  N N 155 
HIS HE2  H  N N 156 
HIS HXT  H  N N 157 
HOH O    O  N N 158 
HOH H1   H  N N 159 
HOH H2   H  N N 160 
ILE N    N  N N 161 
ILE CA   C  N S 162 
ILE C    C  N N 163 
ILE O    O  N N 164 
ILE CB   C  N S 165 
ILE CG1  C  N N 166 
ILE CG2  C  N N 167 
ILE CD1  C  N N 168 
ILE OXT  O  N N 169 
ILE H    H  N N 170 
ILE H2   H  N N 171 
ILE HA   H  N N 172 
ILE HB   H  N N 173 
ILE HG12 H  N N 174 
ILE HG13 H  N N 175 
ILE HG21 H  N N 176 
ILE HG22 H  N N 177 
ILE HG23 H  N N 178 
ILE HD11 H  N N 179 
ILE HD12 H  N N 180 
ILE HD13 H  N N 181 
ILE HXT  H  N N 182 
LEU N    N  N N 183 
LEU CA   C  N S 184 
LEU C    C  N N 185 
LEU O    O  N N 186 
LEU CB   C  N N 187 
LEU CG   C  N N 188 
LEU CD1  C  N N 189 
LEU CD2  C  N N 190 
LEU OXT  O  N N 191 
LEU H    H  N N 192 
LEU H2   H  N N 193 
LEU HA   H  N N 194 
LEU HB2  H  N N 195 
LEU HB3  H  N N 196 
LEU HG   H  N N 197 
LEU HD11 H  N N 198 
LEU HD12 H  N N 199 
LEU HD13 H  N N 200 
LEU HD21 H  N N 201 
LEU HD22 H  N N 202 
LEU HD23 H  N N 203 
LEU HXT  H  N N 204 
MET N    N  N N 205 
MET CA   C  N S 206 
MET C    C  N N 207 
MET O    O  N N 208 
MET CB   C  N N 209 
MET CG   C  N N 210 
MET SD   S  N N 211 
MET CE   C  N N 212 
MET OXT  O  N N 213 
MET H    H  N N 214 
MET H2   H  N N 215 
MET HA   H  N N 216 
MET HB2  H  N N 217 
MET HB3  H  N N 218 
MET HG2  H  N N 219 
MET HG3  H  N N 220 
MET HE1  H  N N 221 
MET HE2  H  N N 222 
MET HE3  H  N N 223 
MET HXT  H  N N 224 
MSE N    N  N N 225 
MSE CA   C  N S 226 
MSE C    C  N N 227 
MSE O    O  N N 228 
MSE OXT  O  N N 229 
MSE CB   C  N N 230 
MSE CG   C  N N 231 
MSE SE   SE N N 232 
MSE CE   C  N N 233 
MSE H    H  N N 234 
MSE H2   H  N N 235 
MSE HA   H  N N 236 
MSE HXT  H  N N 237 
MSE HB2  H  N N 238 
MSE HB3  H  N N 239 
MSE HG2  H  N N 240 
MSE HG3  H  N N 241 
MSE HE1  H  N N 242 
MSE HE2  H  N N 243 
MSE HE3  H  N N 244 
PHE N    N  N N 245 
PHE CA   C  N S 246 
PHE C    C  N N 247 
PHE O    O  N N 248 
PHE CB   C  N N 249 
PHE CG   C  Y N 250 
PHE CD1  C  Y N 251 
PHE CD2  C  Y N 252 
PHE CE1  C  Y N 253 
PHE CE2  C  Y N 254 
PHE CZ   C  Y N 255 
PHE OXT  O  N N 256 
PHE H    H  N N 257 
PHE H2   H  N N 258 
PHE HA   H  N N 259 
PHE HB2  H  N N 260 
PHE HB3  H  N N 261 
PHE HD1  H  N N 262 
PHE HD2  H  N N 263 
PHE HE1  H  N N 264 
PHE HE2  H  N N 265 
PHE HZ   H  N N 266 
PHE HXT  H  N N 267 
PRO N    N  N N 268 
PRO CA   C  N S 269 
PRO C    C  N N 270 
PRO O    O  N N 271 
PRO CB   C  N N 272 
PRO CG   C  N N 273 
PRO CD   C  N N 274 
PRO OXT  O  N N 275 
PRO H    H  N N 276 
PRO HA   H  N N 277 
PRO HB2  H  N N 278 
PRO HB3  H  N N 279 
PRO HG2  H  N N 280 
PRO HG3  H  N N 281 
PRO HD2  H  N N 282 
PRO HD3  H  N N 283 
PRO HXT  H  N N 284 
SER N    N  N N 285 
SER CA   C  N S 286 
SER C    C  N N 287 
SER O    O  N N 288 
SER CB   C  N N 289 
SER OG   O  N N 290 
SER OXT  O  N N 291 
SER H    H  N N 292 
SER H2   H  N N 293 
SER HA   H  N N 294 
SER HB2  H  N N 295 
SER HB3  H  N N 296 
SER HG   H  N N 297 
SER HXT  H  N N 298 
TYR N    N  N N 299 
TYR CA   C  N S 300 
TYR C    C  N N 301 
TYR O    O  N N 302 
TYR CB   C  N N 303 
TYR CG   C  Y N 304 
TYR CD1  C  Y N 305 
TYR CD2  C  Y N 306 
TYR CE1  C  Y N 307 
TYR CE2  C  Y N 308 
TYR CZ   C  Y N 309 
TYR OH   O  N N 310 
TYR OXT  O  N N 311 
TYR H    H  N N 312 
TYR H2   H  N N 313 
TYR HA   H  N N 314 
TYR HB2  H  N N 315 
TYR HB3  H  N N 316 
TYR HD1  H  N N 317 
TYR HD2  H  N N 318 
TYR HE1  H  N N 319 
TYR HE2  H  N N 320 
TYR HH   H  N N 321 
TYR HXT  H  N N 322 
VAL N    N  N N 323 
VAL CA   C  N S 324 
VAL C    C  N N 325 
VAL O    O  N N 326 
VAL CB   C  N N 327 
VAL CG1  C  N N 328 
VAL CG2  C  N N 329 
VAL OXT  O  N N 330 
VAL H    H  N N 331 
VAL H2   H  N N 332 
VAL HA   H  N N 333 
VAL HB   H  N N 334 
VAL HG11 H  N N 335 
VAL HG12 H  N N 336 
VAL HG13 H  N N 337 
VAL HG21 H  N N 338 
VAL HG22 H  N N 339 
VAL HG23 H  N N 340 
VAL HXT  H  N N 341 
# 
loop_
_chem_comp_bond.comp_id 
_chem_comp_bond.atom_id_1 
_chem_comp_bond.atom_id_2 
_chem_comp_bond.value_order 
_chem_comp_bond.pdbx_aromatic_flag 
_chem_comp_bond.pdbx_stereo_config 
_chem_comp_bond.pdbx_ordinal 
ALA N   CA   sing N N 1   
ALA N   H    sing N N 2   
ALA N   H2   sing N N 3   
ALA CA  C    sing N N 4   
ALA CA  CB   sing N N 5   
ALA CA  HA   sing N N 6   
ALA C   O    doub N N 7   
ALA C   OXT  sing N N 8   
ALA CB  HB1  sing N N 9   
ALA CB  HB2  sing N N 10  
ALA CB  HB3  sing N N 11  
ALA OXT HXT  sing N N 12  
ARG N   CA   sing N N 13  
ARG N   H    sing N N 14  
ARG N   H2   sing N N 15  
ARG CA  C    sing N N 16  
ARG CA  CB   sing N N 17  
ARG CA  HA   sing N N 18  
ARG C   O    doub N N 19  
ARG C   OXT  sing N N 20  
ARG CB  CG   sing N N 21  
ARG CB  HB2  sing N N 22  
ARG CB  HB3  sing N N 23  
ARG CG  CD   sing N N 24  
ARG CG  HG2  sing N N 25  
ARG CG  HG3  sing N N 26  
ARG CD  NE   sing N N 27  
ARG CD  HD2  sing N N 28  
ARG CD  HD3  sing N N 29  
ARG NE  CZ   sing N N 30  
ARG NE  HE   sing N N 31  
ARG CZ  NH1  sing N N 32  
ARG CZ  NH2  doub N N 33  
ARG NH1 HH11 sing N N 34  
ARG NH1 HH12 sing N N 35  
ARG NH2 HH21 sing N N 36  
ARG NH2 HH22 sing N N 37  
ARG OXT HXT  sing N N 38  
ASN N   CA   sing N N 39  
ASN N   H    sing N N 40  
ASN N   H2   sing N N 41  
ASN CA  C    sing N N 42  
ASN CA  CB   sing N N 43  
ASN CA  HA   sing N N 44  
ASN C   O    doub N N 45  
ASN C   OXT  sing N N 46  
ASN CB  CG   sing N N 47  
ASN CB  HB2  sing N N 48  
ASN CB  HB3  sing N N 49  
ASN CG  OD1  doub N N 50  
ASN CG  ND2  sing N N 51  
ASN ND2 HD21 sing N N 52  
ASN ND2 HD22 sing N N 53  
ASN OXT HXT  sing N N 54  
ASP N   CA   sing N N 55  
ASP N   H    sing N N 56  
ASP N   H2   sing N N 57  
ASP CA  C    sing N N 58  
ASP CA  CB   sing N N 59  
ASP CA  HA   sing N N 60  
ASP C   O    doub N N 61  
ASP C   OXT  sing N N 62  
ASP CB  CG   sing N N 63  
ASP CB  HB2  sing N N 64  
ASP CB  HB3  sing N N 65  
ASP CG  OD1  doub N N 66  
ASP CG  OD2  sing N N 67  
ASP OD2 HD2  sing N N 68  
ASP OXT HXT  sing N N 69  
CYS N   CA   sing N N 70  
CYS N   H    sing N N 71  
CYS N   H2   sing N N 72  
CYS CA  C    sing N N 73  
CYS CA  CB   sing N N 74  
CYS CA  HA   sing N N 75  
CYS C   O    doub N N 76  
CYS C   OXT  sing N N 77  
CYS CB  SG   sing N N 78  
CYS CB  HB2  sing N N 79  
CYS CB  HB3  sing N N 80  
CYS SG  HG   sing N N 81  
CYS OXT HXT  sing N N 82  
GLN N   CA   sing N N 83  
GLN N   H    sing N N 84  
GLN N   H2   sing N N 85  
GLN CA  C    sing N N 86  
GLN CA  CB   sing N N 87  
GLN CA  HA   sing N N 88  
GLN C   O    doub N N 89  
GLN C   OXT  sing N N 90  
GLN CB  CG   sing N N 91  
GLN CB  HB2  sing N N 92  
GLN CB  HB3  sing N N 93  
GLN CG  CD   sing N N 94  
GLN CG  HG2  sing N N 95  
GLN CG  HG3  sing N N 96  
GLN CD  OE1  doub N N 97  
GLN CD  NE2  sing N N 98  
GLN NE2 HE21 sing N N 99  
GLN NE2 HE22 sing N N 100 
GLN OXT HXT  sing N N 101 
GLU N   CA   sing N N 102 
GLU N   H    sing N N 103 
GLU N   H2   sing N N 104 
GLU CA  C    sing N N 105 
GLU CA  CB   sing N N 106 
GLU CA  HA   sing N N 107 
GLU C   O    doub N N 108 
GLU C   OXT  sing N N 109 
GLU CB  CG   sing N N 110 
GLU CB  HB2  sing N N 111 
GLU CB  HB3  sing N N 112 
GLU CG  CD   sing N N 113 
GLU CG  HG2  sing N N 114 
GLU CG  HG3  sing N N 115 
GLU CD  OE1  doub N N 116 
GLU CD  OE2  sing N N 117 
GLU OE2 HE2  sing N N 118 
GLU OXT HXT  sing N N 119 
GLY N   CA   sing N N 120 
GLY N   H    sing N N 121 
GLY N   H2   sing N N 122 
GLY CA  C    sing N N 123 
GLY CA  HA2  sing N N 124 
GLY CA  HA3  sing N N 125 
GLY C   O    doub N N 126 
GLY C   OXT  sing N N 127 
GLY OXT HXT  sing N N 128 
HIS N   CA   sing N N 129 
HIS N   H    sing N N 130 
HIS N   H2   sing N N 131 
HIS CA  C    sing N N 132 
HIS CA  CB   sing N N 133 
HIS CA  HA   sing N N 134 
HIS C   O    doub N N 135 
HIS C   OXT  sing N N 136 
HIS CB  CG   sing N N 137 
HIS CB  HB2  sing N N 138 
HIS CB  HB3  sing N N 139 
HIS CG  ND1  sing Y N 140 
HIS CG  CD2  doub Y N 141 
HIS ND1 CE1  doub Y N 142 
HIS ND1 HD1  sing N N 143 
HIS CD2 NE2  sing Y N 144 
HIS CD2 HD2  sing N N 145 
HIS CE1 NE2  sing Y N 146 
HIS CE1 HE1  sing N N 147 
HIS NE2 HE2  sing N N 148 
HIS OXT HXT  sing N N 149 
HOH O   H1   sing N N 150 
HOH O   H2   sing N N 151 
ILE N   CA   sing N N 152 
ILE N   H    sing N N 153 
ILE N   H2   sing N N 154 
ILE CA  C    sing N N 155 
ILE CA  CB   sing N N 156 
ILE CA  HA   sing N N 157 
ILE C   O    doub N N 158 
ILE C   OXT  sing N N 159 
ILE CB  CG1  sing N N 160 
ILE CB  CG2  sing N N 161 
ILE CB  HB   sing N N 162 
ILE CG1 CD1  sing N N 163 
ILE CG1 HG12 sing N N 164 
ILE CG1 HG13 sing N N 165 
ILE CG2 HG21 sing N N 166 
ILE CG2 HG22 sing N N 167 
ILE CG2 HG23 sing N N 168 
ILE CD1 HD11 sing N N 169 
ILE CD1 HD12 sing N N 170 
ILE CD1 HD13 sing N N 171 
ILE OXT HXT  sing N N 172 
LEU N   CA   sing N N 173 
LEU N   H    sing N N 174 
LEU N   H2   sing N N 175 
LEU CA  C    sing N N 176 
LEU CA  CB   sing N N 177 
LEU CA  HA   sing N N 178 
LEU C   O    doub N N 179 
LEU C   OXT  sing N N 180 
LEU CB  CG   sing N N 181 
LEU CB  HB2  sing N N 182 
LEU CB  HB3  sing N N 183 
LEU CG  CD1  sing N N 184 
LEU CG  CD2  sing N N 185 
LEU CG  HG   sing N N 186 
LEU CD1 HD11 sing N N 187 
LEU CD1 HD12 sing N N 188 
LEU CD1 HD13 sing N N 189 
LEU CD2 HD21 sing N N 190 
LEU CD2 HD22 sing N N 191 
LEU CD2 HD23 sing N N 192 
LEU OXT HXT  sing N N 193 
MET N   CA   sing N N 194 
MET N   H    sing N N 195 
MET N   H2   sing N N 196 
MET CA  C    sing N N 197 
MET CA  CB   sing N N 198 
MET CA  HA   sing N N 199 
MET C   O    doub N N 200 
MET C   OXT  sing N N 201 
MET CB  CG   sing N N 202 
MET CB  HB2  sing N N 203 
MET CB  HB3  sing N N 204 
MET CG  SD   sing N N 205 
MET CG  HG2  sing N N 206 
MET CG  HG3  sing N N 207 
MET SD  CE   sing N N 208 
MET CE  HE1  sing N N 209 
MET CE  HE2  sing N N 210 
MET CE  HE3  sing N N 211 
MET OXT HXT  sing N N 212 
MSE N   CA   sing N N 213 
MSE N   H    sing N N 214 
MSE N   H2   sing N N 215 
MSE CA  C    sing N N 216 
MSE CA  CB   sing N N 217 
MSE CA  HA   sing N N 218 
MSE C   O    doub N N 219 
MSE C   OXT  sing N N 220 
MSE OXT HXT  sing N N 221 
MSE CB  CG   sing N N 222 
MSE CB  HB2  sing N N 223 
MSE CB  HB3  sing N N 224 
MSE CG  SE   sing N N 225 
MSE CG  HG2  sing N N 226 
MSE CG  HG3  sing N N 227 
MSE SE  CE   sing N N 228 
MSE CE  HE1  sing N N 229 
MSE CE  HE2  sing N N 230 
MSE CE  HE3  sing N N 231 
PHE N   CA   sing N N 232 
PHE N   H    sing N N 233 
PHE N   H2   sing N N 234 
PHE CA  C    sing N N 235 
PHE CA  CB   sing N N 236 
PHE CA  HA   sing N N 237 
PHE C   O    doub N N 238 
PHE C   OXT  sing N N 239 
PHE CB  CG   sing N N 240 
PHE CB  HB2  sing N N 241 
PHE CB  HB3  sing N N 242 
PHE CG  CD1  doub Y N 243 
PHE CG  CD2  sing Y N 244 
PHE CD1 CE1  sing Y N 245 
PHE CD1 HD1  sing N N 246 
PHE CD2 CE2  doub Y N 247 
PHE CD2 HD2  sing N N 248 
PHE CE1 CZ   doub Y N 249 
PHE CE1 HE1  sing N N 250 
PHE CE2 CZ   sing Y N 251 
PHE CE2 HE2  sing N N 252 
PHE CZ  HZ   sing N N 253 
PHE OXT HXT  sing N N 254 
PRO N   CA   sing N N 255 
PRO N   CD   sing N N 256 
PRO N   H    sing N N 257 
PRO CA  C    sing N N 258 
PRO CA  CB   sing N N 259 
PRO CA  HA   sing N N 260 
PRO C   O    doub N N 261 
PRO C   OXT  sing N N 262 
PRO CB  CG   sing N N 263 
PRO CB  HB2  sing N N 264 
PRO CB  HB3  sing N N 265 
PRO CG  CD   sing N N 266 
PRO CG  HG2  sing N N 267 
PRO CG  HG3  sing N N 268 
PRO CD  HD2  sing N N 269 
PRO CD  HD3  sing N N 270 
PRO OXT HXT  sing N N 271 
SER N   CA   sing N N 272 
SER N   H    sing N N 273 
SER N   H2   sing N N 274 
SER CA  C    sing N N 275 
SER CA  CB   sing N N 276 
SER CA  HA   sing N N 277 
SER C   O    doub N N 278 
SER C   OXT  sing N N 279 
SER CB  OG   sing N N 280 
SER CB  HB2  sing N N 281 
SER CB  HB3  sing N N 282 
SER OG  HG   sing N N 283 
SER OXT HXT  sing N N 284 
TYR N   CA   sing N N 285 
TYR N   H    sing N N 286 
TYR N   H2   sing N N 287 
TYR CA  C    sing N N 288 
TYR CA  CB   sing N N 289 
TYR CA  HA   sing N N 290 
TYR C   O    doub N N 291 
TYR C   OXT  sing N N 292 
TYR CB  CG   sing N N 293 
TYR CB  HB2  sing N N 294 
TYR CB  HB3  sing N N 295 
TYR CG  CD1  doub Y N 296 
TYR CG  CD2  sing Y N 297 
TYR CD1 CE1  sing Y N 298 
TYR CD1 HD1  sing N N 299 
TYR CD2 CE2  doub Y N 300 
TYR CD2 HD2  sing N N 301 
TYR CE1 CZ   doub Y N 302 
TYR CE1 HE1  sing N N 303 
TYR CE2 CZ   sing Y N 304 
TYR CE2 HE2  sing N N 305 
TYR CZ  OH   sing N N 306 
TYR OH  HH   sing N N 307 
TYR OXT HXT  sing N N 308 
VAL N   CA   sing N N 309 
VAL N   H    sing N N 310 
VAL N   H2   sing N N 311 
VAL CA  C    sing N N 312 
VAL CA  CB   sing N N 313 
VAL CA  HA   sing N N 314 
VAL C   O    doub N N 315 
VAL C   OXT  sing N N 316 
VAL CB  CG1  sing N N 317 
VAL CB  CG2  sing N N 318 
VAL CB  HB   sing N N 319 
VAL CG1 HG11 sing N N 320 
VAL CG1 HG12 sing N N 321 
VAL CG1 HG13 sing N N 322 
VAL CG2 HG21 sing N N 323 
VAL CG2 HG22 sing N N 324 
VAL CG2 HG23 sing N N 325 
VAL OXT HXT  sing N N 326 
# 
_atom_sites.entry_id                    2DB7 
_atom_sites.fract_transf_matrix[1][1]   -0.02320617 
_atom_sites.fract_transf_matrix[1][2]   -0.01880736 
_atom_sites.fract_transf_matrix[1][3]   -0.01882583 
_atom_sites.fract_transf_matrix[2][1]   0.01491902 
_atom_sites.fract_transf_matrix[2][2]   -0.01648429 
_atom_sites.fract_transf_matrix[2][3]   -0.00192222 
_atom_sites.fract_transf_matrix[3][1]   -0.00377862 
_atom_sites.fract_transf_matrix[3][2]   -0.00448551 
_atom_sites.fract_transf_matrix[3][3]   0.00913893 
_atom_sites.fract_transf_vector[1]      0.711249 
_atom_sites.fract_transf_vector[2]      0.710168 
_atom_sites.fract_transf_vector[3]      0.114670 
# 
loop_
_atom_type.symbol 
C  
N  
O  
S  
SE 
# 
loop_
_atom_site.group_PDB 
_atom_site.id 
_atom_site.type_symbol 
_atom_site.label_atom_id 
_atom_site.label_alt_id 
_atom_site.label_comp_id 
_atom_site.label_asym_id 
_atom_site.label_entity_id 
_atom_site.label_seq_id 
_atom_site.pdbx_PDB_ins_code 
_atom_site.Cartn_x 
_atom_site.Cartn_y 
_atom_site.Cartn_z 
_atom_site.occupancy 
_atom_site.B_iso_or_equiv 
_atom_site.pdbx_formal_charge 
_atom_site.auth_seq_id 
_atom_site.auth_comp_id 
_atom_site.auth_asym_id 
_atom_site.auth_atom_id 
_atom_site.pdbx_PDB_model_num 
ATOM   1   N  N   . SER A 1 6  ? 20.312  2.180   -22.378 1.00 30.65 ? 1   SER A N   1 
ATOM   2   C  CA  . SER A 1 6  ? 21.739  2.152   -22.810 1.00 31.21 ? 1   SER A CA  1 
ATOM   3   C  C   . SER A 1 6  ? 22.064  3.346   -23.702 1.00 28.13 ? 1   SER A C   1 
ATOM   4   O  O   . SER A 1 6  ? 21.191  3.874   -24.391 1.00 27.66 ? 1   SER A O   1 
ATOM   5   C  CB  . SER A 1 6  ? 22.037  0.859   -23.572 1.00 33.23 ? 1   SER A CB  1 
ATOM   6   O  OG  . SER A 1 6  ? 21.294  0.798   -24.776 1.00 37.01 ? 1   SER A OG  1 
ATOM   7   N  N   . GLY A 1 7  ? 23.326  3.762   -23.685 1.00 26.97 ? 2   GLY A N   1 
ATOM   8   C  CA  . GLY A 1 7  ? 23.750  4.889   -24.495 1.00 22.73 ? 2   GLY A CA  1 
ATOM   9   C  C   . GLY A 1 7  ? 23.081  6.186   -24.086 1.00 16.65 ? 2   GLY A C   1 
ATOM   10  O  O   . GLY A 1 7  ? 23.035  6.525   -22.903 1.00 17.63 ? 2   GLY A O   1 
ATOM   11  N  N   . GLY A 1 8  ? 22.561  6.914   -25.069 1.00 14.65 ? 3   GLY A N   1 
ATOM   12  C  CA  . GLY A 1 8  ? 21.902  8.177   -24.790 1.00 10.64 ? 3   GLY A CA  1 
ATOM   13  C  C   . GLY A 1 8  ? 20.452  7.999   -24.388 1.00 17.10 ? 3   GLY A C   1 
ATOM   14  O  O   . GLY A 1 8  ? 19.738  8.975   -24.158 1.00 15.53 ? 3   GLY A O   1 
ATOM   15  N  N   . TYR A 1 9  ? 20.013  6.749   -24.303 1.00 18.21 ? 4   TYR A N   1 
ATOM   16  C  CA  . TYR A 1 9  ? 18.638  6.453   -23.926 1.00 20.19 ? 4   TYR A CA  1 
ATOM   17  C  C   . TYR A 1 9  ? 18.539  5.993   -22.480 1.00 18.82 ? 4   TYR A C   1 
ATOM   18  O  O   . TYR A 1 9  ? 19.324  5.158   -22.026 1.00 19.78 ? 4   TYR A O   1 
ATOM   19  C  CB  . TYR A 1 9  ? 18.055  5.359   -24.820 1.00 27.03 ? 4   TYR A CB  1 
ATOM   20  C  CG  . TYR A 1 9  ? 16.667  4.916   -24.397 1.00 24.81 ? 4   TYR A CG  1 
ATOM   21  C  CD1 . TYR A 1 9  ? 15.548  5.696   -24.684 1.00 32.78 ? 4   TYR A CD1 1 
ATOM   22  C  CD2 . TYR A 1 9  ? 16.481  3.735   -23.680 1.00 23.83 ? 4   TYR A CD2 1 
ATOM   23  C  CE1 . TYR A 1 9  ? 14.275  5.312   -24.266 1.00 17.71 ? 4   TYR A CE1 1 
ATOM   24  C  CE2 . TYR A 1 9  ? 15.210  3.341   -23.256 1.00 22.71 ? 4   TYR A CE2 1 
ATOM   25  C  CZ  . TYR A 1 9  ? 14.114  4.136   -23.552 1.00 25.40 ? 4   TYR A CZ  1 
ATOM   26  O  OH  . TYR A 1 9  ? 12.859  3.764   -23.126 1.00 25.41 ? 4   TYR A OH  1 
ATOM   27  N  N   . PHE A 1 10 ? 17.571  6.545   -21.759 1.00 17.00 ? 5   PHE A N   1 
ATOM   28  C  CA  . PHE A 1 10 ? 17.353  6.151   -20.376 1.00 25.36 ? 5   PHE A CA  1 
ATOM   29  C  C   . PHE A 1 10 ? 15.981  5.494   -20.273 1.00 18.40 ? 5   PHE A C   1 
ATOM   30  O  O   . PHE A 1 10 ? 14.989  6.040   -20.760 1.00 18.30 ? 5   PHE A O   1 
ATOM   31  C  CB  . PHE A 1 10 ? 17.394  7.352   -19.437 1.00 18.77 ? 5   PHE A CB  1 
ATOM   32  C  CG  . PHE A 1 10 ? 17.069  7.001   -18.017 1.00 13.92 ? 5   PHE A CG  1 
ATOM   33  C  CD1 . PHE A 1 10 ? 17.973  6.277   -17.246 1.00 15.64 ? 5   PHE A CD1 1 
ATOM   34  C  CD2 . PHE A 1 10 ? 15.830  7.325   -17.471 1.00 10.29 ? 5   PHE A CD2 1 
ATOM   35  C  CE1 . PHE A 1 10 ? 17.649  5.876   -15.949 1.00 22.43 ? 5   PHE A CE1 1 
ATOM   36  C  CE2 . PHE A 1 10 ? 15.494  6.930   -16.177 1.00 17.44 ? 5   PHE A CE2 1 
ATOM   37  C  CZ  . PHE A 1 10 ? 16.407  6.201   -15.415 1.00 16.02 ? 5   PHE A CZ  1 
ATOM   38  N  N   . ASP A 1 11 ? 15.926  4.329   -19.635 1.00 14.08 ? 6   ASP A N   1 
ATOM   39  C  CA  . ASP A 1 11 ? 14.664  3.613   -19.480 1.00 16.34 ? 6   ASP A CA  1 
ATOM   40  C  C   . ASP A 1 11 ? 13.792  4.278   -18.422 1.00 21.32 ? 6   ASP A C   1 
ATOM   41  O  O   . ASP A 1 11 ? 13.788  3.865   -17.260 1.00 17.47 ? 6   ASP A O   1 
ATOM   42  C  CB  . ASP A 1 11 ? 14.920  2.163   -19.080 1.00 17.02 ? 6   ASP A CB  1 
ATOM   43  C  CG  . ASP A 1 11 ? 13.668  1.309   -19.155 1.00 20.31 ? 6   ASP A CG  1 
ATOM   44  O  OD1 . ASP A 1 11 ? 12.556  1.878   -19.209 1.00 14.20 ? 6   ASP A OD1 1 
ATOM   45  O  OD2 . ASP A 1 11 ? 13.795  0.067   -19.153 1.00 25.90 ? 6   ASP A OD2 1 
ATOM   46  N  N   . ALA A 1 12 ? 13.054  5.307   -18.827 1.00 14.87 ? 7   ALA A N   1 
ATOM   47  C  CA  . ALA A 1 12 ? 12.180  6.019   -17.904 1.00 10.87 ? 7   ALA A CA  1 
ATOM   48  C  C   . ALA A 1 12 ? 10.960  5.175   -17.545 1.00 14.44 ? 7   ALA A C   1 
ATOM   49  O  O   . ALA A 1 12 ? 10.254  5.473   -16.580 1.00 15.44 ? 7   ALA A O   1 
ATOM   50  C  CB  . ALA A 1 12 ? 11.742  7.344   -18.517 1.00 11.99 ? 7   ALA A CB  1 
ATOM   51  N  N   . HIS A 1 13 ? 10.704  4.122   -18.319 1.00 14.09 ? 8   HIS A N   1 
ATOM   52  C  CA  . HIS A 1 13 ? 9.564   3.264   -18.026 1.00 15.85 ? 8   HIS A CA  1 
ATOM   53  C  C   . HIS A 1 13 ? 9.864   2.422   -16.791 1.00 17.33 ? 8   HIS A C   1 
ATOM   54  O  O   . HIS A 1 13 ? 9.005   2.251   -15.928 1.00 11.67 ? 8   HIS A O   1 
ATOM   55  C  CB  . HIS A 1 13 ? 9.232   2.357   -19.217 1.00 12.47 ? 8   HIS A CB  1 
ATOM   56  C  CG  . HIS A 1 13 ? 8.108   1.405   -18.949 1.00 14.54 ? 8   HIS A CG  1 
ATOM   57  N  ND1 . HIS A 1 13 ? 8.301   0.166   -18.377 1.00 17.41 ? 8   HIS A ND1 1 
ATOM   58  C  CD2 . HIS A 1 13 ? 6.770   1.537   -19.113 1.00 16.92 ? 8   HIS A CD2 1 
ATOM   59  C  CE1 . HIS A 1 13 ? 7.132   -0.424  -18.200 1.00 19.24 ? 8   HIS A CE1 1 
ATOM   60  N  NE2 . HIS A 1 13 ? 6.186   0.389   -18.638 1.00 14.66 ? 8   HIS A NE2 1 
ATOM   61  N  N   . ALA A 1 14 ? 11.087  1.906   -16.707 1.00 13.70 ? 9   ALA A N   1 
ATOM   62  C  CA  . ALA A 1 14 ? 11.491  1.096   -15.560 1.00 20.26 ? 9   ALA A CA  1 
ATOM   63  C  C   . ALA A 1 14 ? 11.441  1.975   -14.317 1.00 14.88 ? 9   ALA A C   1 
ATOM   64  O  O   . ALA A 1 14 ? 11.065  1.524   -13.236 1.00 16.57 ? 9   ALA A O   1 
ATOM   65  C  CB  . ALA A 1 14 ? 12.903  0.554   -15.766 1.00 16.95 ? 9   ALA A CB  1 
ATOM   66  N  N   . LEU A 1 15 ? 11.823  3.238   -14.483 1.00 13.50 ? 10  LEU A N   1 
ATOM   67  C  CA  . LEU A 1 15 ? 11.808  4.199   -13.386 1.00 15.46 ? 10  LEU A CA  1 
ATOM   68  C  C   . LEU A 1 15 ? 10.371  4.410   -12.917 1.00 14.97 ? 10  LEU A C   1 
ATOM   69  O  O   . LEU A 1 15 ? 10.097  4.463   -11.719 1.00 17.05 ? 10  LEU A O   1 
ATOM   70  C  CB  . LEU A 1 15 ? 12.400  5.532   -13.850 1.00 13.63 ? 10  LEU A CB  1 
ATOM   71  C  CG  . LEU A 1 15 ? 12.343  6.701   -12.863 1.00 21.14 ? 10  LEU A CG  1 
ATOM   72  C  CD1 . LEU A 1 15 ? 12.984  6.301   -11.539 1.00 19.46 ? 10  LEU A CD1 1 
ATOM   73  C  CD2 . LEU A 1 15 ? 13.049  7.908   -13.466 1.00 18.76 ? 10  LEU A CD2 1 
ATOM   74  N  N   . ALA A 1 16 ? 9.454   4.532   -13.870 1.00 14.08 ? 11  ALA A N   1 
ATOM   75  C  CA  . ALA A 1 16 ? 8.049   4.730   -13.543 1.00 14.45 ? 11  ALA A CA  1 
ATOM   76  C  C   . ALA A 1 16 ? 7.528   3.557   -12.722 1.00 16.01 ? 11  ALA A C   1 
ATOM   77  O  O   . ALA A 1 16 ? 6.764   3.743   -11.777 1.00 16.79 ? 11  ALA A O   1 
ATOM   78  C  CB  . ALA A 1 16 ? 7.227   4.883   -14.823 1.00 17.25 ? 11  ALA A CB  1 
HETATM 79  N  N   . MSE A 1 17 ? 7.953   2.348   -13.081 1.00 13.00 ? 12  MSE A N   1 
HETATM 80  C  CA  . MSE A 1 17 ? 7.522   1.146   -12.370 1.00 16.13 ? 12  MSE A CA  1 
HETATM 81  C  C   . MSE A 1 17 ? 8.014   1.088   -10.932 1.00 17.48 ? 12  MSE A C   1 
HETATM 82  O  O   . MSE A 1 17 ? 7.422   0.398   -10.101 1.00 14.78 ? 12  MSE A O   1 
HETATM 83  C  CB  . MSE A 1 17 ? 7.997   -0.110  -13.097 1.00 12.89 ? 12  MSE A CB  1 
HETATM 84  C  CG  . MSE A 1 17 ? 7.226   -0.448  -14.354 1.00 27.91 ? 12  MSE A CG  1 
HETATM 85  SE SE  . MSE A 1 17 ? 7.892   -2.084  -15.120 1.00 51.63 ? 12  MSE A SE  1 
HETATM 86  C  CE  . MSE A 1 17 ? 7.759   -3.203  -13.559 1.00 21.82 ? 12  MSE A CE  1 
ATOM   87  N  N   . ASP A 1 18 ? 9.104   1.794   -10.639 1.00 17.45 ? 13  ASP A N   1 
ATOM   88  C  CA  . ASP A 1 18 ? 9.652   1.803   -9.285  1.00 14.72 ? 13  ASP A CA  1 
ATOM   89  C  C   . ASP A 1 18 ? 8.748   2.561   -8.328  1.00 14.55 ? 13  ASP A C   1 
ATOM   90  O  O   . ASP A 1 18 ? 8.893   2.458   -7.109  1.00 16.53 ? 13  ASP A O   1 
ATOM   91  C  CB  . ASP A 1 18 ? 11.052  2.422   -9.267  1.00 20.72 ? 13  ASP A CB  1 
ATOM   92  C  CG  . ASP A 1 18 ? 12.115  1.471   -9.779  1.00 34.29 ? 13  ASP A CG  1 
ATOM   93  O  OD1 . ASP A 1 18 ? 12.129  0.304   -9.339  1.00 37.58 ? 13  ASP A OD1 1 
ATOM   94  O  OD2 . ASP A 1 18 ? 12.942  1.891   -10.614 1.00 35.09 ? 13  ASP A OD2 1 
ATOM   95  N  N   . TYR A 1 19 ? 7.816   3.330   -8.878  1.00 9.22  ? 14  TYR A N   1 
ATOM   96  C  CA  . TYR A 1 19 ? 6.892   4.079   -8.046  1.00 11.70 ? 14  TYR A CA  1 
ATOM   97  C  C   . TYR A 1 19 ? 5.852   3.176   -7.395  1.00 9.73  ? 14  TYR A C   1 
ATOM   98  O  O   . TYR A 1 19 ? 5.207   3.568   -6.419  1.00 11.22 ? 14  TYR A O   1 
ATOM   99  C  CB  . TYR A 1 19 ? 6.191   5.167   -8.861  1.00 13.51 ? 14  TYR A CB  1 
ATOM   100 C  CG  . TYR A 1 19 ? 6.882   6.501   -8.760  1.00 21.57 ? 14  TYR A CG  1 
ATOM   101 C  CD1 . TYR A 1 19 ? 7.949   6.826   -9.596  1.00 18.53 ? 14  TYR A CD1 1 
ATOM   102 C  CD2 . TYR A 1 19 ? 6.492   7.427   -7.797  1.00 24.96 ? 14  TYR A CD2 1 
ATOM   103 C  CE1 . TYR A 1 19 ? 8.612   8.047   -9.470  1.00 23.21 ? 14  TYR A CE1 1 
ATOM   104 C  CE2 . TYR A 1 19 ? 7.144   8.641   -7.661  1.00 28.71 ? 14  TYR A CE2 1 
ATOM   105 C  CZ  . TYR A 1 19 ? 8.200   8.948   -8.497  1.00 29.80 ? 14  TYR A CZ  1 
ATOM   106 O  OH  . TYR A 1 19 ? 8.838   10.156  -8.343  1.00 45.50 ? 14  TYR A OH  1 
ATOM   107 N  N   . ARG A 1 20 ? 5.689   1.969   -7.929  1.00 14.13 ? 15  ARG A N   1 
ATOM   108 C  CA  . ARG A 1 20 ? 4.719   1.035   -7.368  1.00 10.09 ? 15  ARG A CA  1 
ATOM   109 C  C   . ARG A 1 20 ? 5.108   0.633   -5.948  1.00 13.02 ? 15  ARG A C   1 
ATOM   110 O  O   . ARG A 1 20 ? 4.267   0.624   -5.049  1.00 10.08 ? 15  ARG A O   1 
ATOM   111 C  CB  . ARG A 1 20 ? 4.599   -0.220  -8.237  1.00 18.70 ? 15  ARG A CB  1 
ATOM   112 C  CG  . ARG A 1 20 ? 3.505   -1.172  -7.763  1.00 22.92 ? 15  ARG A CG  1 
ATOM   113 C  CD  . ARG A 1 20 ? 3.300   -2.342  -8.715  1.00 30.61 ? 15  ARG A CD  1 
ATOM   114 N  NE  . ARG A 1 20 ? 4.490   -3.180  -8.828  1.00 36.28 ? 15  ARG A NE  1 
ATOM   115 C  CZ  . ARG A 1 20 ? 4.553   -4.290  -9.556  1.00 45.61 ? 15  ARG A CZ  1 
ATOM   116 N  NH1 . ARG A 1 20 ? 3.490   -4.699  -10.240 1.00 39.87 ? 15  ARG A NH1 1 
ATOM   117 N  NH2 . ARG A 1 20 ? 5.680   -4.989  -9.607  1.00 49.05 ? 15  ARG A NH2 1 
ATOM   118 N  N   . SER A 1 21 ? 6.381   0.302   -5.745  1.00 8.54  ? 16  SER A N   1 
ATOM   119 C  CA  . SER A 1 21 ? 6.852   -0.093  -4.420  1.00 11.73 ? 16  SER A CA  1 
ATOM   120 C  C   . SER A 1 21 ? 6.780   1.083   -3.450  1.00 12.65 ? 16  SER A C   1 
ATOM   121 O  O   . SER A 1 21 ? 6.562   0.894   -2.253  1.00 11.53 ? 16  SER A O   1 
ATOM   122 C  CB  . SER A 1 21 ? 8.290   -0.620  -4.489  1.00 20.53 ? 16  SER A CB  1 
ATOM   123 O  OG  . SER A 1 21 ? 9.185   0.388   -4.926  1.00 38.60 ? 16  SER A OG  1 
ATOM   124 N  N   . LEU A 1 22 ? 6.968   2.296   -3.965  1.00 13.03 ? 17  LEU A N   1 
ATOM   125 C  CA  . LEU A 1 22 ? 6.906   3.483   -3.123  1.00 12.12 ? 17  LEU A CA  1 
ATOM   126 C  C   . LEU A 1 22 ? 5.467   3.726   -2.681  1.00 10.57 ? 17  LEU A C   1 
ATOM   127 O  O   . LEU A 1 22 ? 5.209   4.057   -1.524  1.00 12.30 ? 17  LEU A O   1 
ATOM   128 C  CB  . LEU A 1 22 ? 7.431   4.707   -3.876  1.00 12.05 ? 17  LEU A CB  1 
ATOM   129 C  CG  . LEU A 1 22 ? 8.900   4.651   -4.301  1.00 19.00 ? 17  LEU A CG  1 
ATOM   130 C  CD1 . LEU A 1 22 ? 9.257   5.954   -4.999  1.00 27.84 ? 17  LEU A CD1 1 
ATOM   131 C  CD2 . LEU A 1 22 ? 9.798   4.423   -3.085  1.00 12.75 ? 17  LEU A CD2 1 
ATOM   132 N  N   . GLY A 1 23 ? 4.534   3.561   -3.612  1.00 8.82  ? 18  GLY A N   1 
ATOM   133 C  CA  . GLY A 1 23 ? 3.133   3.750   -3.286  1.00 9.60  ? 18  GLY A CA  1 
ATOM   134 C  C   . GLY A 1 23 ? 2.677   2.679   -2.315  1.00 8.41  ? 18  GLY A C   1 
ATOM   135 O  O   . GLY A 1 23 ? 1.897   2.944   -1.401  1.00 6.50  ? 18  GLY A O   1 
ATOM   136 N  N   . PHE A 1 24 ? 3.167   1.461   -2.516  1.00 7.90  ? 19  PHE A N   1 
ATOM   137 C  CA  . PHE A 1 24 ? 2.822   0.342   -1.646  1.00 8.16  ? 19  PHE A CA  1 
ATOM   138 C  C   . PHE A 1 24 ? 3.295   0.645   -0.229  1.00 12.43 ? 19  PHE A C   1 
ATOM   139 O  O   . PHE A 1 24 ? 2.549   0.474   0.735   1.00 7.60  ? 19  PHE A O   1 
ATOM   140 C  CB  . PHE A 1 24 ? 3.495   -0.945  -2.135  1.00 10.10 ? 19  PHE A CB  1 
ATOM   141 C  CG  . PHE A 1 24 ? 3.064   -2.180  -1.391  1.00 9.61  ? 19  PHE A CG  1 
ATOM   142 C  CD1 . PHE A 1 24 ? 2.083   -3.018  -1.917  1.00 11.31 ? 19  PHE A CD1 1 
ATOM   143 C  CD2 . PHE A 1 24 ? 3.629   -2.503  -0.158  1.00 10.11 ? 19  PHE A CD2 1 
ATOM   144 C  CE1 . PHE A 1 24 ? 1.667   -4.159  -1.230  1.00 14.88 ? 19  PHE A CE1 1 
ATOM   145 C  CE2 . PHE A 1 24 ? 3.219   -3.647  0.540   1.00 13.51 ? 19  PHE A CE2 1 
ATOM   146 C  CZ  . PHE A 1 24 ? 2.238   -4.474  0.003   1.00 12.96 ? 19  PHE A CZ  1 
ATOM   147 N  N   . ARG A 1 25 ? 4.539   1.101   -0.102  1.00 7.57  ? 20  ARG A N   1 
ATOM   148 C  CA  . ARG A 1 25 ? 5.076   1.404   1.214   1.00 8.73  ? 20  ARG A CA  1 
ATOM   149 C  C   . ARG A 1 25 ? 4.468   2.646   1.858   1.00 13.49 ? 20  ARG A C   1 
ATOM   150 O  O   . ARG A 1 25 ? 4.520   2.798   3.080   1.00 9.81  ? 20  ARG A O   1 
ATOM   151 C  CB  . ARG A 1 25 ? 6.601   1.487   1.151   1.00 8.41  ? 20  ARG A CB  1 
ATOM   152 C  CG  . ARG A 1 25 ? 7.227   0.095   1.120   1.00 14.64 ? 20  ARG A CG  1 
ATOM   153 C  CD  . ARG A 1 25 ? 8.728   0.134   0.955   1.00 17.77 ? 20  ARG A CD  1 
ATOM   154 N  NE  . ARG A 1 25 ? 9.111   0.548   -0.389  1.00 20.32 ? 20  ARG A NE  1 
ATOM   155 C  CZ  . ARG A 1 25 ? 10.368  0.626   -0.808  1.00 27.01 ? 20  ARG A CZ  1 
ATOM   156 N  NH1 . ARG A 1 25 ? 11.359  0.318   0.017   1.00 24.61 ? 20  ARG A NH1 1 
ATOM   157 N  NH2 . ARG A 1 25 ? 10.635  1.004   -2.053  1.00 17.02 ? 20  ARG A NH2 1 
ATOM   158 N  N   . GLU A 1 26 ? 3.889   3.531   1.049   1.00 6.09  ? 21  GLU A N   1 
ATOM   159 C  CA  . GLU A 1 26 ? 3.239   4.717   1.596   1.00 6.21  ? 21  GLU A CA  1 
ATOM   160 C  C   . GLU A 1 26 ? 2.020   4.214   2.372   1.00 7.16  ? 21  GLU A C   1 
ATOM   161 O  O   . GLU A 1 26 ? 1.687   4.712   3.446   1.00 8.79  ? 21  GLU A O   1 
ATOM   162 C  CB  . GLU A 1 26 ? 2.766   5.654   0.486   1.00 11.94 ? 21  GLU A CB  1 
ATOM   163 C  CG  . GLU A 1 26 ? 2.188   6.958   1.020   1.00 19.57 ? 21  GLU A CG  1 
ATOM   164 C  CD  . GLU A 1 26 ? 1.590   7.833   -0.064  1.00 32.63 ? 21  GLU A CD  1 
ATOM   165 O  OE1 . GLU A 1 26 ? 2.013   7.710   -1.233  1.00 23.71 ? 21  GLU A OE1 1 
ATOM   166 O  OE2 . GLU A 1 26 ? 0.705   8.651   0.259   1.00 28.37 ? 21  GLU A OE2 1 
ATOM   167 N  N   . CYS A 1 27 ? 1.353   3.216   1.809   1.00 10.99 ? 22  CYS A N   1 
ATOM   168 C  CA  . CYS A 1 27 ? 0.186   2.626   2.448   1.00 9.77  ? 22  CYS A CA  1 
ATOM   169 C  C   . CYS A 1 27 ? 0.629   1.847   3.680   1.00 6.99  ? 22  CYS A C   1 
ATOM   170 O  O   . CYS A 1 27 ? -0.023  1.906   4.719   1.00 7.37  ? 22  CYS A O   1 
ATOM   171 C  CB  . CYS A 1 27 ? -0.530  1.722   1.450   1.00 7.56  ? 22  CYS A CB  1 
ATOM   172 S  SG  . CYS A 1 27 ? -1.641  0.411   2.065   1.00 12.80 ? 22  CYS A SG  1 
ATOM   173 N  N   . LEU A 1 28 ? 1.747   1.135   3.569   1.00 8.10  ? 23  LEU A N   1 
ATOM   174 C  CA  . LEU A 1 28 ? 2.266   0.365   4.695   1.00 7.97  ? 23  LEU A CA  1 
ATOM   175 C  C   . LEU A 1 28 ? 2.551   1.312   5.858   1.00 7.29  ? 23  LEU A C   1 
ATOM   176 O  O   . LEU A 1 28 ? 2.226   1.015   7.008   1.00 6.31  ? 23  LEU A O   1 
ATOM   177 C  CB  . LEU A 1 28 ? 3.545   -0.380  4.287   1.00 7.46  ? 23  LEU A CB  1 
ATOM   178 C  CG  . LEU A 1 28 ? 4.170   -1.361  5.289   1.00 16.31 ? 23  LEU A CG  1 
ATOM   179 C  CD1 . LEU A 1 28 ? 5.130   -2.291  4.555   1.00 13.06 ? 23  LEU A CD1 1 
ATOM   180 C  CD2 . LEU A 1 28 ? 4.891   -0.603  6.394   1.00 11.65 ? 23  LEU A CD2 1 
ATOM   181 N  N   . ALA A 1 29 ? 3.148   2.459   5.554   1.00 7.10  ? 24  ALA A N   1 
ATOM   182 C  CA  . ALA A 1 29 ? 3.455   3.440   6.589   1.00 5.26  ? 24  ALA A CA  1 
ATOM   183 C  C   . ALA A 1 29 ? 2.174   3.957   7.235   1.00 5.15  ? 24  ALA A C   1 
ATOM   184 O  O   . ALA A 1 29 ? 2.117   4.138   8.451   1.00 5.21  ? 24  ALA A O   1 
ATOM   185 C  CB  . ALA A 1 29 ? 4.251   4.605   5.999   1.00 10.97 ? 24  ALA A CB  1 
ATOM   186 N  N   . GLU A 1 30 ? 1.144   4.188   6.425   1.00 6.02  ? 25  GLU A N   1 
ATOM   187 C  CA  . GLU A 1 30 ? -0.127  4.683   6.951   1.00 9.25  ? 25  GLU A CA  1 
ATOM   188 C  C   . GLU A 1 30 ? -0.803  3.622   7.813   1.00 7.66  ? 25  GLU A C   1 
ATOM   189 O  O   . GLU A 1 30 ? -1.481  3.943   8.789   1.00 6.32  ? 25  GLU A O   1 
ATOM   190 C  CB  . GLU A 1 30 ? -1.053  5.107   5.808   1.00 10.70 ? 25  GLU A CB  1 
ATOM   191 C  CG  . GLU A 1 30 ? -2.353  5.778   6.257   1.00 8.44  ? 25  GLU A CG  1 
ATOM   192 C  CD  . GLU A 1 30 ? -2.138  6.916   7.249   1.00 16.93 ? 25  GLU A CD  1 
ATOM   193 O  OE1 . GLU A 1 30 ? -1.046  7.521   7.255   1.00 16.61 ? 25  GLU A OE1 1 
ATOM   194 O  OE2 . GLU A 1 30 ? -3.072  7.217   8.022   1.00 18.16 ? 25  GLU A OE2 1 
ATOM   195 N  N   . VAL A 1 31 ? -0.619  2.355   7.452   1.00 8.96  ? 26  VAL A N   1 
ATOM   196 C  CA  . VAL A 1 31 ? -1.187  1.258   8.230   1.00 6.74  ? 26  VAL A CA  1 
ATOM   197 C  C   . VAL A 1 31 ? -0.585  1.286   9.634   1.00 6.87  ? 26  VAL A C   1 
ATOM   198 O  O   . VAL A 1 31 ? -1.303  1.217   10.631  1.00 4.38  ? 26  VAL A O   1 
ATOM   199 C  CB  . VAL A 1 31 ? -0.880  -0.115  7.586   1.00 5.25  ? 26  VAL A CB  1 
ATOM   200 C  CG1 . VAL A 1 31 ? -1.190  -1.240  8.567   1.00 8.31  ? 26  VAL A CG1 1 
ATOM   201 C  CG2 . VAL A 1 31 ? -1.706  -0.289  6.323   1.00 7.33  ? 26  VAL A CG2 1 
ATOM   202 N  N   . ALA A 1 32 ? 0.739   1.392   9.702   1.00 6.87  ? 27  ALA A N   1 
ATOM   203 C  CA  . ALA A 1 32 ? 1.439   1.426   10.982  1.00 9.09  ? 27  ALA A CA  1 
ATOM   204 C  C   . ALA A 1 32 ? 1.024   2.637   11.809  1.00 6.79  ? 27  ALA A C   1 
ATOM   205 O  O   . ALA A 1 32 ? 0.801   2.524   13.013  1.00 8.27  ? 27  ALA A O   1 
ATOM   206 C  CB  . ALA A 1 32 ? 2.949   1.445   10.756  1.00 12.17 ? 27  ALA A CB  1 
ATOM   207 N  N   . ARG A 1 33 ? 0.921   3.793   11.162  1.00 7.88  ? 28  ARG A N   1 
ATOM   208 C  CA  . ARG A 1 33 ? 0.523   5.013   11.857  1.00 7.18  ? 28  ARG A CA  1 
ATOM   209 C  C   . ARG A 1 33 ? -0.901  4.898   12.390  1.00 3.25  ? 28  ARG A C   1 
ATOM   210 O  O   . ARG A 1 33 ? -1.172  5.222   13.548  1.00 4.78  ? 28  ARG A O   1 
ATOM   211 C  CB  . ARG A 1 33 ? 0.613   6.211   10.911  1.00 11.56 ? 28  ARG A CB  1 
ATOM   212 C  CG  . ARG A 1 33 ? -0.014  7.471   11.468  1.00 18.42 ? 28  ARG A CG  1 
ATOM   213 C  CD  . ARG A 1 33 ? 0.024   8.599   10.453  1.00 22.09 ? 28  ARG A CD  1 
ATOM   214 N  NE  . ARG A 1 33 ? -0.724  9.756   10.927  1.00 40.43 ? 28  ARG A NE  1 
ATOM   215 C  CZ  . ARG A 1 33 ? -2.042  9.775   11.097  1.00 41.64 ? 28  ARG A CZ  1 
ATOM   216 N  NH1 . ARG A 1 33 ? -2.764  8.695   10.826  1.00 46.06 ? 28  ARG A NH1 1 
ATOM   217 N  NH2 . ARG A 1 33 ? -2.636  10.870  11.546  1.00 47.00 ? 28  ARG A NH2 1 
ATOM   218 N  N   . TYR A 1 34 ? -1.807  4.441   11.536  1.00 6.10  ? 29  TYR A N   1 
ATOM   219 C  CA  . TYR A 1 34 ? -3.208  4.289   11.913  1.00 9.35  ? 29  TYR A CA  1 
ATOM   220 C  C   . TYR A 1 34 ? -3.400  3.343   13.099  1.00 8.06  ? 29  TYR A C   1 
ATOM   221 O  O   . TYR A 1 34 ? -4.097  3.663   14.061  1.00 5.97  ? 29  TYR A O   1 
ATOM   222 C  CB  . TYR A 1 34 ? -4.021  3.772   10.720  1.00 7.48  ? 29  TYR A CB  1 
ATOM   223 C  CG  . TYR A 1 34 ? -5.471  3.534   11.066  1.00 8.40  ? 29  TYR A CG  1 
ATOM   224 C  CD1 . TYR A 1 34 ? -6.388  4.583   11.067  1.00 10.72 ? 29  TYR A CD1 1 
ATOM   225 C  CD2 . TYR A 1 34 ? -5.907  2.277   11.483  1.00 7.22  ? 29  TYR A CD2 1 
ATOM   226 C  CE1 . TYR A 1 34 ? -7.704  4.387   11.483  1.00 7.75  ? 29  TYR A CE1 1 
ATOM   227 C  CE2 . TYR A 1 34 ? -7.217  2.073   11.902  1.00 14.03 ? 29  TYR A CE2 1 
ATOM   228 C  CZ  . TYR A 1 34 ? -8.108  3.131   11.905  1.00 11.65 ? 29  TYR A CZ  1 
ATOM   229 O  OH  . TYR A 1 34 ? -9.393  2.935   12.366  1.00 10.28 ? 29  TYR A OH  1 
ATOM   230 N  N   . LEU A 1 35 ? -2.788  2.168   13.023  1.00 6.64  ? 30  LEU A N   1 
ATOM   231 C  CA  . LEU A 1 35 ? -2.918  1.189   14.092  1.00 8.32  ? 30  LEU A CA  1 
ATOM   232 C  C   . LEU A 1 35 ? -2.321  1.706   15.392  1.00 8.81  ? 30  LEU A C   1 
ATOM   233 O  O   . LEU A 1 35 ? -2.861  1.477   16.474  1.00 9.38  ? 30  LEU A O   1 
ATOM   234 C  CB  . LEU A 1 35 ? -2.229  -0.119  13.696  1.00 9.79  ? 30  LEU A CB  1 
ATOM   235 C  CG  . LEU A 1 35 ? -2.849  -0.886  12.525  1.00 11.62 ? 30  LEU A CG  1 
ATOM   236 C  CD1 . LEU A 1 35 ? -2.030  -2.137  12.245  1.00 6.87  ? 30  LEU A CD1 1 
ATOM   237 C  CD2 . LEU A 1 35 ? -4.287  -1.248  12.857  1.00 7.22  ? 30  LEU A CD2 1 
ATOM   238 N  N   . SER A 1 36 ? -1.208  2.418   15.275  1.00 6.76  ? 31  SER A N   1 
ATOM   239 C  CA  . SER A 1 36 ? -0.525  2.951   16.441  1.00 9.78  ? 31  SER A CA  1 
ATOM   240 C  C   . SER A 1 36 ? -1.249  4.127   17.088  1.00 14.22 ? 31  SER A C   1 
ATOM   241 O  O   . SER A 1 36 ? -1.522  4.113   18.289  1.00 12.83 ? 31  SER A O   1 
ATOM   242 C  CB  . SER A 1 36 ? 0.893   3.379   16.056  1.00 16.11 ? 31  SER A CB  1 
ATOM   243 O  OG  . SER A 1 36 ? 1.559   3.969   17.160  1.00 25.34 ? 31  SER A OG  1 
ATOM   244 N  N   . ILE A 1 37 ? -1.570  5.136   16.286  1.00 10.09 ? 32  ILE A N   1 
ATOM   245 C  CA  . ILE A 1 37 ? -2.221  6.337   16.794  1.00 10.11 ? 32  ILE A CA  1 
ATOM   246 C  C   . ILE A 1 37 ? -3.733  6.279   16.966  1.00 8.59  ? 32  ILE A C   1 
ATOM   247 O  O   . ILE A 1 37 ? -4.262  6.744   17.975  1.00 14.12 ? 32  ILE A O   1 
ATOM   248 C  CB  . ILE A 1 37 ? -1.898  7.545   15.898  1.00 13.44 ? 32  ILE A CB  1 
ATOM   249 C  CG1 . ILE A 1 37 ? -0.386  7.694   15.761  1.00 18.67 ? 32  ILE A CG1 1 
ATOM   250 C  CG2 . ILE A 1 37 ? -2.492  8.809   16.492  1.00 19.67 ? 32  ILE A CG2 1 
ATOM   251 C  CD1 . ILE A 1 37 ? 0.007   8.802   14.824  1.00 36.08 ? 32  ILE A CD1 1 
ATOM   252 N  N   . ILE A 1 38 ? -4.430  5.726   15.981  1.00 8.61  ? 33  ILE A N   1 
ATOM   253 C  CA  . ILE A 1 38 ? -5.887  5.651   16.038  1.00 7.20  ? 33  ILE A CA  1 
ATOM   254 C  C   . ILE A 1 38 ? -6.414  4.446   16.815  1.00 12.60 ? 33  ILE A C   1 
ATOM   255 O  O   . ILE A 1 38 ? -7.271  4.589   17.686  1.00 11.44 ? 33  ILE A O   1 
ATOM   256 C  CB  . ILE A 1 38 ? -6.492  5.623   14.619  1.00 6.73  ? 33  ILE A CB  1 
ATOM   257 C  CG1 . ILE A 1 38 ? -6.009  6.837   13.820  1.00 11.00 ? 33  ILE A CG1 1 
ATOM   258 C  CG2 . ILE A 1 38 ? -8.010  5.605   14.704  1.00 10.04 ? 33  ILE A CG2 1 
ATOM   259 C  CD1 . ILE A 1 38 ? -6.280  8.170   14.484  1.00 15.82 ? 33  ILE A CD1 1 
ATOM   260 N  N   . GLU A 1 39 ? -5.910  3.259   16.492  1.00 5.44  ? 34  GLU A N   1 
ATOM   261 C  CA  . GLU A 1 39 ? -6.342  2.038   17.169  1.00 5.19  ? 34  GLU A CA  1 
ATOM   262 C  C   . GLU A 1 39 ? -5.601  1.832   18.492  1.00 10.17 ? 34  GLU A C   1 
ATOM   263 O  O   . GLU A 1 39 ? -5.943  0.943   19.270  1.00 10.57 ? 34  GLU A O   1 
ATOM   264 C  CB  . GLU A 1 39 ? -6.122  0.822   16.267  1.00 11.90 ? 34  GLU A CB  1 
ATOM   265 C  CG  . GLU A 1 39 ? -7.001  0.772   15.019  1.00 13.64 ? 34  GLU A CG  1 
ATOM   266 C  CD  . GLU A 1 39 ? -8.490  0.713   15.332  1.00 19.72 ? 34  GLU A CD  1 
ATOM   267 O  OE1 . GLU A 1 39 ? -8.865  0.104   16.356  1.00 15.47 ? 34  GLU A OE1 1 
ATOM   268 O  OE2 . GLU A 1 39 ? -9.290  1.260   14.541  1.00 15.18 ? 34  GLU A OE2 1 
ATOM   269 N  N   . GLY A 1 40 ? -4.579  2.648   18.729  1.00 7.91  ? 35  GLY A N   1 
ATOM   270 C  CA  . GLY A 1 40 ? -3.817  2.555   19.965  1.00 11.27 ? 35  GLY A CA  1 
ATOM   271 C  C   . GLY A 1 40 ? -3.063  1.255   20.190  1.00 13.00 ? 35  GLY A C   1 
ATOM   272 O  O   . GLY A 1 40 ? -2.888  0.831   21.333  1.00 10.57 ? 35  GLY A O   1 
ATOM   273 N  N   . LEU A 1 41 ? -2.613  0.618   19.114  1.00 7.76  ? 36  LEU A N   1 
ATOM   274 C  CA  . LEU A 1 41 ? -1.872  -0.635  19.234  1.00 10.06 ? 36  LEU A CA  1 
ATOM   275 C  C   . LEU A 1 41 ? -0.381  -0.323  19.318  1.00 9.05  ? 36  LEU A C   1 
ATOM   276 O  O   . LEU A 1 41 ? 0.202   0.189   18.363  1.00 10.38 ? 36  LEU A O   1 
ATOM   277 C  CB  . LEU A 1 41 ? -2.149  -1.531  18.024  1.00 7.85  ? 36  LEU A CB  1 
ATOM   278 C  CG  . LEU A 1 41 ? -3.622  -1.841  17.735  1.00 13.98 ? 36  LEU A CG  1 
ATOM   279 C  CD1 . LEU A 1 41 ? -3.719  -2.746  16.514  1.00 14.44 ? 36  LEU A CD1 1 
ATOM   280 C  CD2 . LEU A 1 41 ? -4.263  -2.499  18.947  1.00 16.82 ? 36  LEU A CD2 1 
ATOM   281 N  N   . ASP A 1 42 ? 0.237   -0.634  20.454  1.00 11.98 ? 37  ASP A N   1 
ATOM   282 C  CA  . ASP A 1 42 ? 1.658   -0.352  20.625  1.00 15.48 ? 37  ASP A CA  1 
ATOM   283 C  C   . ASP A 1 42 ? 2.566   -1.260  19.801  1.00 14.89 ? 37  ASP A C   1 
ATOM   284 O  O   . ASP A 1 42 ? 2.098   -2.151  19.094  1.00 11.18 ? 37  ASP A O   1 
ATOM   285 C  CB  . ASP A 1 42 ? 2.057   -0.417  22.105  1.00 18.23 ? 37  ASP A CB  1 
ATOM   286 C  CG  . ASP A 1 42 ? 1.812   -1.777  22.724  1.00 24.51 ? 37  ASP A CG  1 
ATOM   287 O  OD1 . ASP A 1 42 ? 2.141   -2.797  22.084  1.00 19.79 ? 37  ASP A OD1 1 
ATOM   288 O  OD2 . ASP A 1 42 ? 1.305   -1.823  23.864  1.00 34.82 ? 37  ASP A OD2 1 
ATOM   289 N  N   . ALA A 1 43 ? 3.871   -1.023  19.906  1.00 11.59 ? 38  ALA A N   1 
ATOM   290 C  CA  . ALA A 1 43 ? 4.873   -1.777  19.154  1.00 14.05 ? 38  ALA A CA  1 
ATOM   291 C  C   . ALA A 1 43 ? 4.875   -3.285  19.377  1.00 12.78 ? 38  ALA A C   1 
ATOM   292 O  O   . ALA A 1 43 ? 5.413   -4.031  18.558  1.00 14.35 ? 38  ALA A O   1 
ATOM   293 C  CB  . ALA A 1 43 ? 6.266   -1.208  19.441  1.00 15.42 ? 38  ALA A CB  1 
ATOM   294 N  N   . SER A 1 44 ? 4.276   -3.743  20.470  1.00 9.35  ? 39  SER A N   1 
ATOM   295 C  CA  . SER A 1 44 ? 4.248   -5.176  20.753  1.00 16.72 ? 39  SER A CA  1 
ATOM   296 C  C   . SER A 1 44 ? 2.923   -5.866  20.458  1.00 16.14 ? 39  SER A C   1 
ATOM   297 O  O   . SER A 1 44 ? 2.805   -7.079  20.633  1.00 11.61 ? 39  SER A O   1 
ATOM   298 C  CB  . SER A 1 44 ? 4.638   -5.435  22.209  1.00 19.79 ? 39  SER A CB  1 
ATOM   299 O  OG  . SER A 1 44 ? 6.003   -5.132  22.426  1.00 30.92 ? 39  SER A OG  1 
ATOM   300 N  N   . ASP A 1 45 ? 1.927   -5.109  20.008  1.00 11.49 ? 40  ASP A N   1 
ATOM   301 C  CA  . ASP A 1 45 ? 0.629   -5.704  19.708  1.00 12.28 ? 40  ASP A CA  1 
ATOM   302 C  C   . ASP A 1 45 ? 0.772   -6.779  18.634  1.00 16.37 ? 40  ASP A C   1 
ATOM   303 O  O   . ASP A 1 45 ? 1.319   -6.528  17.563  1.00 10.50 ? 40  ASP A O   1 
ATOM   304 C  CB  . ASP A 1 45 ? -0.360  -4.650  19.221  1.00 11.66 ? 40  ASP A CB  1 
ATOM   305 C  CG  . ASP A 1 45 ? -1.731  -5.233  18.964  1.00 16.64 ? 40  ASP A CG  1 
ATOM   306 O  OD1 . ASP A 1 45 ? -2.441  -5.519  19.947  1.00 22.34 ? 40  ASP A OD1 1 
ATOM   307 O  OD2 . ASP A 1 45 ? -2.092  -5.424  17.782  1.00 18.11 ? 40  ASP A OD2 1 
ATOM   308 N  N   . PRO A 1 46 ? 0.264   -7.991  18.907  1.00 14.16 ? 41  PRO A N   1 
ATOM   309 C  CA  . PRO A 1 46 ? 0.335   -9.118  17.971  1.00 20.00 ? 41  PRO A CA  1 
ATOM   310 C  C   . PRO A 1 46 ? -0.174  -8.822  16.563  1.00 16.36 ? 41  PRO A C   1 
ATOM   311 O  O   . PRO A 1 46 ? 0.520   -9.074  15.580  1.00 13.23 ? 41  PRO A O   1 
ATOM   312 C  CB  . PRO A 1 46 ? -0.495  -10.196 18.666  1.00 16.15 ? 41  PRO A CB  1 
ATOM   313 C  CG  . PRO A 1 46 ? -0.275  -9.894  20.118  1.00 24.69 ? 41  PRO A CG  1 
ATOM   314 C  CD  . PRO A 1 46 ? -0.407  -8.393  20.156  1.00 19.31 ? 41  PRO A CD  1 
ATOM   315 N  N   . LEU A 1 47 ? -1.385  -8.287  16.462  1.00 11.82 ? 42  LEU A N   1 
ATOM   316 C  CA  . LEU A 1 47 ? -1.959  -7.992  15.154  1.00 14.46 ? 42  LEU A CA  1 
ATOM   317 C  C   . LEU A 1 47 ? -1.184  -6.935  14.373  1.00 11.14 ? 42  LEU A C   1 
ATOM   318 O  O   . LEU A 1 47 ? -0.932  -7.098  13.179  1.00 11.31 ? 42  LEU A O   1 
ATOM   319 C  CB  . LEU A 1 47 ? -3.417  -7.559  15.298  1.00 15.69 ? 42  LEU A CB  1 
ATOM   320 C  CG  . LEU A 1 47 ? -4.115  -7.214  13.979  1.00 21.59 ? 42  LEU A CG  1 
ATOM   321 C  CD1 . LEU A 1 47 ? -3.955  -8.358  12.988  1.00 25.34 ? 42  LEU A CD1 1 
ATOM   322 C  CD2 . LEU A 1 47 ? -5.580  -6.937  14.247  1.00 29.42 ? 42  LEU A CD2 1 
ATOM   323 N  N   . ARG A 1 48 ? -0.814  -5.849  15.040  1.00 6.48  ? 43  ARG A N   1 
ATOM   324 C  CA  . ARG A 1 48 ? -0.063  -4.792  14.380  1.00 6.09  ? 43  ARG A CA  1 
ATOM   325 C  C   . ARG A 1 48 ? 1.236   -5.340  13.803  1.00 7.45  ? 43  ARG A C   1 
ATOM   326 O  O   . ARG A 1 48 ? 1.584   -5.055  12.659  1.00 4.04  ? 43  ARG A O   1 
ATOM   327 C  CB  . ARG A 1 48 ? 0.260   -3.667  15.363  1.00 6.99  ? 43  ARG A CB  1 
ATOM   328 C  CG  . ARG A 1 48 ? 1.272   -2.675  14.818  1.00 12.15 ? 43  ARG A CG  1 
ATOM   329 C  CD  . ARG A 1 48 ? 1.582   -1.589  15.823  1.00 12.98 ? 43  ARG A CD  1 
ATOM   330 N  NE  . ARG A 1 48 ? 2.733   -0.793  15.406  1.00 13.82 ? 43  ARG A NE  1 
ATOM   331 C  CZ  . ARG A 1 48 ? 3.248   0.204   16.116  1.00 15.78 ? 43  ARG A CZ  1 
ATOM   332 N  NH1 . ARG A 1 48 ? 2.711   0.534   17.285  1.00 9.62  ? 43  ARG A NH1 1 
ATOM   333 N  NH2 . ARG A 1 48 ? 4.307   0.863   15.666  1.00 10.10 ? 43  ARG A NH2 1 
ATOM   334 N  N   . VAL A 1 49 ? 1.953   -6.126  14.600  1.00 6.88  ? 44  VAL A N   1 
ATOM   335 C  CA  . VAL A 1 49 ? 3.216   -6.703  14.150  1.00 7.48  ? 44  VAL A CA  1 
ATOM   336 C  C   . VAL A 1 49 ? 3.014   -7.710  13.017  1.00 5.59  ? 44  VAL A C   1 
ATOM   337 O  O   . VAL A 1 49 ? 3.775   -7.723  12.047  1.00 6.89  ? 44  VAL A O   1 
ATOM   338 C  CB  . VAL A 1 49 ? 3.963   -7.385  15.323  1.00 12.37 ? 44  VAL A CB  1 
ATOM   339 C  CG1 . VAL A 1 49 ? 5.116   -8.235  14.796  1.00 11.13 ? 44  VAL A CG1 1 
ATOM   340 C  CG2 . VAL A 1 49 ? 4.502   -6.323  16.273  1.00 8.91  ? 44  VAL A CG2 1 
ATOM   341 N  N   . ARG A 1 50 ? 1.995   -8.556  13.135  1.00 6.97  ? 45  ARG A N   1 
ATOM   342 C  CA  . ARG A 1 50 ? 1.736   -9.546  12.094  1.00 8.62  ? 45  ARG A CA  1 
ATOM   343 C  C   . ARG A 1 50 ? 1.352   -8.899  10.766  1.00 9.94  ? 45  ARG A C   1 
ATOM   344 O  O   . ARG A 1 50 ? 1.869   -9.274  9.715   1.00 6.85  ? 45  ARG A O   1 
ATOM   345 C  CB  . ARG A 1 50 ? 0.629   -10.517 12.520  1.00 8.32  ? 45  ARG A CB  1 
ATOM   346 C  CG  . ARG A 1 50 ? 1.061   -11.582 13.521  1.00 15.65 ? 45  ARG A CG  1 
ATOM   347 C  CD  . ARG A 1 50 ? 0.055   -12.729 13.540  1.00 17.48 ? 45  ARG A CD  1 
ATOM   348 N  NE  . ARG A 1 50 ? -1.289  -12.280 13.899  1.00 15.69 ? 45  ARG A NE  1 
ATOM   349 C  CZ  . ARG A 1 50 ? -1.731  -12.158 15.146  1.00 28.23 ? 45  ARG A CZ  1 
ATOM   350 N  NH1 . ARG A 1 50 ? -0.937  -12.455 16.167  1.00 24.46 ? 45  ARG A NH1 1 
ATOM   351 N  NH2 . ARG A 1 50 ? -2.968  -11.733 15.375  1.00 19.85 ? 45  ARG A NH2 1 
ATOM   352 N  N   . LEU A 1 51 ? 0.446   -7.927  10.811  1.00 9.15  ? 46  LEU A N   1 
ATOM   353 C  CA  . LEU A 1 51 ? 0.006   -7.253  9.590   1.00 9.32  ? 46  LEU A CA  1 
ATOM   354 C  C   . LEU A 1 51 ? 1.108   -6.444  8.916   1.00 7.95  ? 46  LEU A C   1 
ATOM   355 O  O   . LEU A 1 51 ? 1.327   -6.575  7.713   1.00 6.75  ? 46  LEU A O   1 
ATOM   356 C  CB  . LEU A 1 51 ? -1.194  -6.343  9.876   1.00 9.64  ? 46  LEU A CB  1 
ATOM   357 C  CG  . LEU A 1 51 ? -1.667  -5.461  8.713   1.00 9.46  ? 46  LEU A CG  1 
ATOM   358 C  CD1 . LEU A 1 51 ? -1.941  -6.302  7.465   1.00 7.11  ? 46  LEU A CD1 1 
ATOM   359 C  CD2 . LEU A 1 51 ? -2.915  -4.715  9.138   1.00 11.17 ? 46  LEU A CD2 1 
ATOM   360 N  N   . VAL A 1 52 ? 1.803   -5.606  9.676   1.00 4.36  ? 47  VAL A N   1 
ATOM   361 C  CA  . VAL A 1 52 ? 2.866   -4.807  9.079   1.00 2.93  ? 47  VAL A CA  1 
ATOM   362 C  C   . VAL A 1 52 ? 4.000   -5.678  8.530   1.00 6.55  ? 47  VAL A C   1 
ATOM   363 O  O   . VAL A 1 52 ? 4.523   -5.401  7.450   1.00 7.30  ? 47  VAL A O   1 
ATOM   364 C  CB  . VAL A 1 52 ? 3.431   -3.778  10.084  1.00 4.82  ? 47  VAL A CB  1 
ATOM   365 C  CG1 . VAL A 1 52 ? 4.612   -3.039  9.469   1.00 7.13  ? 47  VAL A CG1 1 
ATOM   366 C  CG2 . VAL A 1 52 ? 2.339   -2.780  10.461  1.00 6.36  ? 47  VAL A CG2 1 
ATOM   367 N  N   . SER A 1 53 ? 4.374   -6.734  9.250   1.00 6.03  ? 48  SER A N   1 
ATOM   368 C  CA  . SER A 1 53 ? 5.445   -7.602  8.762   1.00 4.97  ? 48  SER A CA  1 
ATOM   369 C  C   . SER A 1 53 ? 4.983   -8.341  7.507   1.00 4.97  ? 48  SER A C   1 
ATOM   370 O  O   . SER A 1 53 ? 5.770   -8.570  6.590   1.00 7.50  ? 48  SER A O   1 
ATOM   371 C  CB  . SER A 1 53 ? 5.886   -8.602  9.844   1.00 5.70  ? 48  SER A CB  1 
ATOM   372 O  OG  . SER A 1 53 ? 4.844   -9.486  10.211  1.00 8.27  ? 48  SER A OG  1 
ATOM   373 N  N   . HIS A 1 54 ? 3.707   -8.706  7.458   1.00 5.94  ? 49  HIS A N   1 
ATOM   374 C  CA  . HIS A 1 54 ? 3.175   -9.386  6.283   1.00 8.39  ? 49  HIS A CA  1 
ATOM   375 C  C   . HIS A 1 54 ? 3.352   -8.480  5.067   1.00 16.19 ? 49  HIS A C   1 
ATOM   376 O  O   . HIS A 1 54 ? 3.780   -8.926  3.999   1.00 6.90  ? 49  HIS A O   1 
ATOM   377 C  CB  . HIS A 1 54 ? 1.688   -9.690  6.459   1.00 8.63  ? 49  HIS A CB  1 
ATOM   378 C  CG  . HIS A 1 54 ? 1.045   -10.260 5.233   1.00 16.71 ? 49  HIS A CG  1 
ATOM   379 N  ND1 . HIS A 1 54 ? 1.282   -11.546 4.797   1.00 14.16 ? 49  HIS A ND1 1 
ATOM   380 C  CD2 . HIS A 1 54 ? 0.198   -9.707  4.332   1.00 12.68 ? 49  HIS A CD2 1 
ATOM   381 C  CE1 . HIS A 1 54 ? 0.608   -11.762 3.680   1.00 21.38 ? 49  HIS A CE1 1 
ATOM   382 N  NE2 . HIS A 1 54 ? -0.057  -10.661 3.377   1.00 17.47 ? 49  HIS A NE2 1 
ATOM   383 N  N   . LEU A 1 55 ? 3.015   -7.204  5.239   1.00 9.19  ? 50  LEU A N   1 
ATOM   384 C  CA  . LEU A 1 55 ? 3.132   -6.229  4.163   1.00 8.22  ? 50  LEU A CA  1 
ATOM   385 C  C   . LEU A 1 55 ? 4.587   -6.024  3.755   1.00 8.67  ? 50  LEU A C   1 
ATOM   386 O  O   . LEU A 1 55 ? 4.887   -5.857  2.575   1.00 7.82  ? 50  LEU A O   1 
ATOM   387 C  CB  . LEU A 1 55 ? 2.500   -4.899  4.589   1.00 6.69  ? 50  LEU A CB  1 
ATOM   388 C  CG  . LEU A 1 55 ? 0.987   -4.962  4.832   1.00 10.75 ? 50  LEU A CG  1 
ATOM   389 C  CD1 . LEU A 1 55 ? 0.490   -3.619  5.347   1.00 10.81 ? 50  LEU A CD1 1 
ATOM   390 C  CD2 . LEU A 1 55 ? 0.277   -5.327  3.535   1.00 7.76  ? 50  LEU A CD2 1 
ATOM   391 N  N   . ASN A 1 56 ? 5.489   -6.032  4.732   1.00 11.74 ? 51  ASN A N   1 
ATOM   392 C  CA  . ASN A 1 56 ? 6.914   -5.874  4.452   1.00 10.52 ? 51  ASN A CA  1 
ATOM   393 C  C   . ASN A 1 56 ? 7.405   -7.060  3.620   1.00 9.70  ? 51  ASN A C   1 
ATOM   394 O  O   . ASN A 1 56 ? 8.105   -6.884  2.622   1.00 9.00  ? 51  ASN A O   1 
ATOM   395 C  CB  . ASN A 1 56 ? 7.709   -5.806  5.762   1.00 10.57 ? 51  ASN A CB  1 
ATOM   396 C  CG  . ASN A 1 56 ? 7.891   -4.384  6.272   1.00 16.91 ? 51  ASN A CG  1 
ATOM   397 O  OD1 . ASN A 1 56 ? 7.922   -4.148  7.480   1.00 14.79 ? 51  ASN A OD1 1 
ATOM   398 N  ND2 . ASN A 1 56 ? 8.041   -3.437  5.356   1.00 6.81  ? 51  ASN A ND2 1 
ATOM   399 N  N   . ASN A 1 57 ? 7.035   -8.268  4.035   1.00 10.41 ? 52  ASN A N   1 
ATOM   400 C  CA  . ASN A 1 57 ? 7.444   -9.478  3.327   1.00 9.94  ? 52  ASN A CA  1 
ATOM   401 C  C   . ASN A 1 57 ? 6.818   -9.571  1.940   1.00 17.19 ? 52  ASN A C   1 
ATOM   402 O  O   . ASN A 1 57 ? 7.433   -10.083 1.005   1.00 14.96 ? 52  ASN A O   1 
ATOM   403 C  CB  . ASN A 1 57 ? 7.078   -10.726 4.134   1.00 10.43 ? 52  ASN A CB  1 
ATOM   404 C  CG  . ASN A 1 57 ? 7.771   -10.771 5.482   1.00 16.92 ? 52  ASN A CG  1 
ATOM   405 O  OD1 . ASN A 1 57 ? 8.930   -10.379 5.608   1.00 19.54 ? 52  ASN A OD1 1 
ATOM   406 N  ND2 . ASN A 1 57 ? 7.068   -11.266 6.496   1.00 17.11 ? 52  ASN A ND2 1 
ATOM   407 N  N   . TYR A 1 58 ? 5.589   -9.082  1.811   1.00 8.98  ? 53  TYR A N   1 
ATOM   408 C  CA  . TYR A 1 58 ? 4.899   -9.104  0.528   1.00 10.54 ? 53  TYR A CA  1 
ATOM   409 C  C   . TYR A 1 58 ? 5.681   -8.235  -0.454  1.00 13.14 ? 53  TYR A C   1 
ATOM   410 O  O   . TYR A 1 58 ? 5.958   -8.644  -1.582  1.00 17.33 ? 53  TYR A O   1 
ATOM   411 C  CB  . TYR A 1 58 ? 3.483   -8.550  0.680   1.00 11.52 ? 53  TYR A CB  1 
ATOM   412 C  CG  . TYR A 1 58 ? 2.661   -8.616  -0.584  1.00 15.12 ? 53  TYR A CG  1 
ATOM   413 C  CD1 . TYR A 1 58 ? 1.952   -9.767  -0.919  1.00 21.13 ? 53  TYR A CD1 1 
ATOM   414 C  CD2 . TYR A 1 58 ? 2.607   -7.530  -1.457  1.00 22.06 ? 53  TYR A CD2 1 
ATOM   415 C  CE1 . TYR A 1 58 ? 1.206   -9.837  -2.091  1.00 27.56 ? 53  TYR A CE1 1 
ATOM   416 C  CE2 . TYR A 1 58 ? 1.866   -7.590  -2.633  1.00 24.40 ? 53  TYR A CE2 1 
ATOM   417 C  CZ  . TYR A 1 58 ? 1.169   -8.745  -2.943  1.00 25.74 ? 53  TYR A CZ  1 
ATOM   418 O  OH  . TYR A 1 58 ? 0.443   -8.807  -4.109  1.00 35.39 ? 53  TYR A OH  1 
ATOM   419 N  N   . ALA A 1 59 ? 6.033   -7.035  -0.005  1.00 11.79 ? 54  ALA A N   1 
ATOM   420 C  CA  . ALA A 1 59 ? 6.778   -6.082  -0.818  1.00 18.63 ? 54  ALA A CA  1 
ATOM   421 C  C   . ALA A 1 59 ? 8.166   -6.598  -1.189  1.00 23.92 ? 54  ALA A C   1 
ATOM   422 O  O   . ALA A 1 59 ? 8.606   -6.449  -2.331  1.00 15.74 ? 54  ALA A O   1 
ATOM   423 C  CB  . ALA A 1 59 ? 6.899   -4.755  -0.075  1.00 20.26 ? 54  ALA A CB  1 
ATOM   424 N  N   . SER A 1 60 ? 8.857   -7.201  -0.226  1.00 17.04 ? 55  SER A N   1 
ATOM   425 C  CA  . SER A 1 60 ? 10.195  -7.726  -0.475  1.00 25.27 ? 55  SER A CA  1 
ATOM   426 C  C   . SER A 1 60 ? 10.162  -8.835  -1.522  1.00 23.60 ? 55  SER A C   1 
ATOM   427 O  O   . SER A 1 60 ? 11.042  -8.916  -2.377  1.00 30.19 ? 55  SER A O   1 
ATOM   428 C  CB  . SER A 1 60 ? 10.811  -8.258  0.824   1.00 27.99 ? 55  SER A CB  1 
ATOM   429 O  OG  . SER A 1 60 ? 10.088  -9.370  1.316   1.00 41.62 ? 55  SER A OG  1 
ATOM   430 N  N   . GLN A 1 61 ? 9.146   -9.691  -1.448  1.00 22.62 ? 56  GLN A N   1 
ATOM   431 C  CA  . GLN A 1 61 ? 9.003   -10.787 -2.399  1.00 31.59 ? 56  GLN A CA  1 
ATOM   432 C  C   . GLN A 1 61 ? 8.886   -10.254 -3.823  1.00 37.03 ? 56  GLN A C   1 
ATOM   433 O  O   . GLN A 1 61 ? 9.452   -10.825 -4.755  1.00 43.24 ? 56  GLN A O   1 
ATOM   434 C  CB  . GLN A 1 61 ? 7.769   -11.629 -2.066  1.00 36.56 ? 56  GLN A CB  1 
ATOM   435 C  CG  . GLN A 1 61 ? 7.894   -12.443 -0.790  1.00 53.15 ? 56  GLN A CG  1 
ATOM   436 C  CD  . GLN A 1 61 ? 6.642   -13.246 -0.487  1.00 61.92 ? 56  GLN A CD  1 
ATOM   437 O  OE1 . GLN A 1 61 ? 6.205   -14.065 -1.296  1.00 66.26 ? 56  GLN A OE1 1 
ATOM   438 N  NE2 . GLN A 1 61 ? 6.059   -13.013 0.684   1.00 61.63 ? 56  GLN A NE2 1 
ATOM   439 N  N   . ARG A 1 62 ? 8.149   -9.160  -3.986  1.00 37.52 ? 57  ARG A N   1 
ATOM   440 C  CA  . ARG A 1 62 ? 7.975   -8.557  -5.302  1.00 40.89 ? 57  ARG A CA  1 
ATOM   441 C  C   . ARG A 1 62 ? 9.223   -7.767  -5.678  1.00 40.70 ? 57  ARG A C   1 
ATOM   442 O  O   . ARG A 1 62 ? 9.786   -8.038  -6.760  1.00 43.42 ? 57  ARG A O   1 
ATOM   443 C  CB  . ARG A 1 62 ? 6.756   -7.629  -5.315  1.00 36.89 ? 57  ARG A CB  1 
ATOM   444 C  CG  . ARG A 1 62 ? 5.479   -8.268  -4.792  1.00 43.03 ? 57  ARG A CG  1 
ATOM   445 C  CD  . ARG A 1 62 ? 4.244   -7.515  -5.265  1.00 44.92 ? 57  ARG A CD  1 
ATOM   446 N  NE  . ARG A 1 62 ? 4.313   -6.084  -4.986  1.00 42.27 ? 57  ARG A NE  1 
ATOM   447 C  CZ  . ARG A 1 62 ? 3.361   -5.214  -5.310  1.00 45.27 ? 57  ARG A CZ  1 
ATOM   448 N  NH1 . ARG A 1 62 ? 2.262   -5.632  -5.925  1.00 38.38 ? 57  ARG A NH1 1 
ATOM   449 N  NH2 . ARG A 1 62 ? 3.505   -3.928  -5.025  1.00 42.35 ? 57  ARG A NH2 1 
ATOM   450 N  N   . SER B 1 6  ? -0.053  13.055  -23.071 1.00 30.61 ? 1   SER B N   1 
ATOM   451 C  CA  . SER B 1 6  ? -0.477  13.756  -24.317 1.00 29.55 ? 1   SER B CA  1 
ATOM   452 C  C   . SER B 1 6  ? 0.731   14.174  -25.147 1.00 26.38 ? 1   SER B C   1 
ATOM   453 O  O   . SER B 1 6  ? 1.817   14.407  -24.614 1.00 31.10 ? 1   SER B O   1 
ATOM   454 C  CB  . SER B 1 6  ? -1.321  14.981  -23.966 1.00 30.01 ? 1   SER B CB  1 
ATOM   455 O  OG  . SER B 1 6  ? -0.655  15.809  -23.027 1.00 39.34 ? 1   SER B OG  1 
ATOM   456 N  N   . GLY B 1 7  ? 0.536   14.264  -26.457 1.00 18.46 ? 2   GLY B N   1 
ATOM   457 C  CA  . GLY B 1 7  ? 1.622   14.646  -27.339 1.00 13.10 ? 2   GLY B CA  1 
ATOM   458 C  C   . GLY B 1 7  ? 2.259   13.411  -27.942 1.00 12.08 ? 2   GLY B C   1 
ATOM   459 O  O   . GLY B 1 7  ? 1.840   12.289  -27.655 1.00 14.69 ? 2   GLY B O   1 
ATOM   460 N  N   . GLY B 1 8  ? 3.284   13.611  -28.763 1.00 11.28 ? 3   GLY B N   1 
ATOM   461 C  CA  . GLY B 1 8  ? 3.939   12.487  -29.405 1.00 10.41 ? 3   GLY B CA  1 
ATOM   462 C  C   . GLY B 1 8  ? 5.062   11.833  -28.621 1.00 11.95 ? 3   GLY B C   1 
ATOM   463 O  O   . GLY B 1 8  ? 5.926   11.185  -29.212 1.00 10.04 ? 3   GLY B O   1 
ATOM   464 N  N   . TYR B 1 9  ? 5.065   11.990  -27.300 1.00 12.63 ? 4   TYR B N   1 
ATOM   465 C  CA  . TYR B 1 9  ? 6.119   11.391  -26.494 1.00 10.53 ? 4   TYR B CA  1 
ATOM   466 C  C   . TYR B 1 9  ? 5.610   10.582  -25.316 1.00 10.73 ? 4   TYR B C   1 
ATOM   467 O  O   . TYR B 1 9  ? 4.516   10.815  -24.805 1.00 8.06  ? 4   TYR B O   1 
ATOM   468 C  CB  . TYR B 1 9  ? 7.070   12.472  -25.979 1.00 14.49 ? 4   TYR B CB  1 
ATOM   469 C  CG  . TYR B 1 9  ? 7.542   13.390  -27.069 1.00 12.02 ? 4   TYR B CG  1 
ATOM   470 C  CD1 . TYR B 1 9  ? 6.945   14.633  -27.261 1.00 13.31 ? 4   TYR B CD1 1 
ATOM   471 C  CD2 . TYR B 1 9  ? 8.539   12.988  -27.958 1.00 13.07 ? 4   TYR B CD2 1 
ATOM   472 C  CE1 . TYR B 1 9  ? 7.329   15.456  -28.316 1.00 15.80 ? 4   TYR B CE1 1 
ATOM   473 C  CE2 . TYR B 1 9  ? 8.926   13.798  -29.014 1.00 14.19 ? 4   TYR B CE2 1 
ATOM   474 C  CZ  . TYR B 1 9  ? 8.319   15.029  -29.189 1.00 9.91  ? 4   TYR B CZ  1 
ATOM   475 O  OH  . TYR B 1 9  ? 8.695   15.830  -30.238 1.00 15.06 ? 4   TYR B OH  1 
ATOM   476 N  N   . PHE B 1 10 ? 6.421   9.619   -24.893 1.00 12.62 ? 5   PHE B N   1 
ATOM   477 C  CA  . PHE B 1 10 ? 6.074   8.791   -23.751 1.00 11.71 ? 5   PHE B CA  1 
ATOM   478 C  C   . PHE B 1 10 ? 6.170   9.661   -22.505 1.00 11.24 ? 5   PHE B C   1 
ATOM   479 O  O   . PHE B 1 10 ? 7.215   10.255  -22.234 1.00 11.57 ? 5   PHE B O   1 
ATOM   480 C  CB  . PHE B 1 10 ? 7.042   7.614   -23.638 1.00 9.25  ? 5   PHE B CB  1 
ATOM   481 C  CG  . PHE B 1 10 ? 6.974   6.903   -22.319 1.00 11.50 ? 5   PHE B CG  1 
ATOM   482 C  CD1 . PHE B 1 10 ? 5.759   6.439   -21.825 1.00 10.60 ? 5   PHE B CD1 1 
ATOM   483 C  CD2 . PHE B 1 10 ? 8.127   6.700   -21.567 1.00 15.89 ? 5   PHE B CD2 1 
ATOM   484 C  CE1 . PHE B 1 10 ? 5.694   5.779   -20.597 1.00 13.58 ? 5   PHE B CE1 1 
ATOM   485 C  CE2 . PHE B 1 10 ? 8.072   6.042   -20.341 1.00 16.81 ? 5   PHE B CE2 1 
ATOM   486 C  CZ  . PHE B 1 10 ? 6.855   5.582   -19.856 1.00 12.24 ? 5   PHE B CZ  1 
ATOM   487 N  N   . ASP B 1 11 ? 5.075   9.744   -21.755 1.00 9.94  ? 6   ASP B N   1 
ATOM   488 C  CA  . ASP B 1 11 ? 5.040   10.553  -20.540 1.00 13.39 ? 6   ASP B CA  1 
ATOM   489 C  C   . ASP B 1 11 ? 5.291   9.661   -19.329 1.00 11.73 ? 6   ASP B C   1 
ATOM   490 O  O   . ASP B 1 11 ? 4.361   9.076   -18.773 1.00 10.25 ? 6   ASP B O   1 
ATOM   491 C  CB  . ASP B 1 11 ? 3.678   11.233  -20.399 1.00 14.45 ? 6   ASP B CB  1 
ATOM   492 C  CG  . ASP B 1 11 ? 3.687   12.351  -19.374 1.00 26.49 ? 6   ASP B CG  1 
ATOM   493 O  OD1 . ASP B 1 11 ? 4.219   12.140  -18.264 1.00 25.90 ? 6   ASP B OD1 1 
ATOM   494 O  OD2 . ASP B 1 11 ? 3.156   13.441  -19.675 1.00 39.92 ? 6   ASP B OD2 1 
ATOM   495 N  N   . ALA B 1 12 ? 6.552   9.565   -18.922 1.00 11.99 ? 7   ALA B N   1 
ATOM   496 C  CA  . ALA B 1 12 ? 6.927   8.733   -17.788 1.00 17.13 ? 7   ALA B CA  1 
ATOM   497 C  C   . ALA B 1 12 ? 6.429   9.306   -16.466 1.00 18.81 ? 7   ALA B C   1 
ATOM   498 O  O   . ALA B 1 12 ? 6.302   8.584   -15.480 1.00 13.28 ? 7   ALA B O   1 
ATOM   499 C  CB  . ALA B 1 12 ? 8.443   8.564   -17.748 1.00 14.75 ? 7   ALA B CB  1 
ATOM   500 N  N   . HIS B 1 13 ? 6.148   10.607  -16.447 1.00 18.55 ? 8   HIS B N   1 
ATOM   501 C  CA  . HIS B 1 13 ? 5.667   11.263  -15.235 1.00 19.36 ? 8   HIS B CA  1 
ATOM   502 C  C   . HIS B 1 13 ? 4.264   10.785  -14.884 1.00 17.75 ? 8   HIS B C   1 
ATOM   503 O  O   . HIS B 1 13 ? 3.990   10.405  -13.746 1.00 16.37 ? 8   HIS B O   1 
ATOM   504 C  CB  . HIS B 1 13 ? 5.660   12.783  -15.426 1.00 25.70 ? 8   HIS B CB  1 
ATOM   505 C  CG  . HIS B 1 13 ? 6.980   13.346  -15.852 1.00 31.98 ? 8   HIS B CG  1 
ATOM   506 N  ND1 . HIS B 1 13 ? 8.140   13.154  -15.131 1.00 44.96 ? 8   HIS B ND1 1 
ATOM   507 C  CD2 . HIS B 1 13 ? 7.326   14.090  -16.929 1.00 42.33 ? 8   HIS B CD2 1 
ATOM   508 C  CE1 . HIS B 1 13 ? 9.142   13.755  -15.746 1.00 38.54 ? 8   HIS B CE1 1 
ATOM   509 N  NE2 . HIS B 1 13 ? 8.677   14.331  -16.839 1.00 37.06 ? 8   HIS B NE2 1 
ATOM   510 N  N   . ALA B 1 14 ? 3.379   10.804  -15.875 1.00 14.71 ? 9   ALA B N   1 
ATOM   511 C  CA  . ALA B 1 14 ? 2.000   10.378  -15.681 1.00 15.14 ? 9   ALA B CA  1 
ATOM   512 C  C   . ALA B 1 14 ? 1.942   8.898   -15.318 1.00 18.93 ? 9   ALA B C   1 
ATOM   513 O  O   . ALA B 1 14 ? 1.132   8.486   -14.489 1.00 16.69 ? 9   ALA B O   1 
ATOM   514 C  CB  . ALA B 1 14 ? 1.193   10.641  -16.949 1.00 19.94 ? 9   ALA B CB  1 
ATOM   515 N  N   . LEU B 1 15 ? 2.805   8.101   -15.938 1.00 14.78 ? 10  LEU B N   1 
ATOM   516 C  CA  . LEU B 1 15 ? 2.830   6.669   -15.663 1.00 10.88 ? 10  LEU B CA  1 
ATOM   517 C  C   . LEU B 1 15 ? 3.323   6.415   -14.243 1.00 14.21 ? 10  LEU B C   1 
ATOM   518 O  O   . LEU B 1 15 ? 2.821   5.529   -13.552 1.00 11.26 ? 10  LEU B O   1 
ATOM   519 C  CB  . LEU B 1 15 ? 3.736   5.945   -16.667 1.00 11.77 ? 10  LEU B CB  1 
ATOM   520 C  CG  . LEU B 1 15 ? 3.692   4.415   -16.613 1.00 18.57 ? 10  LEU B CG  1 
ATOM   521 C  CD1 . LEU B 1 15 ? 2.280   3.935   -16.916 1.00 12.06 ? 10  LEU B CD1 1 
ATOM   522 C  CD2 . LEU B 1 15 ? 4.675   3.831   -17.617 1.00 16.26 ? 10  LEU B CD2 1 
ATOM   523 N  N   . ALA B 1 16 ? 4.309   7.197   -13.810 1.00 13.18 ? 11  ALA B N   1 
ATOM   524 C  CA  . ALA B 1 16 ? 4.855   7.051   -12.466 1.00 12.92 ? 11  ALA B CA  1 
ATOM   525 C  C   . ALA B 1 16 ? 3.763   7.337   -11.442 1.00 11.18 ? 11  ALA B C   1 
ATOM   526 O  O   . ALA B 1 16 ? 3.632   6.620   -10.451 1.00 10.62 ? 11  ALA B O   1 
ATOM   527 C  CB  . ALA B 1 16 ? 6.030   8.008   -12.262 1.00 11.85 ? 11  ALA B CB  1 
HETATM 528 N  N   . MSE B 1 17 ? 2.978   8.384   -11.682 1.00 14.28 ? 12  MSE B N   1 
HETATM 529 C  CA  . MSE B 1 17 ? 1.902   8.737   -10.760 1.00 14.94 ? 12  MSE B CA  1 
HETATM 530 C  C   . MSE B 1 17 ? 0.864   7.626   -10.679 1.00 16.39 ? 12  MSE B C   1 
HETATM 531 O  O   . MSE B 1 17 ? 0.290   7.383   -9.619  1.00 16.51 ? 12  MSE B O   1 
HETATM 532 C  CB  . MSE B 1 17 ? 1.219   10.037  -11.189 1.00 20.02 ? 12  MSE B CB  1 
HETATM 533 C  CG  . MSE B 1 17 ? 2.119   11.256  -11.134 1.00 33.66 ? 12  MSE B CG  1 
HETATM 534 SE SE  . MSE B 1 17 ? 1.117   12.882  -11.395 1.00 49.50 ? 12  MSE B SE  1 
HETATM 535 C  CE  . MSE B 1 17 ? 0.816   12.738  -13.295 1.00 34.13 ? 12  MSE B CE  1 
ATOM   536 N  N   . ASP B 1 18 ? 0.624   6.952   -11.799 1.00 16.16 ? 13  ASP B N   1 
ATOM   537 C  CA  . ASP B 1 18 ? -0.350  5.872   -11.825 1.00 15.63 ? 13  ASP B CA  1 
ATOM   538 C  C   . ASP B 1 18 ? 0.166   4.645   -11.095 1.00 17.71 ? 13  ASP B C   1 
ATOM   539 O  O   . ASP B 1 18 ? -0.604  3.934   -10.449 1.00 14.00 ? 13  ASP B O   1 
ATOM   540 C  CB  . ASP B 1 18 ? -0.716  5.511   -13.265 1.00 18.05 ? 13  ASP B CB  1 
ATOM   541 C  CG  . ASP B 1 18 ? -1.432  6.640   -13.978 1.00 27.06 ? 13  ASP B CG  1 
ATOM   542 O  OD1 . ASP B 1 18 ? -2.304  7.279   -13.353 1.00 30.35 ? 13  ASP B OD1 1 
ATOM   543 O  OD2 . ASP B 1 18 ? -1.127  6.889   -15.160 1.00 34.04 ? 13  ASP B OD2 1 
ATOM   544 N  N   . TYR B 1 19 ? 1.468   4.393   -11.198 1.00 11.67 ? 14  TYR B N   1 
ATOM   545 C  CA  . TYR B 1 19 ? 2.063   3.253   -10.512 1.00 12.09 ? 14  TYR B CA  1 
ATOM   546 C  C   . TYR B 1 19 ? 2.063   3.520   -9.015  1.00 10.63 ? 14  TYR B C   1 
ATOM   547 O  O   . TYR B 1 19 ? 1.895   2.605   -8.210  1.00 10.99 ? 14  TYR B O   1 
ATOM   548 C  CB  . TYR B 1 19 ? 3.496   3.011   -10.992 1.00 13.90 ? 14  TYR B CB  1 
ATOM   549 C  CG  . TYR B 1 19 ? 3.599   1.976   -12.089 1.00 14.74 ? 14  TYR B CG  1 
ATOM   550 C  CD1 . TYR B 1 19 ? 3.937   2.337   -13.392 1.00 15.73 ? 14  TYR B CD1 1 
ATOM   551 C  CD2 . TYR B 1 19 ? 3.349   0.627   -11.823 1.00 19.33 ? 14  TYR B CD2 1 
ATOM   552 C  CE1 . TYR B 1 19 ? 4.023   1.381   -14.405 1.00 24.12 ? 14  TYR B CE1 1 
ATOM   553 C  CE2 . TYR B 1 19 ? 3.431   -0.334  -12.827 1.00 20.51 ? 14  TYR B CE2 1 
ATOM   554 C  CZ  . TYR B 1 19 ? 3.768   0.049   -14.113 1.00 21.04 ? 14  TYR B CZ  1 
ATOM   555 O  OH  . TYR B 1 19 ? 3.847   -0.900  -15.106 1.00 23.34 ? 14  TYR B OH  1 
ATOM   556 N  N   . ARG B 1 20 ? 2.247   4.783   -8.646  1.00 10.34 ? 15  ARG B N   1 
ATOM   557 C  CA  . ARG B 1 20 ? 2.261   5.165   -7.237  1.00 12.06 ? 15  ARG B CA  1 
ATOM   558 C  C   . ARG B 1 20 ? 0.881   4.901   -6.643  1.00 15.19 ? 15  ARG B C   1 
ATOM   559 O  O   . ARG B 1 20 ? 0.754   4.287   -5.583  1.00 11.78 ? 15  ARG B O   1 
ATOM   560 C  CB  . ARG B 1 20 ? 2.611   6.647   -7.102  1.00 17.61 ? 15  ARG B CB  1 
ATOM   561 C  CG  . ARG B 1 20 ? 2.978   7.097   -5.694  1.00 24.33 ? 15  ARG B CG  1 
ATOM   562 C  CD  . ARG B 1 20 ? 3.151   8.609   -5.667  1.00 34.60 ? 15  ARG B CD  1 
ATOM   563 N  NE  . ARG B 1 20 ? 3.700   9.109   -4.409  1.00 39.26 ? 15  ARG B NE  1 
ATOM   564 C  CZ  . ARG B 1 20 ? 4.983   9.038   -4.069  1.00 43.00 ? 15  ARG B CZ  1 
ATOM   565 N  NH1 . ARG B 1 20 ? 5.865   8.487   -4.892  1.00 49.09 ? 15  ARG B NH1 1 
ATOM   566 N  NH2 . ARG B 1 20 ? 5.387   9.522   -2.903  1.00 45.93 ? 15  ARG B NH2 1 
ATOM   567 N  N   . SER B 1 21 ? -0.158  5.359   -7.335  1.00 13.99 ? 16  SER B N   1 
ATOM   568 C  CA  . SER B 1 21 ? -1.523  5.160   -6.861  1.00 14.60 ? 16  SER B CA  1 
ATOM   569 C  C   . SER B 1 21 ? -1.875  3.674   -6.858  1.00 15.45 ? 16  SER B C   1 
ATOM   570 O  O   . SER B 1 21 ? -2.578  3.199   -5.967  1.00 12.69 ? 16  SER B O   1 
ATOM   571 C  CB  . SER B 1 21 ? -2.512  5.926   -7.746  1.00 16.18 ? 16  SER B CB  1 
ATOM   572 O  OG  . SER B 1 21 ? -2.523  5.409   -9.063  1.00 36.71 ? 16  SER B OG  1 
ATOM   573 N  N   . LEU B 1 22 ? -1.377  2.945   -7.852  1.00 12.79 ? 17  LEU B N   1 
ATOM   574 C  CA  . LEU B 1 22 ? -1.634  1.511   -7.969  1.00 18.01 ? 17  LEU B CA  1 
ATOM   575 C  C   . LEU B 1 22 ? -0.969  0.728   -6.842  1.00 13.85 ? 17  LEU B C   1 
ATOM   576 O  O   . LEU B 1 22 ? -1.565  -0.187  -6.275  1.00 11.38 ? 17  LEU B O   1 
ATOM   577 C  CB  . LEU B 1 22 ? -1.115  0.977   -9.303  1.00 20.01 ? 17  LEU B CB  1 
ATOM   578 C  CG  . LEU B 1 22 ? -1.329  -0.522  -9.530  1.00 26.07 ? 17  LEU B CG  1 
ATOM   579 C  CD1 . LEU B 1 22 ? -2.610  -0.735  -10.325 1.00 30.17 ? 17  LEU B CD1 1 
ATOM   580 C  CD2 . LEU B 1 22 ? -0.143  -1.103  -10.279 1.00 27.98 ? 17  LEU B CD2 1 
ATOM   581 N  N   . GLY B 1 23 ? 0.277   1.076   -6.536  1.00 10.91 ? 18  GLY B N   1 
ATOM   582 C  CA  . GLY B 1 23 ? 0.995   0.394   -5.475  1.00 8.13  ? 18  GLY B CA  1 
ATOM   583 C  C   . GLY B 1 23 ? 0.313   0.571   -4.135  1.00 8.56  ? 18  GLY B C   1 
ATOM   584 O  O   . GLY B 1 23 ? 0.251   -0.358  -3.329  1.00 7.80  ? 18  GLY B O   1 
ATOM   585 N  N   . PHE B 1 24 ? -0.200  1.772   -3.893  1.00 7.34  ? 19  PHE B N   1 
ATOM   586 C  CA  . PHE B 1 24 ? -0.886  2.058   -2.640  1.00 11.37 ? 19  PHE B CA  1 
ATOM   587 C  C   . PHE B 1 24 ? -2.113  1.157   -2.529  1.00 12.03 ? 19  PHE B C   1 
ATOM   588 O  O   . PHE B 1 24 ? -2.359  0.558   -1.485  1.00 10.46 ? 19  PHE B O   1 
ATOM   589 C  CB  . PHE B 1 24 ? -1.320  3.524   -2.593  1.00 7.69  ? 19  PHE B CB  1 
ATOM   590 C  CG  . PHE B 1 24 ? -1.898  3.942   -1.272  1.00 8.30  ? 19  PHE B CG  1 
ATOM   591 C  CD1 . PHE B 1 24 ? -1.111  4.597   -0.330  1.00 10.59 ? 19  PHE B CD1 1 
ATOM   592 C  CD2 . PHE B 1 24 ? -3.223  3.660   -0.958  1.00 10.82 ? 19  PHE B CD2 1 
ATOM   593 C  CE1 . PHE B 1 24 ? -1.636  4.966   0.907   1.00 12.52 ? 19  PHE B CE1 1 
ATOM   594 C  CE2 . PHE B 1 24 ? -3.756  4.021   0.274   1.00 19.69 ? 19  PHE B CE2 1 
ATOM   595 C  CZ  . PHE B 1 24 ? -2.962  4.675   1.208   1.00 14.48 ? 19  PHE B CZ  1 
ATOM   596 N  N   . ARG B 1 25 ? -2.878  1.058   -3.612  1.00 10.69 ? 20  ARG B N   1 
ATOM   597 C  CA  . ARG B 1 25 ? -4.080  0.227   -3.627  1.00 9.38  ? 20  ARG B CA  1 
ATOM   598 C  C   . ARG B 1 25 ? -3.779  -1.267  -3.553  1.00 9.63  ? 20  ARG B C   1 
ATOM   599 O  O   . ARG B 1 25 ? -4.621  -2.049  -3.117  1.00 12.11 ? 20  ARG B O   1 
ATOM   600 C  CB  . ARG B 1 25 ? -4.915  0.537   -4.873  1.00 7.20  ? 20  ARG B CB  1 
ATOM   601 C  CG  . ARG B 1 25 ? -5.562  1.916   -4.834  1.00 18.33 ? 20  ARG B CG  1 
ATOM   602 C  CD  . ARG B 1 25 ? -6.142  2.289   -6.184  1.00 26.22 ? 20  ARG B CD  1 
ATOM   603 N  NE  . ARG B 1 25 ? -7.180  1.361   -6.618  1.00 34.52 ? 20  ARG B NE  1 
ATOM   604 C  CZ  . ARG B 1 25 ? -7.625  1.280   -7.866  1.00 44.97 ? 20  ARG B CZ  1 
ATOM   605 N  NH1 . ARG B 1 25 ? -7.117  2.072   -8.800  1.00 46.56 ? 20  ARG B NH1 1 
ATOM   606 N  NH2 . ARG B 1 25 ? -8.579  0.414   -8.183  1.00 42.46 ? 20  ARG B NH2 1 
ATOM   607 N  N   . GLU B 1 26 ? -2.587  -1.671  -3.986  1.00 9.29  ? 21  GLU B N   1 
ATOM   608 C  CA  . GLU B 1 26 ? -2.212  -3.079  -3.916  1.00 7.04  ? 21  GLU B CA  1 
ATOM   609 C  C   . GLU B 1 26 ? -1.983  -3.461  -2.458  1.00 7.49  ? 21  GLU B C   1 
ATOM   610 O  O   . GLU B 1 26 ? -2.271  -4.579  -2.043  1.00 9.10  ? 21  GLU B O   1 
ATOM   611 C  CB  . GLU B 1 26 ? -0.946  -3.344  -4.726  1.00 15.14 ? 21  GLU B CB  1 
ATOM   612 C  CG  . GLU B 1 26 ? -1.157  -3.255  -6.219  1.00 24.21 ? 21  GLU B CG  1 
ATOM   613 C  CD  . GLU B 1 26 ? 0.044   -3.741  -6.992  1.00 33.58 ? 21  GLU B CD  1 
ATOM   614 O  OE1 . GLU B 1 26 ? 1.143   -3.183  -6.793  1.00 32.97 ? 21  GLU B OE1 1 
ATOM   615 O  OE2 . GLU B 1 26 ? -0.112  -4.683  -7.796  1.00 31.63 ? 21  GLU B OE2 1 
ATOM   616 N  N   . CYS B 1 27 ? -1.453  -2.521  -1.684  1.00 8.13  ? 22  CYS B N   1 
ATOM   617 C  CA  . CYS B 1 27 ? -1.216  -2.744  -0.264  1.00 9.13  ? 22  CYS B CA  1 
ATOM   618 C  C   . CYS B 1 27 ? -2.567  -2.790  0.432   1.00 8.27  ? 22  CYS B C   1 
ATOM   619 O  O   . CYS B 1 27 ? -2.803  -3.632  1.296   1.00 11.59 ? 22  CYS B O   1 
ATOM   620 C  CB  . CYS B 1 27 ? -0.359  -1.610  0.281   1.00 11.62 ? 22  CYS B CB  1 
ATOM   621 S  SG  . CYS B 1 27 ? -0.421  -1.217  2.059   1.00 14.19 ? 22  CYS B SG  1 
ATOM   622 N  N   . LEU B 1 28 ? -3.460  -1.889  0.030   1.00 8.78  ? 23  LEU B N   1 
ATOM   623 C  CA  . LEU B 1 28 ? -4.798  -1.825  0.601   1.00 11.07 ? 23  LEU B CA  1 
ATOM   624 C  C   . LEU B 1 28 ? -5.513  -3.148  0.325   1.00 7.69  ? 23  LEU B C   1 
ATOM   625 O  O   . LEU B 1 28 ? -6.183  -3.702  1.197   1.00 9.04  ? 23  LEU B O   1 
ATOM   626 C  CB  . LEU B 1 28 ? -5.577  -0.662  -0.025  1.00 13.02 ? 23  LEU B CB  1 
ATOM   627 C  CG  . LEU B 1 28 ? -6.764  -0.066  0.741   1.00 24.40 ? 23  LEU B CG  1 
ATOM   628 C  CD1 . LEU B 1 28 ? -7.391  1.034   -0.100  1.00 23.70 ? 23  LEU B CD1 1 
ATOM   629 C  CD2 . LEU B 1 28 ? -7.792  -1.133  1.063   1.00 22.25 ? 23  LEU B CD2 1 
ATOM   630 N  N   . ALA B 1 29 ? -5.364  -3.657  -0.894  1.00 7.34  ? 24  ALA B N   1 
ATOM   631 C  CA  . ALA B 1 29 ? -5.986  -4.920  -1.269  1.00 12.59 ? 24  ALA B CA  1 
ATOM   632 C  C   . ALA B 1 29 ? -5.433  -6.070  -0.431  1.00 11.99 ? 24  ALA B C   1 
ATOM   633 O  O   . ALA B 1 29 ? -6.181  -6.947  0.007   1.00 10.81 ? 24  ALA B O   1 
ATOM   634 C  CB  . ALA B 1 29 ? -5.753  -5.197  -2.752  1.00 15.16 ? 24  ALA B CB  1 
ATOM   635 N  N   . GLU B 1 30 ? -4.121  -6.066  -0.207  1.00 9.98  ? 25  GLU B N   1 
ATOM   636 C  CA  . GLU B 1 30 ? -3.485  -7.121  0.577   1.00 11.23 ? 25  GLU B CA  1 
ATOM   637 C  C   . GLU B 1 30 ? -3.897  -7.030  2.044   1.00 11.43 ? 25  GLU B C   1 
ATOM   638 O  O   . GLU B 1 30 ? -4.024  -8.050  2.721   1.00 11.51 ? 25  GLU B O   1 
ATOM   639 C  CB  . GLU B 1 30 ? -1.960  -7.032  0.441   1.00 12.72 ? 25  GLU B CB  1 
ATOM   640 C  CG  . GLU B 1 30 ? -1.191  -8.229  1.001   1.00 14.52 ? 25  GLU B CG  1 
ATOM   641 C  CD  . GLU B 1 30 ? -1.681  -9.571  0.468   1.00 22.78 ? 25  GLU B CD  1 
ATOM   642 O  OE1 . GLU B 1 30 ? -2.193  -9.624  -0.670  1.00 18.06 ? 25  GLU B OE1 1 
ATOM   643 O  OE2 . GLU B 1 30 ? -1.537  -10.581 1.189   1.00 19.62 ? 25  GLU B OE2 1 
ATOM   644 N  N   . VAL B 1 31 ? -4.108  -5.812  2.536   1.00 9.20  ? 26  VAL B N   1 
ATOM   645 C  CA  . VAL B 1 31 ? -4.535  -5.624  3.920   1.00 5.81  ? 26  VAL B CA  1 
ATOM   646 C  C   . VAL B 1 31 ? -5.910  -6.265  4.111   1.00 9.22  ? 26  VAL B C   1 
ATOM   647 O  O   . VAL B 1 31 ? -6.139  -6.994  5.072   1.00 6.69  ? 26  VAL B O   1 
ATOM   648 C  CB  . VAL B 1 31 ? -4.635  -4.120  4.288   1.00 7.87  ? 26  VAL B CB  1 
ATOM   649 C  CG1 . VAL B 1 31 ? -5.417  -3.942  5.591   1.00 6.02  ? 26  VAL B CG1 1 
ATOM   650 C  CG2 . VAL B 1 31 ? -3.236  -3.530  4.442   1.00 9.56  ? 26  VAL B CG2 1 
ATOM   651 N  N   . ALA B 1 32 ? -6.822  -5.993  3.183   1.00 10.39 ? 27  ALA B N   1 
ATOM   652 C  CA  . ALA B 1 32 ? -8.173  -6.541  3.262   1.00 15.27 ? 27  ALA B CA  1 
ATOM   653 C  C   . ALA B 1 32 ? -8.158  -8.060  3.155   1.00 13.66 ? 27  ALA B C   1 
ATOM   654 O  O   . ALA B 1 32 ? -8.835  -8.753  3.915   1.00 14.03 ? 27  ALA B O   1 
ATOM   655 C  CB  . ALA B 1 32 ? -9.041  -5.947  2.159   1.00 19.60 ? 27  ALA B CB  1 
ATOM   656 N  N   . ARG B 1 33 ? -7.374  -8.568  2.209   1.00 11.19 ? 28  ARG B N   1 
ATOM   657 C  CA  . ARG B 1 33 ? -7.267  -10.004 1.982   1.00 18.21 ? 28  ARG B CA  1 
ATOM   658 C  C   . ARG B 1 33 ? -6.619  -10.693 3.179   1.00 11.98 ? 28  ARG B C   1 
ATOM   659 O  O   . ARG B 1 33 ? -7.069  -11.752 3.617   1.00 16.45 ? 28  ARG B O   1 
ATOM   660 C  CB  . ARG B 1 33 ? -6.439  -10.271 0.721   1.00 20.73 ? 28  ARG B CB  1 
ATOM   661 C  CG  . ARG B 1 33 ? -6.674  -11.633 0.086   1.00 34.92 ? 28  ARG B CG  1 
ATOM   662 C  CD  . ARG B 1 33 ? -5.709  -11.870 -1.065  1.00 38.39 ? 28  ARG B CD  1 
ATOM   663 N  NE  . ARG B 1 33 ? -4.338  -12.040 -0.591  1.00 44.26 ? 28  ARG B NE  1 
ATOM   664 C  CZ  . ARG B 1 33 ? -3.930  -13.058 0.163   1.00 53.74 ? 28  ARG B CZ  1 
ATOM   665 N  NH1 . ARG B 1 33 ? -4.788  -14.001 0.526   1.00 52.95 ? 28  ARG B NH1 1 
ATOM   666 N  NH2 . ARG B 1 33 ? -2.667  -13.130 0.558   1.00 48.47 ? 28  ARG B NH2 1 
ATOM   667 N  N   . TYR B 1 34 ? -5.556  -10.089 3.702   1.00 11.25 ? 29  TYR B N   1 
ATOM   668 C  CA  . TYR B 1 34 ? -4.850  -10.650 4.848   1.00 12.29 ? 29  TYR B CA  1 
ATOM   669 C  C   . TYR B 1 34 ? -5.762  -10.757 6.061   1.00 14.30 ? 29  TYR B C   1 
ATOM   670 O  O   . TYR B 1 34 ? -5.797  -11.785 6.736   1.00 11.96 ? 29  TYR B O   1 
ATOM   671 C  CB  . TYR B 1 34 ? -3.649  -9.783  5.225   1.00 15.62 ? 29  TYR B CB  1 
ATOM   672 C  CG  . TYR B 1 34 ? -2.931  -10.275 6.463   1.00 13.60 ? 29  TYR B CG  1 
ATOM   673 C  CD1 . TYR B 1 34 ? -1.992  -11.302 6.384   1.00 15.66 ? 29  TYR B CD1 1 
ATOM   674 C  CD2 . TYR B 1 34 ? -3.215  -9.738  7.720   1.00 16.24 ? 29  TYR B CD2 1 
ATOM   675 C  CE1 . TYR B 1 34 ? -1.351  -11.782 7.524   1.00 14.33 ? 29  TYR B CE1 1 
ATOM   676 C  CE2 . TYR B 1 34 ? -2.582  -10.213 8.866   1.00 18.63 ? 29  TYR B CE2 1 
ATOM   677 C  CZ  . TYR B 1 34 ? -1.651  -11.235 8.760   1.00 14.09 ? 29  TYR B CZ  1 
ATOM   678 O  OH  . TYR B 1 34 ? -1.023  -11.713 9.886   1.00 16.06 ? 29  TYR B OH  1 
ATOM   679 N  N   . LEU B 1 35 ? -6.483  -9.679  6.348   1.00 9.04  ? 30  LEU B N   1 
ATOM   680 C  CA  . LEU B 1 35 ? -7.380  -9.663  7.492   1.00 9.44  ? 30  LEU B CA  1 
ATOM   681 C  C   . LEU B 1 35 ? -8.455  -10.731 7.362   1.00 14.31 ? 30  LEU B C   1 
ATOM   682 O  O   . LEU B 1 35 ? -8.767  -11.429 8.324   1.00 14.47 ? 30  LEU B O   1 
ATOM   683 C  CB  . LEU B 1 35 ? -8.019  -8.279  7.650   1.00 8.89  ? 30  LEU B CB  1 
ATOM   684 C  CG  . LEU B 1 35 ? -7.044  -7.169  8.063   1.00 9.12  ? 30  LEU B CG  1 
ATOM   685 C  CD1 . LEU B 1 35 ? -7.776  -5.843  8.166   1.00 12.60 ? 30  LEU B CD1 1 
ATOM   686 C  CD2 . LEU B 1 35 ? -6.399  -7.524  9.392   1.00 14.72 ? 30  LEU B CD2 1 
ATOM   687 N  N   . SER B 1 36 ? -9.011  -10.864 6.164   1.00 12.52 ? 31  SER B N   1 
ATOM   688 C  CA  . SER B 1 36 ? -10.051 -11.853 5.919   1.00 14.23 ? 31  SER B CA  1 
ATOM   689 C  C   . SER B 1 36 ? -9.531  -13.288 6.017   1.00 18.99 ? 31  SER B C   1 
ATOM   690 O  O   . SER B 1 36 ? -10.018 -14.079 6.826   1.00 21.40 ? 31  SER B O   1 
ATOM   691 C  CB  . SER B 1 36 ? -10.669 -11.629 4.534   1.00 20.35 ? 31  SER B CB  1 
ATOM   692 O  OG  . SER B 1 36 ? -11.577 -12.667 4.206   1.00 22.94 ? 31  SER B OG  1 
ATOM   693 N  N   . ILE B 1 37 ? -8.528  -13.608 5.204   1.00 15.94 ? 32  ILE B N   1 
ATOM   694 C  CA  . ILE B 1 37 ? -7.954  -14.949 5.151   1.00 22.04 ? 32  ILE B CA  1 
ATOM   695 C  C   . ILE B 1 37 ? -7.085  -15.372 6.334   1.00 23.98 ? 32  ILE B C   1 
ATOM   696 O  O   . ILE B 1 37 ? -7.332  -16.409 6.947   1.00 20.66 ? 32  ILE B O   1 
ATOM   697 C  CB  . ILE B 1 37 ? -7.119  -15.134 3.861   1.00 19.17 ? 32  ILE B CB  1 
ATOM   698 C  CG1 . ILE B 1 37 ? -7.953  -14.739 2.640   1.00 21.08 ? 32  ILE B CG1 1 
ATOM   699 C  CG2 . ILE B 1 37 ? -6.656  -16.580 3.739   1.00 28.45 ? 32  ILE B CG2 1 
ATOM   700 C  CD1 . ILE B 1 37 ? -9.241  -15.518 2.494   1.00 23.49 ? 32  ILE B CD1 1 
ATOM   701 N  N   . ILE B 1 38 ? -6.065  -14.582 6.653   1.00 18.55 ? 33  ILE B N   1 
ATOM   702 C  CA  . ILE B 1 38 ? -5.164  -14.929 7.746   1.00 21.44 ? 33  ILE B CA  1 
ATOM   703 C  C   . ILE B 1 38 ? -5.721  -14.667 9.141   1.00 21.77 ? 33  ILE B C   1 
ATOM   704 O  O   . ILE B 1 38 ? -5.698  -15.552 9.995   1.00 25.58 ? 33  ILE B O   1 
ATOM   705 C  CB  . ILE B 1 38 ? -3.809  -14.191 7.609   1.00 18.61 ? 33  ILE B CB  1 
ATOM   706 C  CG1 . ILE B 1 38 ? -3.164  -14.538 6.264   1.00 25.81 ? 33  ILE B CG1 1 
ATOM   707 C  CG2 . ILE B 1 38 ? -2.878  -14.575 8.765   1.00 15.75 ? 33  ILE B CG2 1 
ATOM   708 C  CD1 . ILE B 1 38 ? -2.912  -16.016 6.058   1.00 36.37 ? 33  ILE B CD1 1 
ATOM   709 N  N   . GLU B 1 39 ? -6.220  -13.457 9.373   1.00 13.53 ? 34  GLU B N   1 
ATOM   710 C  CA  . GLU B 1 39 ? -6.762  -13.110 10.684  1.00 18.33 ? 34  GLU B CA  1 
ATOM   711 C  C   . GLU B 1 39 ? -8.181  -13.621 10.913  1.00 23.33 ? 34  GLU B C   1 
ATOM   712 O  O   . GLU B 1 39 ? -8.643  -13.689 12.052  1.00 18.73 ? 34  GLU B O   1 
ATOM   713 C  CB  . GLU B 1 39 ? -6.717  -11.596 10.889  1.00 18.47 ? 34  GLU B CB  1 
ATOM   714 C  CG  . GLU B 1 39 ? -5.307  -11.014 10.956  1.00 21.08 ? 34  GLU B CG  1 
ATOM   715 C  CD  . GLU B 1 39 ? -4.457  -11.653 12.043  1.00 30.77 ? 34  GLU B CD  1 
ATOM   716 O  OE1 . GLU B 1 39 ? -4.981  -11.870 13.154  1.00 25.37 ? 34  GLU B OE1 1 
ATOM   717 O  OE2 . GLU B 1 39 ? -3.264  -11.929 11.792  1.00 27.75 ? 34  GLU B OE2 1 
ATOM   718 N  N   . GLY B 1 40 ? -8.869  -13.972 9.831   1.00 21.46 ? 35  GLY B N   1 
ATOM   719 C  CA  . GLY B 1 40 ? -10.225 -14.482 9.943   1.00 23.07 ? 35  GLY B CA  1 
ATOM   720 C  C   . GLY B 1 40 ? -11.288 -13.452 10.285  1.00 24.89 ? 35  GLY B C   1 
ATOM   721 O  O   . GLY B 1 40 ? -12.291 -13.779 10.918  1.00 23.34 ? 35  GLY B O   1 
ATOM   722 N  N   . LEU B 1 41 ? -11.082 -12.208 9.864   1.00 20.07 ? 36  LEU B N   1 
ATOM   723 C  CA  . LEU B 1 41 ? -12.038 -11.137 10.134  1.00 17.94 ? 36  LEU B CA  1 
ATOM   724 C  C   . LEU B 1 41 ? -12.970 -10.937 8.938   1.00 22.71 ? 36  LEU B C   1 
ATOM   725 O  O   . LEU B 1 41 ? -12.531 -10.517 7.869   1.00 16.70 ? 36  LEU B O   1 
ATOM   726 C  CB  . LEU B 1 41 ? -11.293 -9.831  10.426  1.00 17.82 ? 36  LEU B CB  1 
ATOM   727 C  CG  . LEU B 1 41 ? -10.248 -9.865  11.546  1.00 20.78 ? 36  LEU B CG  1 
ATOM   728 C  CD1 . LEU B 1 41 ? -9.569  -8.508  11.644  1.00 21.37 ? 36  LEU B CD1 1 
ATOM   729 C  CD2 . LEU B 1 41 ? -10.910 -10.230 12.870  1.00 15.61 ? 36  LEU B CD2 1 
ATOM   730 N  N   . ASP B 1 42 ? -14.258 -11.226 9.117   1.00 18.45 ? 37  ASP B N   1 
ATOM   731 C  CA  . ASP B 1 42 ? -15.212 -11.074 8.023   1.00 21.78 ? 37  ASP B CA  1 
ATOM   732 C  C   . ASP B 1 42 ? -15.370 -9.620  7.589   1.00 21.11 ? 37  ASP B C   1 
ATOM   733 O  O   . ASP B 1 42 ? -14.876 -8.704  8.246   1.00 16.57 ? 37  ASP B O   1 
ATOM   734 C  CB  . ASP B 1 42 ? -16.574 -11.664 8.402   1.00 29.53 ? 37  ASP B CB  1 
ATOM   735 C  CG  . ASP B 1 42 ? -17.140 -11.066 9.670   1.00 38.69 ? 37  ASP B CG  1 
ATOM   736 O  OD1 . ASP B 1 42 ? -17.203 -9.824  9.768   1.00 30.96 ? 37  ASP B OD1 1 
ATOM   737 O  OD2 . ASP B 1 42 ? -17.532 -11.843 10.567  1.00 47.83 ? 37  ASP B OD2 1 
ATOM   738 N  N   . ALA B 1 43 ? -16.069 -9.421  6.475   1.00 18.43 ? 38  ALA B N   1 
ATOM   739 C  CA  . ALA B 1 43 ? -16.279 -8.094  5.902   1.00 23.70 ? 38  ALA B CA  1 
ATOM   740 C  C   . ALA B 1 43 ? -16.920 -7.064  6.832   1.00 26.62 ? 38  ALA B C   1 
ATOM   741 O  O   . ALA B 1 43 ? -16.765 -5.858  6.625   1.00 24.26 ? 38  ALA B O   1 
ATOM   742 C  CB  . ALA B 1 43 ? -17.099 -8.213  4.622   1.00 26.57 ? 38  ALA B CB  1 
ATOM   743 N  N   . SER B 1 44 ? -17.635 -7.526  7.850   1.00 16.48 ? 39  SER B N   1 
ATOM   744 C  CA  . SER B 1 44 ? -18.288 -6.606  8.772   1.00 26.30 ? 39  SER B CA  1 
ATOM   745 C  C   . SER B 1 44 ? -17.582 -6.475  10.120  1.00 27.78 ? 39  SER B C   1 
ATOM   746 O  O   . SER B 1 44 ? -18.150 -5.934  11.070  1.00 27.25 ? 39  SER B O   1 
ATOM   747 C  CB  . SER B 1 44 ? -19.744 -7.027  8.990   1.00 25.18 ? 39  SER B CB  1 
ATOM   748 O  OG  . SER B 1 44 ? -19.824 -8.333  9.530   1.00 39.40 ? 39  SER B OG  1 
ATOM   749 N  N   . ASP B 1 45 ? -16.348 -6.963  10.210  1.00 17.24 ? 40  ASP B N   1 
ATOM   750 C  CA  . ASP B 1 45 ? -15.599 -6.864  11.460  1.00 18.87 ? 40  ASP B CA  1 
ATOM   751 C  C   . ASP B 1 45 ? -15.216 -5.405  11.696  1.00 20.23 ? 40  ASP B C   1 
ATOM   752 O  O   . ASP B 1 45 ? -14.700 -4.743  10.799  1.00 15.68 ? 40  ASP B O   1 
ATOM   753 C  CB  . ASP B 1 45 ? -14.333 -7.716  11.404  1.00 20.84 ? 40  ASP B CB  1 
ATOM   754 C  CG  . ASP B 1 45 ? -13.538 -7.653  12.694  1.00 30.85 ? 40  ASP B CG  1 
ATOM   755 O  OD1 . ASP B 1 45 ? -14.006 -8.212  13.708  1.00 31.42 ? 40  ASP B OD1 1 
ATOM   756 O  OD2 . ASP B 1 45 ? -12.454 -7.033  12.697  1.00 27.90 ? 40  ASP B OD2 1 
ATOM   757 N  N   . PRO B 1 46 ? -15.462 -4.889  12.913  1.00 23.31 ? 41  PRO B N   1 
ATOM   758 C  CA  . PRO B 1 46 ? -15.146 -3.503  13.269  1.00 17.63 ? 41  PRO B CA  1 
ATOM   759 C  C   . PRO B 1 46 ? -13.747 -3.028  12.874  1.00 10.37 ? 41  PRO B C   1 
ATOM   760 O  O   . PRO B 1 46 ? -13.604 -2.027  12.174  1.00 13.36 ? 41  PRO B O   1 
ATOM   761 C  CB  . PRO B 1 46 ? -15.366 -3.484  14.778  1.00 23.82 ? 41  PRO B CB  1 
ATOM   762 C  CG  . PRO B 1 46 ? -16.521 -4.428  14.936  1.00 26.80 ? 41  PRO B CG  1 
ATOM   763 C  CD  . PRO B 1 46 ? -16.098 -5.583  14.047  1.00 25.80 ? 41  PRO B CD  1 
ATOM   764 N  N   . LEU B 1 47 ? -12.719 -3.738  13.324  1.00 14.49 ? 42  LEU B N   1 
ATOM   765 C  CA  . LEU B 1 47 ? -11.351 -3.348  13.004  1.00 16.01 ? 42  LEU B CA  1 
ATOM   766 C  C   . LEU B 1 47 ? -11.086 -3.345  11.504  1.00 13.96 ? 42  LEU B C   1 
ATOM   767 O  O   . LEU B 1 47 ? -10.577 -2.364  10.963  1.00 11.98 ? 42  LEU B O   1 
ATOM   768 C  CB  . LEU B 1 47 ? -10.349 -4.271  13.705  1.00 19.09 ? 42  LEU B CB  1 
ATOM   769 C  CG  . LEU B 1 47 ? -8.874  -3.954  13.441  1.00 22.85 ? 42  LEU B CG  1 
ATOM   770 C  CD1 . LEU B 1 47 ? -8.586  -2.486  13.722  1.00 21.21 ? 42  LEU B CD1 1 
ATOM   771 C  CD2 . LEU B 1 47 ? -8.009  -4.843  14.314  1.00 31.62 ? 42  LEU B CD2 1 
ATOM   772 N  N   . ARG B 1 48 ? -11.436 -4.440  10.832  1.00 14.68 ? 43  ARG B N   1 
ATOM   773 C  CA  . ARG B 1 48 ? -11.226 -4.534  9.389   1.00 14.76 ? 43  ARG B CA  1 
ATOM   774 C  C   . ARG B 1 48 ? -11.955 -3.422  8.652   1.00 14.41 ? 43  ARG B C   1 
ATOM   775 O  O   . ARG B 1 48 ? -11.416 -2.823  7.723   1.00 8.68  ? 43  ARG B O   1 
ATOM   776 C  CB  . ARG B 1 48 ? -11.695 -5.891  8.859   1.00 13.63 ? 43  ARG B CB  1 
ATOM   777 C  CG  . ARG B 1 48 ? -11.753 -5.956  7.340   1.00 13.49 ? 43  ARG B CG  1 
ATOM   778 C  CD  . ARG B 1 48 ? -12.086 -7.347  6.839   1.00 15.95 ? 43  ARG B CD  1 
ATOM   779 N  NE  . ARG B 1 48 ? -12.280 -7.347  5.393   1.00 17.12 ? 43  ARG B NE  1 
ATOM   780 C  CZ  . ARG B 1 48 ? -12.659 -8.406  4.686   1.00 26.08 ? 43  ARG B CZ  1 
ATOM   781 N  NH1 . ARG B 1 48 ? -12.887 -9.565  5.289   1.00 20.59 ? 43  ARG B NH1 1 
ATOM   782 N  NH2 . ARG B 1 48 ? -12.823 -8.302  3.374   1.00 30.28 ? 43  ARG B NH2 1 
ATOM   783 N  N   . VAL B 1 49 ? -13.187 -3.148  9.063   1.00 12.66 ? 44  VAL B N   1 
ATOM   784 C  CA  . VAL B 1 49 ? -13.972 -2.098  8.429   1.00 8.05  ? 44  VAL B CA  1 
ATOM   785 C  C   . VAL B 1 49 ? -13.326 -0.730  8.600   1.00 13.68 ? 44  VAL B C   1 
ATOM   786 O  O   . VAL B 1 49 ? -13.228 0.038   7.647   1.00 12.11 ? 44  VAL B O   1 
ATOM   787 C  CB  . VAL B 1 49 ? -15.407 -2.043  8.998   1.00 9.87  ? 44  VAL B CB  1 
ATOM   788 C  CG1 . VAL B 1 49 ? -16.112 -0.780  8.520   1.00 17.90 ? 44  VAL B CG1 1 
ATOM   789 C  CG2 . VAL B 1 49 ? -16.185 -3.269  8.552   1.00 13.93 ? 44  VAL B CG2 1 
ATOM   790 N  N   . ARG B 1 50 ? -12.880 -0.423  9.812   1.00 8.73  ? 45  ARG B N   1 
ATOM   791 C  CA  . ARG B 1 50 ? -12.259 0.868   10.064  1.00 8.12  ? 45  ARG B CA  1 
ATOM   792 C  C   . ARG B 1 50 ? -10.940 1.037   9.312   1.00 9.19  ? 45  ARG B C   1 
ATOM   793 O  O   . ARG B 1 50 ? -10.710 2.071   8.688   1.00 8.50  ? 45  ARG B O   1 
ATOM   794 C  CB  . ARG B 1 50 ? -12.033 1.070   11.567  1.00 9.80  ? 45  ARG B CB  1 
ATOM   795 C  CG  . ARG B 1 50 ? -13.319 1.129   12.385  1.00 17.92 ? 45  ARG B CG  1 
ATOM   796 C  CD  . ARG B 1 50 ? -13.056 1.689   13.778  1.00 16.01 ? 45  ARG B CD  1 
ATOM   797 N  NE  . ARG B 1 50 ? -12.167 0.845   14.572  1.00 12.55 ? 45  ARG B NE  1 
ATOM   798 C  CZ  . ARG B 1 50 ? -12.568 -0.176  15.322  1.00 13.31 ? 45  ARG B CZ  1 
ATOM   799 N  NH1 . ARG B 1 50 ? -13.856 -0.491  15.387  1.00 11.11 ? 45  ARG B NH1 1 
ATOM   800 N  NH2 . ARG B 1 50 ? -11.683 -0.879  16.014  1.00 13.86 ? 45  ARG B NH2 1 
ATOM   801 N  N   . LEU B 1 51 ? -10.081 0.024   9.356   1.00 9.81  ? 46  LEU B N   1 
ATOM   802 C  CA  . LEU B 1 51 ? -8.792  0.114   8.677   1.00 10.03 ? 46  LEU B CA  1 
ATOM   803 C  C   . LEU B 1 51 ? -8.921  0.180   7.162   1.00 12.51 ? 46  LEU B C   1 
ATOM   804 O  O   . LEU B 1 51 ? -8.314  1.035   6.524   1.00 9.35  ? 46  LEU B O   1 
ATOM   805 C  CB  . LEU B 1 51 ? -7.890  -1.067  9.058   1.00 9.23  ? 46  LEU B CB  1 
ATOM   806 C  CG  . LEU B 1 51 ? -6.519  -1.093  8.369   1.00 10.33 ? 46  LEU B CG  1 
ATOM   807 C  CD1 . LEU B 1 51 ? -5.785  0.219   8.623   1.00 12.55 ? 46  LEU B CD1 1 
ATOM   808 C  CD2 . LEU B 1 51 ? -5.705  -2.266  8.885   1.00 10.42 ? 46  LEU B CD2 1 
ATOM   809 N  N   . VAL B 1 52 ? -9.701  -0.722  6.579   1.00 8.70  ? 47  VAL B N   1 
ATOM   810 C  CA  . VAL B 1 52 ? -9.866  -0.725  5.134   1.00 12.91 ? 47  VAL B CA  1 
ATOM   811 C  C   . VAL B 1 52 ? -10.523 0.571   4.661   1.00 11.75 ? 47  VAL B C   1 
ATOM   812 O  O   . VAL B 1 52 ? -10.086 1.165   3.675   1.00 13.62 ? 47  VAL B O   1 
ATOM   813 C  CB  . VAL B 1 52 ? -10.691 -1.948  4.667   1.00 13.69 ? 47  VAL B CB  1 
ATOM   814 C  CG1 . VAL B 1 52 ? -10.895 -1.901  3.158   1.00 14.78 ? 47  VAL B CG1 1 
ATOM   815 C  CG2 . VAL B 1 52 ? -9.968  -3.233  5.050   1.00 12.41 ? 47  VAL B CG2 1 
ATOM   816 N  N   . SER B 1 53 ? -11.554 1.021   5.370   1.00 11.41 ? 48  SER B N   1 
ATOM   817 C  CA  . SER B 1 53 ? -12.239 2.254   4.996   1.00 13.99 ? 48  SER B CA  1 
ATOM   818 C  C   . SER B 1 53 ? -11.317 3.468   5.140   1.00 13.08 ? 48  SER B C   1 
ATOM   819 O  O   . SER B 1 53 ? -11.378 4.394   4.332   1.00 16.15 ? 48  SER B O   1 
ATOM   820 C  CB  . SER B 1 53 ? -13.503 2.449   5.843   1.00 18.29 ? 48  SER B CB  1 
ATOM   821 O  OG  . SER B 1 53 ? -13.183 2.604   7.213   1.00 41.08 ? 48  SER B OG  1 
ATOM   822 N  N   . HIS B 1 54 ? -10.464 3.462   6.162   1.00 9.32  ? 49  HIS B N   1 
ATOM   823 C  CA  . HIS B 1 54 ? -9.525  4.566   6.380   1.00 7.10  ? 49  HIS B CA  1 
ATOM   824 C  C   . HIS B 1 54 ? -8.540  4.665   5.220   1.00 9.73  ? 49  HIS B C   1 
ATOM   825 O  O   . HIS B 1 54 ? -8.283  5.750   4.695   1.00 13.31 ? 49  HIS B O   1 
ATOM   826 C  CB  . HIS B 1 54 ? -8.730  4.354   7.674   1.00 6.81  ? 49  HIS B CB  1 
ATOM   827 C  CG  . HIS B 1 54 ? -7.592  5.314   7.848   1.00 14.69 ? 49  HIS B CG  1 
ATOM   828 N  ND1 . HIS B 1 54 ? -7.767  6.610   8.284   1.00 11.16 ? 49  HIS B ND1 1 
ATOM   829 C  CD2 . HIS B 1 54 ? -6.266  5.178   7.608   1.00 10.02 ? 49  HIS B CD2 1 
ATOM   830 C  CE1 . HIS B 1 54 ? -6.601  7.229   8.305   1.00 14.93 ? 49  HIS B CE1 1 
ATOM   831 N  NE2 . HIS B 1 54 ? -5.673  6.382   7.898   1.00 16.58 ? 49  HIS B NE2 1 
ATOM   832 N  N   . LEU B 1 55 ? -7.981  3.523   4.835   1.00 7.79  ? 50  LEU B N   1 
ATOM   833 C  CA  . LEU B 1 55 ? -7.012  3.476   3.748   1.00 8.85  ? 50  LEU B CA  1 
ATOM   834 C  C   . LEU B 1 55 ? -7.648  3.837   2.416   1.00 10.71 ? 50  LEU B C   1 
ATOM   835 O  O   . LEU B 1 55 ? -7.042  4.530   1.595   1.00 11.33 ? 50  LEU B O   1 
ATOM   836 C  CB  . LEU B 1 55 ? -6.386  2.082   3.662   1.00 7.43  ? 50  LEU B CB  1 
ATOM   837 C  CG  . LEU B 1 55 ? -5.496  1.679   4.840   1.00 8.66  ? 50  LEU B CG  1 
ATOM   838 C  CD1 . LEU B 1 55 ? -5.058  0.233   4.680   1.00 11.91 ? 50  LEU B CD1 1 
ATOM   839 C  CD2 . LEU B 1 55 ? -4.290  2.610   4.909   1.00 7.32  ? 50  LEU B CD2 1 
ATOM   840 N  N   . ASN B 1 56 ? -8.872  3.369   2.205   1.00 12.30 ? 51  ASN B N   1 
ATOM   841 C  CA  . ASN B 1 56 ? -9.568  3.651   0.960   1.00 17.88 ? 51  ASN B CA  1 
ATOM   842 C  C   . ASN B 1 56 ? -9.836  5.146   0.842   1.00 19.77 ? 51  ASN B C   1 
ATOM   843 O  O   . ASN B 1 56 ? -9.751  5.715   -0.242  1.00 20.83 ? 51  ASN B O   1 
ATOM   844 C  CB  . ASN B 1 56 ? -10.879 2.867   0.893   1.00 24.39 ? 51  ASN B CB  1 
ATOM   845 C  CG  . ASN B 1 56 ? -11.477 2.860   -0.496  1.00 37.81 ? 51  ASN B CG  1 
ATOM   846 O  OD1 . ASN B 1 56 ? -10.800 2.528   -1.468  1.00 30.49 ? 51  ASN B OD1 1 
ATOM   847 N  ND2 . ASN B 1 56 ? -12.750 3.221   -0.598  1.00 39.71 ? 51  ASN B ND2 1 
ATOM   848 N  N   . ASN B 1 57 ? -10.155 5.779   1.966   1.00 18.48 ? 52  ASN B N   1 
ATOM   849 C  CA  . ASN B 1 57 ? -10.419 7.213   1.983   1.00 22.52 ? 52  ASN B CA  1 
ATOM   850 C  C   . ASN B 1 57 ? -9.112  7.986   1.828   1.00 26.60 ? 52  ASN B C   1 
ATOM   851 O  O   . ASN B 1 57 ? -9.068  9.032   1.179   1.00 24.75 ? 52  ASN B O   1 
ATOM   852 C  CB  . ASN B 1 57 ? -11.111 7.605   3.289   1.00 23.80 ? 52  ASN B CB  1 
ATOM   853 C  CG  . ASN B 1 57 ? -11.235 9.107   3.457   1.00 34.43 ? 52  ASN B CG  1 
ATOM   854 O  OD1 . ASN B 1 57 ? -10.264 9.789   3.788   1.00 36.44 ? 52  ASN B OD1 1 
ATOM   855 N  ND2 . ASN B 1 57 ? -12.430 9.631   3.220   1.00 35.51 ? 52  ASN B ND2 1 
ATOM   856 N  N   . TYR B 1 58 ? -8.048  7.464   2.429   1.00 19.46 ? 53  TYR B N   1 
ATOM   857 C  CA  . TYR B 1 58 ? -6.734  8.088   2.351   1.00 21.99 ? 53  TYR B CA  1 
ATOM   858 C  C   . TYR B 1 58 ? -6.311  8.143   0.888   1.00 23.40 ? 53  TYR B C   1 
ATOM   859 O  O   . TYR B 1 58 ? -5.801  9.156   0.412   1.00 26.50 ? 53  TYR B O   1 
ATOM   860 C  CB  . TYR B 1 58 ? -5.716  7.264   3.142   1.00 17.54 ? 53  TYR B CB  1 
ATOM   861 C  CG  . TYR B 1 58 ? -4.351  7.904   3.266   1.00 22.92 ? 53  TYR B CG  1 
ATOM   862 C  CD1 . TYR B 1 58 ? -4.020  8.675   4.378   1.00 30.76 ? 53  TYR B CD1 1 
ATOM   863 C  CD2 . TYR B 1 58 ? -3.388  7.732   2.273   1.00 31.39 ? 53  TYR B CD2 1 
ATOM   864 C  CE1 . TYR B 1 58 ? -2.761  9.256   4.502   1.00 37.77 ? 53  TYR B CE1 1 
ATOM   865 C  CE2 . TYR B 1 58 ? -2.126  8.310   2.385   1.00 37.24 ? 53  TYR B CE2 1 
ATOM   866 C  CZ  . TYR B 1 58 ? -1.820  9.069   3.502   1.00 37.65 ? 53  TYR B CZ  1 
ATOM   867 O  OH  . TYR B 1 58 ? -0.571  9.636   3.621   1.00 49.56 ? 53  TYR B OH  1 
ATOM   868 N  N   . ALA B 1 59 ? -6.531  7.036   0.183   1.00 26.18 ? 54  ALA B N   1 
ATOM   869 C  CA  . ALA B 1 59 ? -6.172  6.922   -1.225  1.00 32.52 ? 54  ALA B CA  1 
ATOM   870 C  C   . ALA B 1 59 ? -6.935  7.916   -2.095  1.00 38.85 ? 54  ALA B C   1 
ATOM   871 O  O   . ALA B 1 59 ? -6.338  8.629   -2.903  1.00 40.32 ? 54  ALA B O   1 
ATOM   872 C  CB  . ALA B 1 59 ? -6.432  5.497   -1.711  1.00 22.38 ? 54  ALA B CB  1 
ATOM   873 N  N   . SER B 1 60 ? -8.253  7.958   -1.929  1.00 39.97 ? 55  SER B N   1 
ATOM   874 C  CA  . SER B 1 60 ? -9.092  8.863   -2.705  1.00 41.17 ? 55  SER B CA  1 
ATOM   875 C  C   . SER B 1 60 ? -8.740  10.313  -2.404  1.00 45.05 ? 55  SER B C   1 
ATOM   876 O  O   . SER B 1 60 ? -8.812  11.174  -3.282  1.00 47.25 ? 55  SER B O   1 
ATOM   877 C  CB  . SER B 1 60 ? -10.569 8.620   -2.387  1.00 42.10 ? 55  SER B CB  1 
ATOM   878 O  OG  . SER B 1 60 ? -10.859 8.940   -1.037  1.00 53.51 ? 55  SER B OG  1 
ATOM   879 N  N   . GLN B 1 61 ? -8.363  10.577  -1.157  1.00 43.81 ? 56  GLN B N   1 
ATOM   880 C  CA  . GLN B 1 61 ? -8.001  11.922  -0.733  1.00 49.15 ? 56  GLN B CA  1 
ATOM   881 C  C   . GLN B 1 61 ? -6.838  12.430  -1.577  1.00 55.25 ? 56  GLN B C   1 
ATOM   882 O  O   . GLN B 1 61 ? -6.808  13.595  -1.978  1.00 58.69 ? 56  GLN B O   1 
ATOM   883 C  CB  . GLN B 1 61 ? -7.609  11.920  0.745   1.00 52.44 ? 56  GLN B CB  1 
ATOM   884 C  CG  . GLN B 1 61 ? -7.449  13.305  1.343   1.00 59.72 ? 56  GLN B CG  1 
ATOM   885 C  CD  . GLN B 1 61 ? -8.719  14.126  1.236   1.00 65.05 ? 56  GLN B CD  1 
ATOM   886 O  OE1 . GLN B 1 61 ? -9.776  13.720  1.722   1.00 70.87 ? 56  GLN B OE1 1 
ATOM   887 N  NE2 . GLN B 1 61 ? -8.622  15.286  0.599   1.00 66.47 ? 56  GLN B NE2 1 
ATOM   888 N  N   . ARG B 1 62 ? -5.881  11.548  -1.841  1.00 59.61 ? 57  ARG B N   1 
ATOM   889 C  CA  . ARG B 1 62 ? -4.722  11.899  -2.648  1.00 63.55 ? 57  ARG B CA  1 
ATOM   890 C  C   . ARG B 1 62 ? -5.154  12.193  -4.081  1.00 64.85 ? 57  ARG B C   1 
ATOM   891 O  O   . ARG B 1 62 ? -4.920  13.328  -4.546  1.00 68.21 ? 57  ARG B O   1 
ATOM   892 C  CB  . ARG B 1 62 ? -3.708  10.754  -2.646  1.00 65.13 ? 57  ARG B CB  1 
ATOM   893 C  CG  . ARG B 1 62 ? -2.605  10.920  -3.676  1.00 71.89 ? 57  ARG B CG  1 
ATOM   894 C  CD  . ARG B 1 62 ? -1.764  9.665   -3.798  1.00 77.27 ? 57  ARG B CD  1 
ATOM   895 N  NE  . ARG B 1 62 ? -1.024  9.640   -5.055  1.00 76.92 ? 57  ARG B NE  1 
ATOM   896 C  CZ  . ARG B 1 62 ? -0.285  8.616   -5.468  1.00 75.32 ? 57  ARG B CZ  1 
ATOM   897 N  NH1 . ARG B 1 62 ? -0.182  7.526   -4.721  1.00 71.42 ? 57  ARG B NH1 1 
ATOM   898 N  NH2 . ARG B 1 62 ? 0.342   8.680   -6.636  1.00 75.92 ? 57  ARG B NH2 1 
HETATM 899 O  O   . HOH C 2 .  ? 4.258   4.966   10.010  1.00 15.92 ? 60  HOH A O   1 
HETATM 900 O  O   . HOH C 2 .  ? 2.081   7.298   4.324   1.00 14.62 ? 61  HOH A O   1 
HETATM 901 O  O   . HOH C 2 .  ? -1.362  -1.786  22.561  1.00 24.82 ? 62  HOH A O   1 
HETATM 902 O  O   . HOH C 2 .  ? -5.009  11.609  11.139  1.00 22.44 ? 63  HOH A O   1 
HETATM 903 O  O   . HOH C 2 .  ? 8.028   -0.951  -7.883  1.00 18.62 ? 64  HOH A O   1 
HETATM 904 O  O   . HOH C 2 .  ? 6.086   -3.569  -3.815  1.00 28.94 ? 65  HOH A O   1 
HETATM 905 O  O   . HOH C 2 .  ? 3.906   -11.865 3.284   1.00 28.31 ? 66  HOH A O   1 
HETATM 906 O  O   . HOH C 2 .  ? 3.471   -11.642 9.241   1.00 19.19 ? 67  HOH A O   1 
HETATM 907 O  O   . HOH C 2 .  ? 15.638  2.923   -15.360 1.00 21.20 ? 68  HOH A O   1 
HETATM 908 O  O   . HOH C 2 .  ? 1.495   7.798   6.739   1.00 27.21 ? 69  HOH A O   1 
HETATM 909 O  O   . HOH C 2 .  ? 4.136   4.765   16.984  1.00 28.72 ? 70  HOH A O   1 
HETATM 910 O  O   . HOH C 2 .  ? 4.240   7.047   -2.349  1.00 32.37 ? 71  HOH A O   1 
HETATM 911 O  O   . HOH C 2 .  ? 8.891   -2.801  2.716   1.00 24.86 ? 72  HOH A O   1 
HETATM 912 O  O   . HOH C 2 .  ? 11.375  2.176   -5.451  1.00 23.42 ? 73  HOH A O   1 
HETATM 913 O  O   . HOH C 2 .  ? 4.751   -12.824 5.702   1.00 39.25 ? 74  HOH A O   1 
HETATM 914 O  O   . HOH C 2 .  ? -6.348  -0.024  21.712  1.00 25.64 ? 75  HOH A O   1 
HETATM 915 O  O   . HOH C 2 .  ? 4.085   -9.531  18.825  1.00 28.67 ? 76  HOH A O   1 
HETATM 916 O  O   . HOH C 2 .  ? 1.109   -5.016  23.139  1.00 25.57 ? 77  HOH A O   1 
HETATM 917 O  O   . HOH C 2 .  ? 7.549   -7.083  20.948  1.00 28.96 ? 78  HOH A O   1 
HETATM 918 O  O   . HOH C 2 .  ? 2.008   -7.717  23.396  1.00 39.57 ? 79  HOH A O   1 
HETATM 919 O  O   . HOH C 2 .  ? 2.019   -13.452 6.668   1.00 29.99 ? 80  HOH A O   1 
HETATM 920 O  O   . HOH C 2 .  ? 11.071  -1.247  -18.387 1.00 42.08 ? 81  HOH A O   1 
HETATM 921 O  O   . HOH C 2 .  ? 11.632  1.922   -21.999 1.00 36.51 ? 82  HOH A O   1 
HETATM 922 O  O   . HOH C 2 .  ? 4.662   -10.713 -2.794  1.00 38.31 ? 83  HOH A O   1 
HETATM 923 O  O   . HOH C 2 .  ? 11.330  -1.199  2.579   1.00 38.70 ? 84  HOH A O   1 
HETATM 924 O  O   . HOH C 2 .  ? -0.634  2.062   22.649  1.00 36.40 ? 85  HOH A O   1 
HETATM 925 O  O   . HOH C 2 .  ? 0.383   3.173   20.333  1.00 31.84 ? 86  HOH A O   1 
HETATM 926 O  O   . HOH C 2 .  ? 12.470  -7.668  -5.573  1.00 35.28 ? 87  HOH A O   1 
HETATM 927 O  O   . HOH C 2 .  ? 11.729  5.740   -21.172 1.00 28.21 ? 88  HOH A O   1 
HETATM 928 O  O   . HOH C 2 .  ? 10.185  -5.466  2.094   1.00 30.72 ? 89  HOH A O   1 
HETATM 929 O  O   . HOH C 2 .  ? -0.358  -6.744  -5.414  1.00 47.05 ? 90  HOH A O   1 
HETATM 930 O  O   . HOH C 2 .  ? -8.177  -1.840  18.139  1.00 33.26 ? 91  HOH A O   1 
HETATM 931 O  O   . HOH C 2 .  ? 11.338  -8.810  4.314   1.00 40.44 ? 92  HOH A O   1 
HETATM 932 O  O   . HOH C 2 .  ? 5.600   -1.763  23.335  1.00 43.28 ? 93  HOH A O   1 
HETATM 933 O  O   . HOH C 2 .  ? 9.132   -8.655  7.536   1.00 47.51 ? 94  HOH A O   1 
HETATM 934 O  O   . HOH C 2 .  ? -2.704  -12.819 18.670  1.00 42.55 ? 95  HOH A O   1 
HETATM 935 O  O   . HOH C 2 .  ? 18.448  3.223   -18.688 1.00 27.42 ? 96  HOH A O   1 
HETATM 936 O  O   . HOH C 2 .  ? -0.616  10.524  7.021   1.00 43.98 ? 97  HOH A O   1 
HETATM 937 O  O   . HOH C 2 .  ? 3.287   -3.268  25.439  1.00 43.07 ? 98  HOH A O   1 
HETATM 938 O  O   . HOH C 2 .  ? 12.154  -2.494  4.807   1.00 44.18 ? 99  HOH A O   1 
HETATM 939 O  O   . HOH C 2 .  ? -7.392  -4.525  17.962  1.00 44.70 ? 100 HOH A O   1 
HETATM 940 O  O   . HOH C 2 .  ? 5.109   1.341   21.506  1.00 30.21 ? 101 HOH A O   1 
HETATM 941 O  O   . HOH C 2 .  ? 8.024   -3.619  -10.438 1.00 50.21 ? 102 HOH A O   1 
HETATM 942 O  O   . HOH C 2 .  ? 5.205   3.983   12.389  1.00 16.53 ? 103 HOH A O   1 
HETATM 943 O  O   . HOH C 2 .  ? 3.660   2.617   19.673  1.00 23.88 ? 104 HOH A O   1 
HETATM 944 O  O   . HOH C 2 .  ? 5.820   2.756   17.072  1.00 36.29 ? 105 HOH A O   1 
HETATM 945 O  O   . HOH C 2 .  ? 10.156  -3.556  0.139   1.00 36.33 ? 106 HOH A O   1 
HETATM 946 O  O   . HOH C 2 .  ? -3.779  2.023   23.760  1.00 26.20 ? 107 HOH A O   1 
HETATM 947 O  O   . HOH D 2 .  ? 9.312   9.562   -26.262 1.00 1.22  ? 60  HOH B O   1 
HETATM 948 O  O   . HOH D 2 .  ? -10.055 7.618   9.262   1.00 14.47 ? 61  HOH B O   1 
HETATM 949 O  O   . HOH D 2 .  ? 7.981   9.431   -29.042 1.00 12.59 ? 62  HOH B O   1 
HETATM 950 O  O   . HOH D 2 .  ? 4.091   16.113  -29.643 1.00 12.33 ? 63  HOH B O   1 
HETATM 951 O  O   . HOH D 2 .  ? 6.114   16.914  -31.219 1.00 12.73 ? 64  HOH B O   1 
HETATM 952 O  O   . HOH D 2 .  ? 2.842   8.223   -22.416 1.00 14.82 ? 65  HOH B O   1 
HETATM 953 O  O   . HOH D 2 .  ? -16.303 0.647   14.148  1.00 17.40 ? 66  HOH B O   1 
HETATM 954 O  O   . HOH D 2 .  ? -8.263  -7.520  -1.638  1.00 21.54 ? 67  HOH B O   1 
HETATM 955 O  O   . HOH D 2 .  ? -2.635  -6.593  -3.743  1.00 21.28 ? 68  HOH B O   1 
HETATM 956 O  O   . HOH D 2 .  ? -3.130  3.434   -11.396 1.00 25.29 ? 69  HOH B O   1 
HETATM 957 O  O   . HOH D 2 .  ? -12.341 4.112   9.207   1.00 17.51 ? 70  HOH B O   1 
HETATM 958 O  O   . HOH D 2 .  ? 3.738   0.071   -17.451 1.00 16.28 ? 71  HOH B O   1 
HETATM 959 O  O   . HOH D 2 .  ? 2.237   7.564   -19.721 1.00 18.33 ? 72  HOH B O   1 
HETATM 960 O  O   . HOH D 2 .  ? 1.216   -13.116 9.343   1.00 25.68 ? 73  HOH B O   1 
HETATM 961 O  O   . HOH D 2 .  ? -8.514  8.320   5.507   1.00 26.55 ? 74  HOH B O   1 
HETATM 962 O  O   . HOH D 2 .  ? 1.765   10.988  -7.433  1.00 43.96 ? 75  HOH B O   1 
HETATM 963 O  O   . HOH D 2 .  ? -18.464 -9.111  12.080  1.00 36.43 ? 76  HOH B O   1 
HETATM 964 O  O   . HOH D 2 .  ? -0.666  -14.592 2.527   1.00 37.63 ? 77  HOH B O   1 
HETATM 965 O  O   . HOH D 2 .  ? 9.981   10.486  -22.295 1.00 31.82 ? 78  HOH B O   1 
HETATM 966 O  O   . HOH D 2 .  ? -4.287  4.895   -4.584  1.00 31.92 ? 79  HOH B O   1 
HETATM 967 O  O   . HOH D 2 .  ? -19.793 -9.797  7.137   1.00 33.17 ? 80  HOH B O   1 
HETATM 968 O  O   . HOH D 2 .  ? 9.132   9.000   -13.861 1.00 34.89 ? 81  HOH B O   1 
HETATM 969 O  O   . HOH D 2 .  ? -13.024 12.180  2.577   1.00 44.05 ? 82  HOH B O   1 
HETATM 970 O  O   . HOH D 2 .  ? -17.971 -3.705  5.482   1.00 26.57 ? 83  HOH B O   1 
HETATM 971 O  O   . HOH D 2 .  ? -2.742  8.206   -10.311 1.00 31.01 ? 84  HOH B O   1 
HETATM 972 O  O   . HOH D 2 .  ? -4.614  2.869   -9.208  1.00 44.35 ? 85  HOH B O   1 
HETATM 973 O  O   . HOH D 2 .  ? -1.553  9.821   -14.136 1.00 34.44 ? 86  HOH B O   1 
HETATM 974 O  O   . HOH D 2 .  ? 7.067   13.352  -22.297 1.00 28.96 ? 87  HOH B O   1 
HETATM 975 O  O   . HOH D 2 .  ? -12.206 -7.161  0.527   1.00 21.27 ? 88  HOH B O   1 
HETATM 976 O  O   . HOH D 2 .  ? -3.101  7.033   -3.760  1.00 46.72 ? 89  HOH B O   1 
HETATM 977 O  O   . HOH D 2 .  ? 8.743   11.233  -19.776 1.00 31.43 ? 90  HOH B O   1 
HETATM 978 O  O   . HOH D 2 .  ? -14.925 -11.820 11.861  1.00 35.94 ? 91  HOH B O   1 
HETATM 979 O  O   . HOH D 2 .  ? 10.149  17.961  -30.159 1.00 39.49 ? 92  HOH B O   1 
HETATM 980 O  O   . HOH D 2 .  ? -5.856  -18.361 8.579   1.00 28.30 ? 93  HOH B O   1 
HETATM 981 O  O   . HOH D 2 .  ? -5.969  -20.468 10.476  1.00 38.90 ? 94  HOH B O   1 
HETATM 982 O  O   . HOH D 2 .  ? -3.462  16.025  -21.721 1.00 37.21 ? 95  HOH B O   1 
HETATM 983 O  O   . HOH D 2 .  ? -13.580 8.659   1.079   1.00 52.04 ? 96  HOH B O   1 
HETATM 984 O  O   . HOH D 2 .  ? -18.860 -3.980  3.003   1.00 41.10 ? 97  HOH B O   1 
HETATM 985 O  O   . HOH D 2 .  ? -10.550 -7.365  15.161  1.00 37.82 ? 98  HOH B O   1 
HETATM 986 O  O   . HOH D 2 .  ? 7.690   13.657  -19.806 1.00 44.11 ? 99  HOH B O   1 
HETATM 987 O  O   . HOH D 2 .  ? 10.531  11.869  -24.445 1.00 18.63 ? 100 HOH B O   1 
HETATM 988 O  O   . HOH D 2 .  ? 9.038   14.430  -23.798 1.00 22.14 ? 101 HOH B O   1 
HETATM 989 O  O   . HOH D 2 .  ? 11.120  11.186  -18.397 1.00 21.19 ? 102 HOH B O   1 
HETATM 990 O  O   . HOH D 2 .  ? 0.471   -15.338 4.720   1.00 26.19 ? 103 HOH B O   1 
HETATM 991 O  O   . HOH D 2 .  ? 10.952  10.039  -15.649 1.00 23.19 ? 104 HOH B O   1 
HETATM 992 O  O   . HOH D 2 .  ? 11.570  8.272   -22.583 1.00 29.96 ? 105 HOH B O   1 
HETATM 993 O  O   . HOH D 2 .  ? 4.531   13.690  -23.250 1.00 33.16 ? 106 HOH B O   1 
HETATM 994 O  O   . HOH D 2 .  ? -3.814  -8.561  -2.560  1.00 34.71 ? 107 HOH B O   1 
HETATM 995 O  O   . HOH D 2 .  ? -2.212  11.737  -23.074 1.00 24.40 ? 108 HOH B O   1 
# 
